data_1TUZ
#
_entry.id   1TUZ
#
_entity_poly.entity_id   1
_entity_poly.type   'polypeptide(L)'
_entity_poly.pdbx_seq_one_letter_code
;MAKERGLISPSDFAQLQKYMEYSTKKVSDVLKLFEDGEMAKYVQGDAIGYEGFQQFLKIYLEVDNVPRHLSLALFQSFET
GHCLNETNVTKDVVCLNDVSCYFSLLEGGRPEDKLEWS
;
_entity_poly.pdbx_strand_id   A
#
# COMPACT_ATOMS: atom_id res chain seq x y z
N MET A 1 16.42 0.90 -15.24
CA MET A 1 15.10 1.09 -14.67
C MET A 1 14.45 2.37 -15.19
N ALA A 2 14.08 2.34 -16.46
CA ALA A 2 13.46 3.49 -17.08
C ALA A 2 12.00 3.17 -17.39
N LYS A 3 11.19 3.13 -16.34
CA LYS A 3 9.77 2.83 -16.49
C LYS A 3 8.97 4.12 -16.35
N GLU A 4 7.96 4.06 -15.50
CA GLU A 4 7.10 5.22 -15.27
C GLU A 4 6.08 5.36 -16.41
N ARG A 5 4.92 5.90 -16.05
CA ARG A 5 3.87 6.09 -17.02
C ARG A 5 2.68 6.81 -16.38
N GLY A 6 3.00 7.72 -15.47
CA GLY A 6 1.98 8.48 -14.77
C GLY A 6 1.43 7.69 -13.58
N LEU A 7 1.88 8.08 -12.40
CA LEU A 7 1.44 7.43 -11.18
C LEU A 7 1.22 8.48 -10.09
N ILE A 8 0.97 7.99 -8.88
CA ILE A 8 0.74 8.88 -7.75
C ILE A 8 1.70 10.06 -7.83
N SER A 9 1.13 11.25 -7.91
CA SER A 9 1.93 12.46 -8.00
C SER A 9 2.98 12.46 -6.88
N PRO A 10 3.79 13.56 -6.87
CA PRO A 10 4.83 13.70 -5.87
C PRO A 10 4.23 14.08 -4.51
N SER A 11 2.92 14.23 -4.49
CA SER A 11 2.22 14.60 -3.26
C SER A 11 2.04 13.35 -2.39
N ASP A 12 1.57 12.29 -3.02
CA ASP A 12 1.34 11.04 -2.31
C ASP A 12 2.70 10.37 -2.02
N PHE A 13 3.56 10.41 -3.02
CA PHE A 13 4.89 9.83 -2.88
C PHE A 13 5.72 10.57 -1.83
N ALA A 14 5.48 11.87 -1.76
CA ALA A 14 6.20 12.69 -0.80
C ALA A 14 5.79 12.30 0.63
N GLN A 15 4.48 12.26 0.84
CA GLN A 15 3.95 11.91 2.14
C GLN A 15 4.52 10.56 2.59
N LEU A 16 4.32 9.56 1.76
CA LEU A 16 4.81 8.22 2.06
C LEU A 16 6.33 8.25 2.17
N GLN A 17 6.94 9.00 1.26
CA GLN A 17 8.39 9.13 1.24
C GLN A 17 8.88 9.73 2.55
N LYS A 18 8.43 10.95 2.81
CA LYS A 18 8.82 11.65 4.02
C LYS A 18 8.46 10.81 5.24
N TYR A 19 7.40 10.01 5.08
CA TYR A 19 6.93 9.16 6.15
C TYR A 19 7.93 8.03 6.42
N MET A 20 8.26 7.31 5.36
CA MET A 20 9.20 6.20 5.49
C MET A 20 10.64 6.72 5.68
N GLU A 21 10.85 7.94 5.23
CA GLU A 21 12.16 8.56 5.35
C GLU A 21 12.66 8.48 6.79
N TYR A 22 11.78 8.87 7.70
CA TYR A 22 12.11 8.84 9.12
C TYR A 22 12.00 7.43 9.69
N SER A 23 11.13 6.64 9.06
CA SER A 23 10.92 5.27 9.49
C SER A 23 12.03 4.37 8.95
N THR A 24 12.20 3.23 9.60
CA THR A 24 13.22 2.28 9.20
C THR A 24 12.64 0.87 9.14
N LYS A 25 11.32 0.80 9.24
CA LYS A 25 10.64 -0.48 9.20
C LYS A 25 10.71 -1.06 7.79
N LYS A 26 10.07 -2.20 7.61
CA LYS A 26 10.05 -2.87 6.32
C LYS A 26 8.63 -3.33 6.00
N VAL A 27 8.26 -3.22 4.74
CA VAL A 27 6.94 -3.63 4.29
C VAL A 27 6.78 -5.13 4.51
N SER A 28 7.88 -5.86 4.35
CA SER A 28 7.87 -7.29 4.54
C SER A 28 7.62 -7.63 6.01
N ASP A 29 7.93 -6.68 6.87
CA ASP A 29 7.75 -6.86 8.30
C ASP A 29 6.25 -6.77 8.62
N VAL A 30 5.61 -5.75 8.07
CA VAL A 30 4.19 -5.55 8.30
C VAL A 30 3.39 -6.62 7.54
N LEU A 31 3.98 -7.06 6.44
CA LEU A 31 3.33 -8.08 5.61
C LEU A 31 3.03 -9.31 6.47
N LYS A 32 4.07 -9.81 7.11
CA LYS A 32 3.94 -10.98 7.96
C LYS A 32 2.91 -10.68 9.06
N LEU A 33 2.90 -9.43 9.50
CA LEU A 33 1.97 -9.00 10.54
C LEU A 33 0.55 -9.31 10.09
N PHE A 34 0.26 -9.00 8.83
CA PHE A 34 -1.06 -9.25 8.28
C PHE A 34 -1.22 -10.71 7.87
N GLU A 35 -0.10 -11.41 7.82
CA GLU A 35 -0.11 -12.81 7.44
C GLU A 35 -0.39 -13.69 8.66
N ASP A 36 0.46 -13.53 9.67
CA ASP A 36 0.31 -14.30 10.89
C ASP A 36 0.02 -13.35 12.06
N GLY A 37 0.59 -12.17 11.96
CA GLY A 37 0.41 -11.16 12.99
C GLY A 37 -1.08 -10.96 13.30
N GLU A 38 -1.34 -9.98 14.16
CA GLU A 38 -2.71 -9.68 14.54
C GLU A 38 -3.46 -9.04 13.38
N MET A 39 -2.70 -8.35 12.53
CA MET A 39 -3.28 -7.69 11.38
C MET A 39 -3.91 -8.70 10.42
N ALA A 40 -3.62 -9.97 10.67
CA ALA A 40 -4.15 -11.04 9.84
C ALA A 40 -5.62 -11.30 10.23
N LYS A 41 -6.07 -10.56 11.23
CA LYS A 41 -7.44 -10.70 11.70
C LYS A 41 -8.38 -10.03 10.70
N TYR A 42 -7.81 -9.19 9.87
CA TYR A 42 -8.58 -8.47 8.87
C TYR A 42 -8.08 -8.78 7.46
N VAL A 43 -7.68 -10.02 7.26
CA VAL A 43 -7.17 -10.46 5.97
C VAL A 43 -8.02 -11.62 5.46
N GLN A 44 -8.36 -11.55 4.18
CA GLN A 44 -9.17 -12.59 3.56
C GLN A 44 -8.29 -13.48 2.68
N GLY A 45 -7.63 -14.43 3.32
CA GLY A 45 -6.76 -15.36 2.62
C GLY A 45 -5.44 -14.67 2.23
N ASP A 46 -5.35 -14.32 0.96
CA ASP A 46 -4.15 -13.67 0.44
C ASP A 46 -4.52 -12.28 -0.07
N ALA A 47 -5.68 -11.81 0.36
CA ALA A 47 -6.16 -10.50 -0.05
C ALA A 47 -6.78 -9.79 1.16
N ILE A 48 -6.58 -8.48 1.20
CA ILE A 48 -7.11 -7.68 2.28
C ILE A 48 -8.08 -6.64 1.71
N GLY A 49 -9.04 -6.25 2.55
CA GLY A 49 -10.02 -5.27 2.14
C GLY A 49 -9.46 -3.86 2.21
N TYR A 50 -10.32 -2.89 1.92
CA TYR A 50 -9.91 -1.50 1.95
C TYR A 50 -9.75 -1.00 3.39
N GLU A 51 -10.79 -1.20 4.17
CA GLU A 51 -10.78 -0.79 5.57
C GLU A 51 -9.58 -1.41 6.29
N GLY A 52 -9.48 -2.72 6.19
CA GLY A 52 -8.39 -3.44 6.82
C GLY A 52 -7.04 -2.88 6.40
N PHE A 53 -7.00 -2.37 5.18
CA PHE A 53 -5.77 -1.80 4.64
C PHE A 53 -5.36 -0.55 5.43
N GLN A 54 -6.36 0.11 5.99
CA GLN A 54 -6.12 1.31 6.77
C GLN A 54 -5.11 1.02 7.89
N GLN A 55 -5.33 -0.10 8.55
CA GLN A 55 -4.46 -0.51 9.65
C GLN A 55 -3.01 -0.62 9.17
N PHE A 56 -2.88 -1.01 7.90
CA PHE A 56 -1.56 -1.15 7.30
C PHE A 56 -0.76 0.16 7.39
N LEU A 57 -1.39 1.22 6.90
CA LEU A 57 -0.77 2.53 6.92
C LEU A 57 -0.51 2.96 8.36
N LYS A 58 -1.29 2.38 9.26
CA LYS A 58 -1.15 2.68 10.67
C LYS A 58 0.18 2.14 11.19
N ILE A 59 0.34 0.82 11.06
CA ILE A 59 1.56 0.16 11.50
C ILE A 59 2.70 0.54 10.56
N TYR A 60 2.42 0.46 9.27
CA TYR A 60 3.42 0.79 8.27
C TYR A 60 4.17 2.08 8.64
N LEU A 61 3.45 3.19 8.55
CA LEU A 61 4.02 4.49 8.87
C LEU A 61 3.96 4.71 10.39
N GLU A 62 3.55 3.66 11.09
CA GLU A 62 3.44 3.72 12.54
C GLU A 62 2.70 5.00 12.95
N VAL A 63 1.88 5.49 12.04
CA VAL A 63 1.11 6.68 12.29
C VAL A 63 -0.08 6.34 13.20
N ASP A 64 -0.65 7.38 13.80
CA ASP A 64 -1.78 7.20 14.69
C ASP A 64 -3.07 7.47 13.92
N ASN A 65 -2.91 7.93 12.69
CA ASN A 65 -4.04 8.24 11.84
C ASN A 65 -3.55 8.63 10.45
N VAL A 66 -3.93 7.82 9.47
CA VAL A 66 -3.53 8.07 8.10
C VAL A 66 -4.65 8.83 7.37
N PRO A 67 -4.24 9.68 6.40
CA PRO A 67 -5.19 10.46 5.64
C PRO A 67 -5.91 9.59 4.60
N ARG A 68 -7.21 9.77 4.53
CA ARG A 68 -8.03 9.01 3.60
C ARG A 68 -7.69 9.41 2.16
N HIS A 69 -7.19 10.62 2.02
CA HIS A 69 -6.82 11.13 0.71
C HIS A 69 -5.76 10.22 0.08
N LEU A 70 -4.73 9.96 0.86
CA LEU A 70 -3.65 9.11 0.40
C LEU A 70 -4.15 7.67 0.27
N SER A 71 -4.93 7.26 1.26
CA SER A 71 -5.48 5.92 1.26
C SER A 71 -6.26 5.66 -0.03
N LEU A 72 -6.87 6.73 -0.53
CA LEU A 72 -7.65 6.63 -1.76
C LEU A 72 -6.71 6.43 -2.95
N ALA A 73 -5.67 7.26 -2.98
CA ALA A 73 -4.69 7.18 -4.04
C ALA A 73 -3.85 5.92 -3.87
N LEU A 74 -3.85 5.41 -2.65
CA LEU A 74 -3.09 4.21 -2.32
C LEU A 74 -3.74 3.00 -3.00
N PHE A 75 -5.04 2.88 -2.78
CA PHE A 75 -5.80 1.78 -3.36
C PHE A 75 -5.84 1.88 -4.88
N GLN A 76 -6.04 3.10 -5.36
CA GLN A 76 -6.10 3.36 -6.79
C GLN A 76 -4.85 2.82 -7.47
N SER A 77 -3.72 2.95 -6.78
CA SER A 77 -2.45 2.49 -7.31
C SER A 77 -2.57 1.03 -7.75
N PHE A 78 -3.03 0.21 -6.82
CA PHE A 78 -3.20 -1.21 -7.09
C PHE A 78 -4.52 -1.73 -6.53
N GLU A 79 -5.22 -2.48 -7.35
CA GLU A 79 -6.50 -3.05 -6.95
C GLU A 79 -6.69 -4.43 -7.56
N THR A 80 -7.92 -4.92 -7.50
CA THR A 80 -8.24 -6.22 -8.04
C THR A 80 -9.63 -6.67 -7.56
N GLY A 81 -10.41 -7.17 -8.51
CA GLY A 81 -11.75 -7.63 -8.21
C GLY A 81 -12.79 -6.92 -9.09
N HIS A 82 -12.93 -7.41 -10.31
CA HIS A 82 -13.87 -6.84 -11.25
C HIS A 82 -14.39 -7.92 -12.19
N CYS A 83 -15.38 -7.55 -12.99
CA CYS A 83 -15.98 -8.49 -13.93
C CYS A 83 -16.90 -7.69 -14.86
N LEU A 84 -16.84 -8.05 -16.13
CA LEU A 84 -17.67 -7.39 -17.13
C LEU A 84 -19.00 -8.13 -17.26
N ASN A 85 -19.55 -8.50 -16.11
CA ASN A 85 -20.81 -9.22 -16.09
C ASN A 85 -21.22 -9.47 -14.64
N GLU A 86 -21.09 -8.42 -13.82
CA GLU A 86 -21.44 -8.51 -12.42
C GLU A 86 -21.49 -7.11 -11.80
N THR A 87 -22.61 -6.84 -11.15
CA THR A 87 -22.79 -5.54 -10.51
C THR A 87 -22.71 -5.68 -8.98
N ASN A 88 -21.67 -6.39 -8.55
CA ASN A 88 -21.46 -6.60 -7.13
C ASN A 88 -19.98 -6.38 -6.80
N VAL A 89 -19.65 -5.14 -6.51
CA VAL A 89 -18.28 -4.78 -6.19
C VAL A 89 -18.14 -4.64 -4.66
N THR A 90 -18.82 -5.52 -3.96
CA THR A 90 -18.79 -5.51 -2.51
C THR A 90 -17.53 -6.20 -1.99
N LYS A 91 -17.20 -5.91 -0.74
CA LYS A 91 -16.03 -6.50 -0.13
C LYS A 91 -14.91 -6.63 -1.17
N ASP A 92 -14.24 -5.52 -1.42
CA ASP A 92 -13.15 -5.49 -2.39
C ASP A 92 -11.83 -5.78 -1.67
N VAL A 93 -11.17 -6.83 -2.12
CA VAL A 93 -9.89 -7.22 -1.54
C VAL A 93 -8.77 -6.89 -2.52
N VAL A 94 -7.55 -6.84 -1.99
CA VAL A 94 -6.39 -6.54 -2.81
C VAL A 94 -5.23 -7.46 -2.40
N CYS A 95 -4.40 -7.77 -3.37
CA CYS A 95 -3.26 -8.64 -3.13
C CYS A 95 -2.19 -7.83 -2.38
N LEU A 96 -1.61 -8.46 -1.37
CA LEU A 96 -0.59 -7.81 -0.57
C LEU A 96 0.74 -7.86 -1.31
N ASN A 97 0.98 -8.99 -1.96
CA ASN A 97 2.21 -9.18 -2.72
C ASN A 97 2.31 -8.10 -3.80
N ASP A 98 1.15 -7.69 -4.30
CA ASP A 98 1.10 -6.67 -5.32
C ASP A 98 1.49 -5.32 -4.71
N VAL A 99 0.92 -5.04 -3.56
CA VAL A 99 1.20 -3.79 -2.86
C VAL A 99 2.63 -3.83 -2.32
N SER A 100 3.04 -5.02 -1.91
CA SER A 100 4.38 -5.20 -1.36
C SER A 100 5.42 -4.93 -2.45
N CYS A 101 5.01 -5.13 -3.69
CA CYS A 101 5.88 -4.93 -4.83
C CYS A 101 5.98 -3.42 -5.09
N TYR A 102 4.82 -2.80 -5.24
CA TYR A 102 4.76 -1.37 -5.49
C TYR A 102 5.50 -0.60 -4.40
N PHE A 103 5.26 -0.99 -3.16
CA PHE A 103 5.89 -0.33 -2.03
C PHE A 103 7.39 -0.62 -2.01
N SER A 104 7.75 -1.81 -2.49
CA SER A 104 9.14 -2.21 -2.53
C SER A 104 9.95 -1.21 -3.36
N LEU A 105 9.26 -0.56 -4.28
CA LEU A 105 9.90 0.42 -5.15
C LEU A 105 10.28 1.64 -4.33
N LEU A 106 9.33 2.08 -3.49
CA LEU A 106 9.55 3.24 -2.65
C LEU A 106 10.89 3.08 -1.92
N GLU A 107 10.94 2.11 -1.03
CA GLU A 107 12.15 1.84 -0.26
C GLU A 107 13.33 1.65 -1.21
N GLY A 108 13.07 1.01 -2.33
CA GLY A 108 14.10 0.75 -3.32
C GLY A 108 13.51 0.10 -4.57
N GLY A 109 13.35 -1.21 -4.50
CA GLY A 109 12.81 -1.95 -5.62
C GLY A 109 13.24 -3.42 -5.56
N ARG A 110 12.28 -4.27 -5.20
CA ARG A 110 12.54 -5.69 -5.10
C ARG A 110 11.77 -6.45 -6.18
N PRO A 111 12.48 -6.73 -7.31
CA PRO A 111 11.88 -7.45 -8.41
C PRO A 111 11.74 -8.94 -8.09
N GLU A 112 11.06 -9.64 -8.98
CA GLU A 112 10.84 -11.07 -8.80
C GLU A 112 9.94 -11.61 -9.92
N ASP A 113 9.00 -10.78 -10.34
CA ASP A 113 8.07 -11.16 -11.39
C ASP A 113 7.06 -10.03 -11.60
N LYS A 114 7.12 -9.45 -12.79
CA LYS A 114 6.22 -8.36 -13.14
C LYS A 114 4.90 -8.94 -13.64
N LEU A 115 3.84 -8.18 -13.42
CA LEU A 115 2.51 -8.61 -13.85
C LEU A 115 2.25 -8.10 -15.27
N GLU A 116 1.10 -8.49 -15.80
CA GLU A 116 0.73 -8.10 -17.15
C GLU A 116 -0.79 -7.97 -17.26
N TRP A 117 -1.22 -6.82 -17.78
CA TRP A 117 -2.65 -6.57 -17.95
C TRP A 117 -2.98 -6.68 -19.44
N SER A 118 -2.95 -7.91 -19.92
CA SER A 118 -3.25 -8.17 -21.32
C SER A 118 -4.71 -7.84 -21.61
N MET A 1 9.67 3.38 -16.88
CA MET A 1 9.89 2.08 -16.28
C MET A 1 8.69 1.16 -16.51
N ALA A 2 9.00 -0.10 -16.79
CA ALA A 2 7.96 -1.09 -17.02
C ALA A 2 7.41 -1.58 -15.69
N LYS A 3 7.00 -0.63 -14.87
CA LYS A 3 6.45 -0.96 -13.56
C LYS A 3 5.31 0.02 -13.22
N GLU A 4 5.40 0.59 -12.03
CA GLU A 4 4.40 1.53 -11.58
C GLU A 4 3.06 0.83 -11.35
N ARG A 5 2.35 1.30 -10.34
CA ARG A 5 1.06 0.72 -10.00
C ARG A 5 0.14 1.79 -9.40
N GLY A 6 -0.62 2.43 -10.27
CA GLY A 6 -1.53 3.47 -9.84
C GLY A 6 -0.96 4.86 -10.11
N LEU A 7 -1.82 5.73 -10.62
CA LEU A 7 -1.41 7.09 -10.94
C LEU A 7 -1.67 7.98 -9.73
N ILE A 8 -0.69 8.02 -8.84
CA ILE A 8 -0.79 8.83 -7.62
C ILE A 8 0.10 10.06 -7.77
N SER A 9 -0.54 11.22 -7.75
CA SER A 9 0.19 12.48 -7.87
C SER A 9 1.35 12.50 -6.89
N PRO A 10 2.11 13.63 -6.92
CA PRO A 10 3.26 13.79 -6.04
C PRO A 10 2.81 14.10 -4.61
N SER A 11 1.50 14.16 -4.44
CA SER A 11 0.92 14.44 -3.13
C SER A 11 0.93 13.18 -2.27
N ASP A 12 0.45 12.09 -2.86
CA ASP A 12 0.40 10.82 -2.17
C ASP A 12 1.82 10.24 -2.07
N PHE A 13 2.60 10.51 -3.10
CA PHE A 13 3.97 10.01 -3.14
C PHE A 13 4.85 10.79 -2.17
N ALA A 14 4.68 12.11 -2.17
CA ALA A 14 5.46 12.97 -1.29
C ALA A 14 5.21 12.56 0.16
N GLN A 15 3.93 12.51 0.51
CA GLN A 15 3.54 12.14 1.86
C GLN A 15 4.24 10.85 2.28
N LEU A 16 4.08 9.83 1.45
CA LEU A 16 4.69 8.54 1.73
C LEU A 16 6.21 8.69 1.76
N GLN A 17 6.72 9.32 0.70
CA GLN A 17 8.16 9.55 0.59
C GLN A 17 8.67 10.36 1.79
N LYS A 18 7.73 11.03 2.44
CA LYS A 18 8.07 11.85 3.60
C LYS A 18 8.17 10.94 4.84
N TYR A 19 7.09 10.22 5.09
CA TYR A 19 7.04 9.32 6.23
C TYR A 19 7.98 8.13 6.04
N MET A 20 7.95 7.57 4.83
CA MET A 20 8.79 6.43 4.51
C MET A 20 10.26 6.84 4.45
N GLU A 21 10.47 8.14 4.30
CA GLU A 21 11.83 8.67 4.23
C GLU A 21 12.73 7.95 5.24
N TYR A 22 12.23 7.84 6.46
CA TYR A 22 12.97 7.18 7.52
C TYR A 22 12.76 5.67 7.49
N SER A 23 11.51 5.28 7.38
CA SER A 23 11.15 3.87 7.32
C SER A 23 11.92 3.11 8.40
N THR A 24 11.31 3.00 9.57
CA THR A 24 11.94 2.31 10.68
C THR A 24 11.32 0.91 10.85
N LYS A 25 10.61 0.49 9.81
CA LYS A 25 9.97 -0.81 9.82
C LYS A 25 10.16 -1.49 8.46
N LYS A 26 9.83 -2.77 8.42
CA LYS A 26 9.95 -3.53 7.19
C LYS A 26 8.57 -3.76 6.59
N VAL A 27 8.50 -3.65 5.27
CA VAL A 27 7.25 -3.83 4.56
C VAL A 27 6.90 -5.32 4.55
N SER A 28 7.93 -6.15 4.63
CA SER A 28 7.75 -7.59 4.63
C SER A 28 7.37 -8.07 6.03
N ASP A 29 7.95 -7.41 7.02
CA ASP A 29 7.69 -7.75 8.41
C ASP A 29 6.29 -7.25 8.80
N VAL A 30 5.93 -6.12 8.24
CA VAL A 30 4.63 -5.52 8.52
C VAL A 30 3.53 -6.40 7.93
N LEU A 31 3.76 -6.83 6.69
CA LEU A 31 2.80 -7.68 6.00
C LEU A 31 2.73 -9.03 6.71
N LYS A 32 3.85 -9.41 7.31
CA LYS A 32 3.93 -10.69 8.01
C LYS A 32 2.88 -10.70 9.13
N LEU A 33 2.45 -9.51 9.52
CA LEU A 33 1.46 -9.38 10.57
C LEU A 33 0.07 -9.62 9.99
N PHE A 34 -0.08 -9.23 8.73
CA PHE A 34 -1.36 -9.40 8.04
C PHE A 34 -1.52 -10.83 7.52
N GLU A 35 -0.39 -11.55 7.51
CA GLU A 35 -0.39 -12.92 7.04
C GLU A 35 -0.79 -13.87 8.17
N ASP A 36 -0.02 -13.81 9.25
CA ASP A 36 -0.28 -14.66 10.40
C ASP A 36 -0.67 -13.78 11.59
N GLY A 37 -0.09 -12.59 11.62
CA GLY A 37 -0.36 -11.65 12.70
C GLY A 37 -1.85 -11.36 12.80
N GLU A 38 -2.22 -10.68 13.88
CA GLU A 38 -3.60 -10.33 14.12
C GLU A 38 -4.16 -9.54 12.94
N MET A 39 -3.27 -8.79 12.29
CA MET A 39 -3.65 -7.98 11.15
C MET A 39 -4.28 -8.84 10.05
N ALA A 40 -4.08 -10.15 10.17
CA ALA A 40 -4.62 -11.08 9.21
C ALA A 40 -6.10 -11.30 9.48
N LYS A 41 -6.58 -10.67 10.55
CA LYS A 41 -7.97 -10.79 10.93
C LYS A 41 -8.84 -10.13 9.87
N TYR A 42 -8.29 -9.10 9.25
CA TYR A 42 -9.01 -8.38 8.22
C TYR A 42 -8.44 -8.67 6.82
N VAL A 43 -7.97 -9.90 6.66
CA VAL A 43 -7.39 -10.32 5.41
C VAL A 43 -8.22 -11.47 4.83
N GLN A 44 -8.56 -11.31 3.55
CA GLN A 44 -9.35 -12.33 2.86
C GLN A 44 -8.46 -13.19 1.98
N GLY A 45 -7.81 -14.17 2.61
CA GLY A 45 -6.92 -15.06 1.90
C GLY A 45 -5.56 -14.40 1.64
N ASP A 46 -5.45 -13.82 0.46
CA ASP A 46 -4.21 -13.15 0.08
C ASP A 46 -4.53 -11.74 -0.42
N ALA A 47 -5.72 -11.28 -0.08
CA ALA A 47 -6.15 -9.95 -0.49
C ALA A 47 -6.86 -9.27 0.69
N ILE A 48 -6.58 -7.98 0.84
CA ILE A 48 -7.17 -7.20 1.91
C ILE A 48 -8.05 -6.11 1.31
N GLY A 49 -9.00 -5.64 2.11
CA GLY A 49 -9.91 -4.59 1.67
C GLY A 49 -9.25 -3.22 1.77
N TYR A 50 -10.00 -2.20 1.39
CA TYR A 50 -9.51 -0.84 1.43
C TYR A 50 -9.33 -0.37 2.88
N GLU A 51 -10.43 -0.43 3.63
CA GLU A 51 -10.40 -0.01 5.02
C GLU A 51 -9.26 -0.69 5.76
N GLY A 52 -9.11 -1.99 5.52
CA GLY A 52 -8.06 -2.76 6.14
C GLY A 52 -6.69 -2.12 5.89
N PHE A 53 -6.51 -1.65 4.66
CA PHE A 53 -5.26 -1.02 4.28
C PHE A 53 -4.90 0.13 5.23
N GLN A 54 -5.94 0.71 5.81
CA GLN A 54 -5.75 1.82 6.74
C GLN A 54 -4.97 1.35 7.97
N GLN A 55 -5.19 0.09 8.32
CA GLN A 55 -4.52 -0.49 9.47
C GLN A 55 -3.06 -0.79 9.14
N PHE A 56 -2.82 -1.09 7.87
CA PHE A 56 -1.48 -1.39 7.42
C PHE A 56 -0.58 -0.15 7.47
N LEU A 57 -1.11 0.95 6.94
CA LEU A 57 -0.37 2.19 6.91
C LEU A 57 -0.04 2.61 8.35
N LYS A 58 -0.82 2.08 9.28
CA LYS A 58 -0.63 2.39 10.69
C LYS A 58 0.67 1.74 11.17
N ILE A 59 0.73 0.43 11.05
CA ILE A 59 1.90 -0.32 11.47
C ILE A 59 3.03 -0.10 10.45
N TYR A 60 2.68 -0.24 9.18
CA TYR A 60 3.64 -0.06 8.11
C TYR A 60 4.56 1.13 8.40
N LEU A 61 3.99 2.32 8.26
CA LEU A 61 4.75 3.54 8.50
C LEU A 61 4.91 3.74 10.01
N GLU A 62 4.03 3.10 10.77
CA GLU A 62 4.07 3.20 12.21
C GLU A 62 3.37 4.48 12.68
N VAL A 63 2.68 5.11 11.73
CA VAL A 63 1.97 6.35 12.03
C VAL A 63 0.84 6.05 13.02
N ASP A 64 0.42 7.09 13.71
CA ASP A 64 -0.65 6.96 14.69
C ASP A 64 -1.99 7.24 14.02
N ASN A 65 -1.90 7.70 12.77
CA ASN A 65 -3.10 8.01 12.01
C ASN A 65 -2.70 8.41 10.59
N VAL A 66 -3.16 7.60 9.64
CA VAL A 66 -2.86 7.86 8.24
C VAL A 66 -4.02 8.65 7.61
N PRO A 67 -3.64 9.52 6.62
CA PRO A 67 -4.63 10.32 5.94
C PRO A 67 -5.44 9.49 4.95
N ARG A 68 -6.74 9.74 4.93
CA ARG A 68 -7.63 9.03 4.04
C ARG A 68 -7.32 9.40 2.58
N HIS A 69 -6.91 10.63 2.38
CA HIS A 69 -6.58 11.11 1.05
C HIS A 69 -5.56 10.18 0.40
N LEU A 70 -4.53 9.86 1.18
CA LEU A 70 -3.48 8.98 0.70
C LEU A 70 -4.02 7.55 0.60
N SER A 71 -4.69 7.13 1.67
CA SER A 71 -5.27 5.80 1.72
C SER A 71 -6.25 5.61 0.56
N LEU A 72 -6.77 6.73 0.08
CA LEU A 72 -7.73 6.70 -1.02
C LEU A 72 -6.98 6.39 -2.32
N ALA A 73 -5.91 7.13 -2.54
CA ALA A 73 -5.11 6.96 -3.74
C ALA A 73 -4.33 5.64 -3.64
N LEU A 74 -4.00 5.27 -2.41
CA LEU A 74 -3.26 4.05 -2.17
C LEU A 74 -4.07 2.86 -2.70
N PHE A 75 -5.33 2.82 -2.31
CA PHE A 75 -6.21 1.75 -2.74
C PHE A 75 -6.59 1.90 -4.21
N GLN A 76 -6.89 3.13 -4.59
CA GLN A 76 -7.26 3.44 -5.96
C GLN A 76 -6.20 2.90 -6.93
N SER A 77 -4.97 2.89 -6.45
CA SER A 77 -3.86 2.41 -7.26
C SER A 77 -4.14 0.99 -7.74
N PHE A 78 -3.95 0.04 -6.85
CA PHE A 78 -4.18 -1.35 -7.17
C PHE A 78 -5.28 -1.95 -6.28
N GLU A 79 -6.09 -2.81 -6.89
CA GLU A 79 -7.17 -3.45 -6.16
C GLU A 79 -7.92 -4.42 -7.08
N THR A 80 -7.16 -5.15 -7.87
CA THR A 80 -7.73 -6.10 -8.80
C THR A 80 -8.81 -5.44 -9.65
N GLY A 81 -8.47 -5.20 -10.90
CA GLY A 81 -9.40 -4.57 -11.83
C GLY A 81 -10.62 -5.45 -12.07
N HIS A 82 -11.71 -5.09 -11.40
CA HIS A 82 -12.95 -5.84 -11.53
C HIS A 82 -14.15 -4.91 -11.29
N CYS A 83 -14.67 -4.38 -12.39
CA CYS A 83 -15.81 -3.48 -12.32
C CYS A 83 -16.40 -3.35 -13.71
N LEU A 84 -17.72 -3.42 -13.77
CA LEU A 84 -18.43 -3.31 -15.03
C LEU A 84 -19.43 -2.16 -14.96
N ASN A 85 -18.97 -1.06 -14.36
CA ASN A 85 -19.81 0.11 -14.22
C ASN A 85 -21.00 -0.22 -13.32
N GLU A 86 -20.96 0.34 -12.11
CA GLU A 86 -22.04 0.10 -11.15
C GLU A 86 -21.74 0.84 -9.85
N THR A 87 -22.76 1.52 -9.34
CA THR A 87 -22.62 2.27 -8.10
C THR A 87 -22.73 1.33 -6.90
N ASN A 88 -21.89 0.31 -6.90
CA ASN A 88 -21.87 -0.66 -5.82
C ASN A 88 -20.44 -1.15 -5.58
N VAL A 89 -19.56 -0.18 -5.35
CA VAL A 89 -18.17 -0.49 -5.10
C VAL A 89 -17.84 -0.23 -3.63
N THR A 90 -18.30 -1.13 -2.78
CA THR A 90 -18.07 -1.01 -1.36
C THR A 90 -17.46 -2.31 -0.81
N LYS A 91 -17.23 -3.24 -1.71
CA LYS A 91 -16.65 -4.53 -1.33
C LYS A 91 -15.59 -4.93 -2.36
N ASP A 92 -14.34 -4.76 -1.99
CA ASP A 92 -13.24 -5.10 -2.86
C ASP A 92 -11.99 -5.38 -2.03
N VAL A 93 -11.01 -6.00 -2.67
CA VAL A 93 -9.77 -6.33 -2.00
C VAL A 93 -8.59 -6.00 -2.92
N VAL A 94 -7.40 -6.14 -2.38
CA VAL A 94 -6.18 -5.87 -3.13
C VAL A 94 -5.09 -6.84 -2.72
N CYS A 95 -4.16 -7.08 -3.64
CA CYS A 95 -3.07 -7.99 -3.38
C CYS A 95 -2.07 -7.28 -2.46
N LEU A 96 -1.58 -8.03 -1.49
CA LEU A 96 -0.61 -7.48 -0.53
C LEU A 96 0.80 -7.59 -1.12
N ASN A 97 1.17 -8.83 -1.44
CA ASN A 97 2.48 -9.08 -2.01
C ASN A 97 2.73 -8.13 -3.17
N ASP A 98 1.68 -7.89 -3.94
CA ASP A 98 1.76 -6.99 -5.08
C ASP A 98 2.07 -5.58 -4.59
N VAL A 99 1.49 -5.23 -3.45
CA VAL A 99 1.69 -3.93 -2.86
C VAL A 99 3.08 -3.85 -2.24
N SER A 100 3.51 -4.99 -1.70
CA SER A 100 4.82 -5.08 -1.07
C SER A 100 5.92 -4.82 -2.10
N CYS A 101 5.55 -4.98 -3.37
CA CYS A 101 6.49 -4.77 -4.46
C CYS A 101 6.66 -3.26 -4.66
N TYR A 102 5.52 -2.58 -4.74
CA TYR A 102 5.53 -1.14 -4.93
C TYR A 102 6.39 -0.45 -3.88
N PHE A 103 6.21 -0.87 -2.64
CA PHE A 103 6.97 -0.30 -1.54
C PHE A 103 8.44 -0.68 -1.63
N SER A 104 8.68 -1.88 -2.16
CA SER A 104 10.03 -2.37 -2.31
C SER A 104 10.84 -1.42 -3.19
N LEU A 105 10.19 -0.94 -4.24
CA LEU A 105 10.84 -0.03 -5.17
C LEU A 105 10.98 1.34 -4.51
N LEU A 106 9.97 1.71 -3.74
CA LEU A 106 9.97 2.99 -3.05
C LEU A 106 11.27 3.12 -2.24
N GLU A 107 11.43 2.21 -1.29
CA GLU A 107 12.62 2.22 -0.45
C GLU A 107 13.86 1.88 -1.28
N GLY A 108 13.64 1.06 -2.29
CA GLY A 108 14.73 0.65 -3.17
C GLY A 108 15.54 1.86 -3.65
N GLY A 109 14.82 2.84 -4.18
CA GLY A 109 15.45 4.05 -4.68
C GLY A 109 14.95 5.28 -3.93
N ARG A 110 15.25 5.31 -2.64
CA ARG A 110 14.84 6.42 -1.79
C ARG A 110 15.93 7.50 -1.76
N PRO A 111 15.47 8.77 -1.59
CA PRO A 111 16.40 9.89 -1.53
C PRO A 111 17.12 9.94 -0.19
N GLU A 112 18.28 10.58 -0.20
CA GLU A 112 19.08 10.71 1.01
C GLU A 112 18.42 11.70 1.98
N ASP A 113 17.60 12.57 1.41
CA ASP A 113 16.91 13.57 2.21
C ASP A 113 16.07 14.47 1.30
N LYS A 114 14.76 14.36 1.45
CA LYS A 114 13.85 15.14 0.63
C LYS A 114 13.98 16.62 1.03
N LEU A 115 13.23 17.46 0.32
CA LEU A 115 13.25 18.88 0.59
C LEU A 115 13.04 19.12 2.08
N GLU A 116 13.10 20.40 2.46
CA GLU A 116 12.92 20.77 3.85
C GLU A 116 12.30 22.16 3.95
N TRP A 117 11.23 22.24 4.73
CA TRP A 117 10.54 23.51 4.92
C TRP A 117 10.83 24.00 6.33
N SER A 118 12.05 24.47 6.52
CA SER A 118 12.47 24.98 7.81
C SER A 118 13.89 25.56 7.72
N MET A 1 12.03 6.26 -17.26
CA MET A 1 11.41 5.90 -18.53
C MET A 1 10.91 7.14 -19.27
N ALA A 2 11.77 8.14 -19.33
CA ALA A 2 11.42 9.38 -20.00
C ALA A 2 9.97 9.74 -19.68
N LYS A 3 9.58 9.45 -18.45
CA LYS A 3 8.22 9.74 -18.02
C LYS A 3 8.10 9.41 -16.52
N GLU A 4 7.18 8.51 -16.22
CA GLU A 4 6.94 8.11 -14.85
C GLU A 4 5.69 7.23 -14.75
N ARG A 5 5.73 6.31 -13.81
CA ARG A 5 4.61 5.41 -13.60
C ARG A 5 3.58 6.04 -12.67
N GLY A 6 3.27 7.29 -12.95
CA GLY A 6 2.30 8.03 -12.15
C GLY A 6 2.81 8.24 -10.72
N LEU A 7 2.76 7.16 -9.94
CA LEU A 7 3.22 7.22 -8.57
C LEU A 7 2.35 8.20 -7.79
N ILE A 8 1.05 8.15 -8.06
CA ILE A 8 0.11 9.03 -7.39
C ILE A 8 0.72 10.43 -7.26
N SER A 9 1.31 10.88 -8.36
CA SER A 9 1.94 12.20 -8.38
C SER A 9 2.94 12.32 -7.22
N PRO A 10 3.71 13.43 -7.25
CA PRO A 10 4.71 13.68 -6.22
C PRO A 10 4.04 14.14 -4.91
N SER A 11 2.72 14.22 -4.96
CA SER A 11 1.96 14.63 -3.80
C SER A 11 1.81 13.47 -2.82
N ASP A 12 1.37 12.34 -3.35
CA ASP A 12 1.18 11.15 -2.54
C ASP A 12 2.55 10.53 -2.24
N PHE A 13 3.35 10.37 -3.28
CA PHE A 13 4.67 9.79 -3.14
C PHE A 13 5.51 10.58 -2.13
N ALA A 14 5.25 11.88 -2.08
CA ALA A 14 5.96 12.76 -1.17
C ALA A 14 5.66 12.35 0.28
N GLN A 15 4.37 12.35 0.58
CA GLN A 15 3.92 11.98 1.92
C GLN A 15 4.47 10.61 2.30
N LEU A 16 4.14 9.63 1.46
CA LEU A 16 4.59 8.27 1.70
C LEU A 16 6.11 8.27 1.96
N GLN A 17 6.84 8.86 1.03
CA GLN A 17 8.29 8.93 1.15
C GLN A 17 8.67 9.60 2.47
N LYS A 18 8.21 10.83 2.63
CA LYS A 18 8.50 11.58 3.84
C LYS A 18 8.18 10.73 5.06
N TYR A 19 6.93 10.29 5.13
CA TYR A 19 6.48 9.46 6.23
C TYR A 19 7.37 8.23 6.39
N MET A 20 7.75 7.66 5.26
CA MET A 20 8.60 6.48 5.26
C MET A 20 10.00 6.81 5.78
N GLU A 21 10.53 7.92 5.28
CA GLU A 21 11.86 8.36 5.69
C GLU A 21 12.02 8.24 7.21
N TYR A 22 11.07 8.85 7.91
CA TYR A 22 11.08 8.83 9.37
C TYR A 22 11.08 7.38 9.89
N SER A 23 10.47 6.51 9.11
CA SER A 23 10.38 5.10 9.47
C SER A 23 11.66 4.38 9.07
N THR A 24 11.82 3.17 9.60
CA THR A 24 12.99 2.37 9.30
C THR A 24 12.63 0.89 9.30
N LYS A 25 11.33 0.63 9.19
CA LYS A 25 10.85 -0.75 9.17
C LYS A 25 10.62 -1.18 7.72
N LYS A 26 10.38 -2.48 7.55
CA LYS A 26 10.14 -3.03 6.23
C LYS A 26 8.65 -3.34 6.08
N VAL A 27 8.16 -3.10 4.87
CA VAL A 27 6.76 -3.35 4.57
C VAL A 27 6.47 -4.84 4.68
N SER A 28 7.51 -5.63 4.43
CA SER A 28 7.38 -7.08 4.50
C SER A 28 7.11 -7.51 5.94
N ASP A 29 7.50 -6.64 6.87
CA ASP A 29 7.31 -6.92 8.28
C ASP A 29 5.82 -6.79 8.62
N VAL A 30 5.21 -5.75 8.07
CA VAL A 30 3.80 -5.50 8.31
C VAL A 30 2.96 -6.53 7.54
N LEU A 31 3.49 -6.93 6.39
CA LEU A 31 2.80 -7.90 5.55
C LEU A 31 2.52 -9.15 6.37
N LYS A 32 3.57 -9.68 6.96
CA LYS A 32 3.45 -10.89 7.77
C LYS A 32 2.46 -10.63 8.91
N LEU A 33 2.45 -9.39 9.38
CA LEU A 33 1.56 -9.01 10.45
C LEU A 33 0.11 -9.13 9.99
N PHE A 34 -0.10 -8.81 8.72
CA PHE A 34 -1.43 -8.89 8.14
C PHE A 34 -1.76 -10.33 7.73
N GLU A 35 -0.73 -11.15 7.70
CA GLU A 35 -0.90 -12.55 7.33
C GLU A 35 -1.30 -13.38 8.55
N ASP A 36 -0.45 -13.33 9.56
CA ASP A 36 -0.70 -14.07 10.79
C ASP A 36 -0.89 -13.08 11.95
N GLY A 37 -0.19 -11.97 11.85
CA GLY A 37 -0.26 -10.94 12.88
C GLY A 37 -1.72 -10.57 13.16
N GLU A 38 -1.88 -9.56 14.01
CA GLU A 38 -3.21 -9.10 14.37
C GLU A 38 -3.90 -8.46 13.17
N MET A 39 -3.09 -7.81 12.34
CA MET A 39 -3.61 -7.14 11.16
C MET A 39 -4.33 -8.14 10.26
N ALA A 40 -4.10 -9.42 10.52
CA ALA A 40 -4.72 -10.47 9.74
C ALA A 40 -6.19 -10.60 10.15
N LYS A 41 -6.57 -9.80 11.14
CA LYS A 41 -7.93 -9.82 11.64
C LYS A 41 -8.87 -9.22 10.58
N TYR A 42 -8.31 -8.30 9.81
CA TYR A 42 -9.07 -7.64 8.76
C TYR A 42 -8.54 -8.01 7.37
N VAL A 43 -8.14 -9.27 7.25
CA VAL A 43 -7.61 -9.76 5.98
C VAL A 43 -8.44 -10.96 5.52
N GLN A 44 -8.69 -11.00 4.23
CA GLN A 44 -9.46 -12.08 3.64
C GLN A 44 -8.53 -13.09 2.96
N GLY A 45 -8.27 -14.19 3.67
CA GLY A 45 -7.41 -15.23 3.14
C GLY A 45 -6.01 -14.68 2.84
N ASP A 46 -5.76 -14.45 1.57
CA ASP A 46 -4.47 -13.93 1.14
C ASP A 46 -4.67 -12.59 0.41
N ALA A 47 -5.85 -12.02 0.63
CA ALA A 47 -6.19 -10.75 0.00
C ALA A 47 -6.79 -9.81 1.05
N ILE A 48 -6.32 -8.57 1.02
CA ILE A 48 -6.80 -7.58 1.96
C ILE A 48 -7.51 -6.45 1.19
N GLY A 49 -8.50 -5.87 1.84
CA GLY A 49 -9.26 -4.79 1.23
C GLY A 49 -8.60 -3.43 1.51
N TYR A 50 -9.24 -2.39 1.00
CA TYR A 50 -8.73 -1.04 1.19
C TYR A 50 -8.88 -0.60 2.64
N GLU A 51 -9.87 -1.17 3.31
CA GLU A 51 -10.12 -0.85 4.70
C GLU A 51 -8.96 -1.31 5.58
N GLY A 52 -8.55 -2.55 5.35
CA GLY A 52 -7.44 -3.12 6.10
C GLY A 52 -6.16 -2.31 5.90
N PHE A 53 -6.01 -1.79 4.70
CA PHE A 53 -4.84 -0.99 4.36
C PHE A 53 -4.74 0.25 5.24
N GLN A 54 -5.90 0.71 5.69
CA GLN A 54 -5.97 1.89 6.54
C GLN A 54 -5.08 1.70 7.77
N GLN A 55 -5.23 0.53 8.39
CA GLN A 55 -4.45 0.22 9.58
C GLN A 55 -3.01 -0.10 9.20
N PHE A 56 -2.84 -0.61 7.98
CA PHE A 56 -1.52 -0.96 7.48
C PHE A 56 -0.59 0.25 7.51
N LEU A 57 -1.09 1.36 6.97
CA LEU A 57 -0.31 2.59 6.92
C LEU A 57 0.13 2.96 8.34
N LYS A 58 -0.59 2.43 9.32
CA LYS A 58 -0.28 2.69 10.70
C LYS A 58 1.03 1.99 11.08
N ILE A 59 1.02 0.69 10.93
CA ILE A 59 2.21 -0.11 11.23
C ILE A 59 3.27 0.13 10.16
N TYR A 60 2.82 0.14 8.92
CA TYR A 60 3.71 0.36 7.80
C TYR A 60 4.76 1.43 8.13
N LEU A 61 4.29 2.66 8.17
CA LEU A 61 5.17 3.79 8.47
C LEU A 61 5.24 3.97 10.00
N GLU A 62 4.50 3.14 10.70
CA GLU A 62 4.48 3.20 12.15
C GLU A 62 3.79 4.49 12.61
N VAL A 63 3.23 5.20 11.65
CA VAL A 63 2.55 6.46 11.93
C VAL A 63 1.49 6.21 13.02
N ASP A 64 1.04 7.30 13.61
CA ASP A 64 0.03 7.22 14.66
C ASP A 64 -1.34 7.55 14.05
N ASN A 65 -1.31 8.03 12.82
CA ASN A 65 -2.53 8.39 12.13
C ASN A 65 -2.20 8.76 10.68
N VAL A 66 -2.74 7.97 9.76
CA VAL A 66 -2.51 8.20 8.35
C VAL A 66 -3.74 8.90 7.74
N PRO A 67 -3.46 9.76 6.73
CA PRO A 67 -4.53 10.49 6.06
C PRO A 67 -5.32 9.57 5.12
N ARG A 68 -6.64 9.60 5.30
CA ARG A 68 -7.52 8.78 4.48
C ARG A 68 -7.37 9.16 3.01
N HIS A 69 -7.10 10.44 2.78
CA HIS A 69 -6.94 10.93 1.43
C HIS A 69 -5.90 10.09 0.69
N LEU A 70 -4.78 9.85 1.37
CA LEU A 70 -3.71 9.07 0.80
C LEU A 70 -4.13 7.60 0.74
N SER A 71 -4.69 7.13 1.84
CA SER A 71 -5.13 5.75 1.92
C SER A 71 -6.14 5.45 0.81
N LEU A 72 -6.81 6.51 0.36
CA LEU A 72 -7.79 6.39 -0.70
C LEU A 72 -7.07 6.17 -2.03
N ALA A 73 -6.09 7.02 -2.28
CA ALA A 73 -5.32 6.93 -3.51
C ALA A 73 -4.41 5.70 -3.46
N LEU A 74 -3.98 5.39 -2.25
CA LEU A 74 -3.11 4.24 -2.04
C LEU A 74 -3.76 2.99 -2.63
N PHE A 75 -5.06 2.85 -2.35
CA PHE A 75 -5.81 1.70 -2.84
C PHE A 75 -6.07 1.83 -4.35
N GLN A 76 -6.35 3.05 -4.77
CA GLN A 76 -6.61 3.33 -6.17
C GLN A 76 -5.36 3.10 -7.00
N SER A 77 -4.22 3.26 -6.35
CA SER A 77 -2.93 3.09 -7.01
C SER A 77 -2.90 1.74 -7.73
N PHE A 78 -3.02 0.68 -6.94
CA PHE A 78 -3.00 -0.67 -7.49
C PHE A 78 -4.38 -1.33 -7.36
N GLU A 79 -4.52 -2.44 -8.05
CA GLU A 79 -5.78 -3.18 -8.02
C GLU A 79 -5.65 -4.49 -8.81
N THR A 80 -6.52 -5.43 -8.48
CA THR A 80 -6.51 -6.72 -9.15
C THR A 80 -6.47 -6.54 -10.67
N GLY A 81 -6.91 -5.37 -11.10
CA GLY A 81 -6.93 -5.06 -12.52
C GLY A 81 -8.33 -5.29 -13.11
N HIS A 82 -8.86 -6.48 -12.86
CA HIS A 82 -10.17 -6.83 -13.36
C HIS A 82 -11.11 -5.62 -13.24
N CYS A 83 -11.77 -5.31 -14.35
CA CYS A 83 -12.69 -4.19 -14.37
C CYS A 83 -13.36 -4.15 -15.75
N LEU A 84 -14.51 -3.50 -15.80
CA LEU A 84 -15.26 -3.38 -17.04
C LEU A 84 -15.77 -4.77 -17.46
N ASN A 85 -17.05 -4.98 -17.21
CA ASN A 85 -17.67 -6.26 -17.55
C ASN A 85 -17.02 -7.37 -16.72
N GLU A 86 -17.73 -7.77 -15.68
CA GLU A 86 -17.24 -8.83 -14.80
C GLU A 86 -18.26 -9.11 -13.69
N THR A 87 -18.52 -10.39 -13.49
CA THR A 87 -19.46 -10.82 -12.47
C THR A 87 -18.73 -11.28 -11.22
N ASN A 88 -17.46 -10.89 -11.13
CA ASN A 88 -16.64 -11.26 -10.00
C ASN A 88 -16.04 -10.01 -9.37
N VAL A 89 -16.90 -9.02 -9.15
CA VAL A 89 -16.47 -7.76 -8.57
C VAL A 89 -17.20 -7.55 -7.24
N THR A 90 -17.37 -8.64 -6.51
CA THR A 90 -18.04 -8.59 -5.23
C THR A 90 -17.02 -8.63 -4.08
N LYS A 91 -15.78 -8.90 -4.45
CA LYS A 91 -14.71 -8.99 -3.47
C LYS A 91 -13.63 -7.97 -3.83
N ASP A 92 -13.63 -6.85 -3.12
CA ASP A 92 -12.66 -5.80 -3.35
C ASP A 92 -11.44 -6.04 -2.46
N VAL A 93 -10.49 -6.78 -3.01
CA VAL A 93 -9.26 -7.09 -2.27
C VAL A 93 -8.08 -7.09 -3.25
N VAL A 94 -6.90 -7.19 -2.67
CA VAL A 94 -5.68 -7.21 -3.47
C VAL A 94 -4.64 -8.10 -2.79
N CYS A 95 -3.72 -8.62 -3.60
CA CYS A 95 -2.67 -9.48 -3.09
C CYS A 95 -1.65 -8.59 -2.37
N LEU A 96 -1.18 -9.10 -1.23
CA LEU A 96 -0.20 -8.38 -0.44
C LEU A 96 1.17 -8.45 -1.14
N ASN A 97 1.39 -9.57 -1.81
CA ASN A 97 2.64 -9.77 -2.51
C ASN A 97 2.74 -8.77 -3.66
N ASP A 98 1.58 -8.44 -4.23
CA ASP A 98 1.53 -7.51 -5.33
C ASP A 98 1.76 -6.08 -4.80
N VAL A 99 1.17 -5.82 -3.64
CA VAL A 99 1.30 -4.52 -3.02
C VAL A 99 2.70 -4.38 -2.41
N SER A 100 3.25 -5.52 -2.02
CA SER A 100 4.58 -5.54 -1.43
C SER A 100 5.62 -5.12 -2.46
N CYS A 101 5.26 -5.29 -3.73
CA CYS A 101 6.14 -4.94 -4.82
C CYS A 101 6.13 -3.42 -4.98
N TYR A 102 4.94 -2.88 -5.15
CA TYR A 102 4.78 -1.44 -5.31
C TYR A 102 5.44 -0.68 -4.16
N PHE A 103 5.20 -1.17 -2.95
CA PHE A 103 5.76 -0.55 -1.77
C PHE A 103 7.28 -0.70 -1.73
N SER A 104 7.75 -1.79 -2.32
CA SER A 104 9.17 -2.07 -2.37
C SER A 104 9.88 -1.00 -3.20
N LEU A 105 9.13 -0.41 -4.11
CA LEU A 105 9.67 0.64 -4.97
C LEU A 105 9.94 1.89 -4.13
N LEU A 106 9.06 2.12 -3.18
CA LEU A 106 9.18 3.27 -2.31
C LEU A 106 10.49 3.17 -1.51
N GLU A 107 10.57 2.12 -0.69
CA GLU A 107 11.76 1.90 0.12
C GLU A 107 13.01 1.93 -0.75
N GLY A 108 12.88 1.37 -1.95
CA GLY A 108 14.00 1.33 -2.87
C GLY A 108 14.27 -0.11 -3.33
N GLY A 109 13.31 -0.66 -4.07
CA GLY A 109 13.45 -2.02 -4.57
C GLY A 109 13.03 -2.10 -6.05
N ARG A 110 13.75 -1.35 -6.87
CA ARG A 110 13.46 -1.34 -8.30
C ARG A 110 13.61 -2.74 -8.90
N PRO A 111 12.81 -3.01 -9.95
CA PRO A 111 12.85 -4.30 -10.61
C PRO A 111 14.09 -4.43 -11.49
N GLU A 112 14.48 -5.68 -11.74
CA GLU A 112 15.64 -5.95 -12.55
C GLU A 112 15.28 -5.89 -14.03
N ASP A 113 14.01 -6.13 -14.31
CA ASP A 113 13.52 -6.11 -15.67
C ASP A 113 12.05 -6.54 -15.70
N LYS A 114 11.19 -5.57 -16.00
CA LYS A 114 9.76 -5.83 -16.06
C LYS A 114 9.42 -6.42 -17.42
N LEU A 115 8.23 -7.02 -17.49
CA LEU A 115 7.77 -7.63 -18.72
C LEU A 115 6.70 -6.73 -19.36
N GLU A 116 6.24 -7.14 -20.52
CA GLU A 116 5.22 -6.39 -21.24
C GLU A 116 4.30 -7.34 -22.01
N TRP A 117 3.00 -7.16 -21.80
CA TRP A 117 2.02 -7.99 -22.46
C TRP A 117 1.34 -7.15 -23.54
N SER A 118 2.08 -6.89 -24.61
CA SER A 118 1.56 -6.09 -25.71
C SER A 118 1.76 -6.84 -27.02
N MET A 1 4.26 -7.29 -9.66
CA MET A 1 4.46 -7.01 -11.08
C MET A 1 4.48 -5.51 -11.34
N ALA A 2 4.98 -5.15 -12.52
CA ALA A 2 5.05 -3.75 -12.91
C ALA A 2 3.74 -3.34 -13.57
N LYS A 3 2.65 -3.70 -12.91
CA LYS A 3 1.33 -3.37 -13.42
C LYS A 3 1.03 -1.90 -13.14
N GLU A 4 -0.09 -1.67 -12.45
CA GLU A 4 -0.49 -0.32 -12.11
C GLU A 4 -0.89 0.45 -13.36
N ARG A 5 -1.93 1.27 -13.23
CA ARG A 5 -2.41 2.07 -14.34
C ARG A 5 -2.90 3.43 -13.84
N GLY A 6 -2.07 4.06 -13.04
CA GLY A 6 -2.41 5.37 -12.49
C GLY A 6 -1.51 5.71 -11.28
N LEU A 7 -0.64 6.68 -11.50
CA LEU A 7 0.28 7.11 -10.45
C LEU A 7 -0.50 7.91 -9.41
N ILE A 8 0.04 7.93 -8.20
CA ILE A 8 -0.59 8.66 -7.11
C ILE A 8 -0.06 10.10 -7.09
N SER A 9 0.59 10.46 -8.18
CA SER A 9 1.16 11.80 -8.30
C SER A 9 2.20 12.04 -7.21
N PRO A 10 2.90 13.19 -7.32
CA PRO A 10 3.93 13.54 -6.36
C PRO A 10 3.30 14.02 -5.04
N SER A 11 1.98 14.02 -5.02
CA SER A 11 1.25 14.43 -3.83
C SER A 11 1.23 13.30 -2.80
N ASP A 12 0.84 12.12 -3.27
CA ASP A 12 0.79 10.96 -2.41
C ASP A 12 2.19 10.45 -2.14
N PHE A 13 3.00 10.44 -3.19
CA PHE A 13 4.37 9.99 -3.08
C PHE A 13 5.14 10.79 -2.02
N ALA A 14 4.80 12.07 -1.93
CA ALA A 14 5.44 12.95 -0.98
C ALA A 14 5.15 12.46 0.44
N GLN A 15 3.85 12.36 0.75
CA GLN A 15 3.42 11.90 2.05
C GLN A 15 4.12 10.58 2.41
N LEU A 16 3.94 9.61 1.54
CA LEU A 16 4.54 8.30 1.74
C LEU A 16 6.03 8.46 2.00
N GLN A 17 6.65 9.33 1.21
CA GLN A 17 8.07 9.60 1.34
C GLN A 17 8.39 10.07 2.76
N LYS A 18 7.75 11.17 3.13
CA LYS A 18 7.97 11.74 4.45
C LYS A 18 7.73 10.66 5.52
N TYR A 19 6.53 10.10 5.49
CA TYR A 19 6.18 9.06 6.45
C TYR A 19 7.20 7.91 6.42
N MET A 20 7.62 7.57 5.21
CA MET A 20 8.59 6.50 5.04
C MET A 20 9.96 6.92 5.56
N GLU A 21 10.31 8.17 5.29
CA GLU A 21 11.59 8.70 5.73
C GLU A 21 11.80 8.44 7.22
N TYR A 22 10.69 8.48 7.96
CA TYR A 22 10.74 8.24 9.38
C TYR A 22 10.80 6.74 9.70
N SER A 23 10.01 5.99 8.95
CA SER A 23 9.97 4.55 9.13
C SER A 23 11.22 3.91 8.54
N THR A 24 11.69 2.88 9.23
CA THR A 24 12.88 2.16 8.80
C THR A 24 12.67 0.66 8.90
N LYS A 25 11.43 0.28 9.12
CA LYS A 25 11.07 -1.12 9.24
C LYS A 25 10.93 -1.74 7.84
N LYS A 26 10.59 -3.02 7.82
CA LYS A 26 10.41 -3.71 6.56
C LYS A 26 8.92 -3.92 6.29
N VAL A 27 8.56 -3.81 5.02
CA VAL A 27 7.17 -3.98 4.61
C VAL A 27 6.79 -5.46 4.71
N SER A 28 7.80 -6.30 4.58
CA SER A 28 7.58 -7.74 4.64
C SER A 28 7.24 -8.15 6.07
N ASP A 29 7.86 -7.45 7.02
CA ASP A 29 7.63 -7.74 8.43
C ASP A 29 6.27 -7.18 8.84
N VAL A 30 5.89 -6.09 8.17
CA VAL A 30 4.62 -5.44 8.47
C VAL A 30 3.48 -6.31 7.94
N LEU A 31 3.73 -6.93 6.80
CA LEU A 31 2.73 -7.79 6.18
C LEU A 31 2.59 -9.07 7.00
N LYS A 32 3.69 -9.46 7.63
CA LYS A 32 3.70 -10.66 8.45
C LYS A 32 2.65 -10.52 9.57
N LEU A 33 2.37 -9.26 9.90
CA LEU A 33 1.40 -8.98 10.95
C LEU A 33 -0.01 -9.25 10.42
N PHE A 34 -0.18 -9.01 9.13
CA PHE A 34 -1.46 -9.22 8.49
C PHE A 34 -1.67 -10.70 8.13
N GLU A 35 -0.57 -11.43 8.18
CA GLU A 35 -0.62 -12.86 7.87
C GLU A 35 -1.05 -13.65 9.10
N ASP A 36 -0.42 -13.33 10.22
CA ASP A 36 -0.73 -14.02 11.48
C ASP A 36 -0.99 -12.98 12.57
N GLY A 37 -0.27 -11.86 12.46
CA GLY A 37 -0.42 -10.79 13.43
C GLY A 37 -1.88 -10.43 13.62
N GLU A 38 -2.11 -9.43 14.47
CA GLU A 38 -3.45 -8.97 14.75
C GLU A 38 -4.13 -8.48 13.47
N MET A 39 -3.32 -7.86 12.62
CA MET A 39 -3.83 -7.33 11.36
C MET A 39 -4.44 -8.45 10.50
N ALA A 40 -4.15 -9.68 10.91
CA ALA A 40 -4.66 -10.83 10.19
C ALA A 40 -6.14 -11.00 10.51
N LYS A 41 -6.63 -10.14 11.39
CA LYS A 41 -8.03 -10.19 11.79
C LYS A 41 -8.90 -9.59 10.69
N TYR A 42 -8.26 -8.76 9.86
CA TYR A 42 -8.96 -8.12 8.76
C TYR A 42 -8.31 -8.46 7.42
N VAL A 43 -8.13 -9.75 7.20
CA VAL A 43 -7.52 -10.22 5.96
C VAL A 43 -8.35 -11.38 5.39
N GLN A 44 -8.65 -11.28 4.11
CA GLN A 44 -9.43 -12.30 3.43
C GLN A 44 -8.53 -13.17 2.57
N GLY A 45 -7.89 -14.13 3.21
CA GLY A 45 -7.00 -15.05 2.51
C GLY A 45 -5.70 -14.35 2.14
N ASP A 46 -5.64 -13.91 0.88
CA ASP A 46 -4.46 -13.23 0.39
C ASP A 46 -4.86 -11.84 -0.13
N ALA A 47 -6.08 -11.46 0.19
CA ALA A 47 -6.59 -10.16 -0.22
C ALA A 47 -7.16 -9.42 1.00
N ILE A 48 -6.80 -8.15 1.09
CA ILE A 48 -7.25 -7.32 2.19
C ILE A 48 -8.11 -6.19 1.65
N GLY A 49 -8.98 -5.67 2.51
CA GLY A 49 -9.86 -4.58 2.14
C GLY A 49 -9.23 -3.22 2.45
N TYR A 50 -10.02 -2.17 2.28
CA TYR A 50 -9.54 -0.83 2.53
C TYR A 50 -9.17 -0.65 4.01
N GLU A 51 -10.11 -1.01 4.87
CA GLU A 51 -9.89 -0.90 6.31
C GLU A 51 -8.54 -1.54 6.69
N GLY A 52 -8.26 -2.65 6.04
CA GLY A 52 -7.01 -3.36 6.31
C GLY A 52 -5.84 -2.72 5.55
N PHE A 53 -6.13 -2.31 4.32
CA PHE A 53 -5.12 -1.69 3.49
C PHE A 53 -4.67 -0.34 4.08
N GLN A 54 -5.63 0.39 4.60
CA GLN A 54 -5.34 1.69 5.20
C GLN A 54 -4.70 1.50 6.57
N GLN A 55 -5.02 0.39 7.20
CA GLN A 55 -4.47 0.09 8.52
C GLN A 55 -2.99 -0.26 8.40
N PHE A 56 -2.64 -0.85 7.27
CA PHE A 56 -1.25 -1.23 7.02
C PHE A 56 -0.32 -0.02 7.12
N LEU A 57 -0.76 1.07 6.50
CA LEU A 57 0.02 2.29 6.51
C LEU A 57 0.33 2.69 7.95
N LYS A 58 -0.50 2.19 8.85
CA LYS A 58 -0.33 2.49 10.27
C LYS A 58 0.94 1.80 10.78
N ILE A 59 0.97 0.49 10.64
CA ILE A 59 2.12 -0.29 11.08
C ILE A 59 3.28 -0.05 10.10
N TYR A 60 2.96 -0.15 8.82
CA TYR A 60 3.97 0.04 7.80
C TYR A 60 4.91 1.19 8.16
N LEU A 61 4.35 2.39 8.17
CA LEU A 61 5.12 3.57 8.49
C LEU A 61 5.15 3.76 10.00
N GLU A 62 4.32 2.98 10.69
CA GLU A 62 4.24 3.05 12.14
C GLU A 62 3.52 4.33 12.57
N VAL A 63 3.06 5.07 11.58
CA VAL A 63 2.34 6.31 11.84
C VAL A 63 1.23 6.05 12.86
N ASP A 64 0.89 7.09 13.59
CA ASP A 64 -0.15 6.99 14.61
C ASP A 64 -1.51 7.23 13.95
N ASN A 65 -1.46 7.69 12.72
CA ASN A 65 -2.68 7.96 11.97
C ASN A 65 -2.33 8.37 10.54
N VAL A 66 -2.79 7.55 9.60
CA VAL A 66 -2.53 7.81 8.20
C VAL A 66 -3.70 8.57 7.58
N PRO A 67 -3.37 9.44 6.60
CA PRO A 67 -4.39 10.24 5.93
C PRO A 67 -5.20 9.39 4.95
N ARG A 68 -6.52 9.49 5.07
CA ARG A 68 -7.40 8.73 4.20
C ARG A 68 -7.20 9.14 2.74
N HIS A 69 -6.85 10.40 2.56
CA HIS A 69 -6.62 10.93 1.22
C HIS A 69 -5.59 10.07 0.51
N LEU A 70 -4.52 9.75 1.22
CA LEU A 70 -3.45 8.93 0.67
C LEU A 70 -3.97 7.51 0.44
N SER A 71 -4.66 6.99 1.44
CA SER A 71 -5.21 5.65 1.35
C SER A 71 -6.13 5.54 0.14
N LEU A 72 -6.70 6.68 -0.24
CA LEU A 72 -7.59 6.73 -1.38
C LEU A 72 -6.79 6.56 -2.66
N ALA A 73 -5.72 7.34 -2.76
CA ALA A 73 -4.87 7.28 -3.93
C ALA A 73 -4.09 5.96 -3.93
N LEU A 74 -3.80 5.49 -2.73
CA LEU A 74 -3.06 4.25 -2.56
C LEU A 74 -3.86 3.11 -3.19
N PHE A 75 -5.16 3.14 -2.98
CA PHE A 75 -6.04 2.12 -3.51
C PHE A 75 -6.24 2.31 -5.02
N GLN A 76 -6.41 3.55 -5.41
CA GLN A 76 -6.61 3.87 -6.82
C GLN A 76 -5.42 3.39 -7.65
N SER A 77 -4.25 3.42 -7.02
CA SER A 77 -3.04 2.99 -7.70
C SER A 77 -3.24 1.58 -8.28
N PHE A 78 -3.09 0.59 -7.42
CA PHE A 78 -3.25 -0.79 -7.84
C PHE A 78 -4.71 -1.24 -7.70
N GLU A 79 -4.99 -2.40 -8.26
CA GLU A 79 -6.34 -2.96 -8.20
C GLU A 79 -6.37 -4.34 -8.87
N THR A 80 -7.23 -5.20 -8.34
CA THR A 80 -7.36 -6.54 -8.87
C THR A 80 -8.84 -6.87 -9.08
N GLY A 81 -9.19 -8.10 -8.71
CA GLY A 81 -10.57 -8.56 -8.85
C GLY A 81 -11.02 -8.47 -10.31
N HIS A 82 -11.17 -9.65 -10.91
CA HIS A 82 -11.60 -9.72 -12.30
C HIS A 82 -12.70 -8.68 -12.56
N CYS A 83 -13.79 -8.85 -11.83
CA CYS A 83 -14.92 -7.93 -11.97
C CYS A 83 -15.62 -8.24 -13.30
N LEU A 84 -15.49 -9.49 -13.73
CA LEU A 84 -16.11 -9.91 -14.96
C LEU A 84 -17.06 -11.08 -14.69
N ASN A 85 -17.78 -10.95 -13.59
CA ASN A 85 -18.73 -11.99 -13.20
C ASN A 85 -19.67 -11.44 -12.13
N GLU A 86 -20.87 -11.08 -12.57
CA GLU A 86 -21.87 -10.54 -11.68
C GLU A 86 -21.47 -9.13 -11.22
N THR A 87 -22.45 -8.24 -11.25
CA THR A 87 -22.22 -6.86 -10.84
C THR A 87 -22.30 -6.73 -9.33
N ASN A 88 -21.58 -7.60 -8.65
CA ASN A 88 -21.57 -7.60 -7.19
C ASN A 88 -20.12 -7.59 -6.70
N VAL A 89 -19.58 -6.40 -6.55
CA VAL A 89 -18.21 -6.24 -6.09
C VAL A 89 -18.22 -5.71 -4.66
N THR A 90 -19.16 -6.22 -3.87
CA THR A 90 -19.28 -5.79 -2.48
C THR A 90 -18.05 -6.21 -1.69
N LYS A 91 -17.22 -7.03 -2.32
CA LYS A 91 -16.00 -7.51 -1.68
C LYS A 91 -14.79 -6.83 -2.34
N ASP A 92 -14.49 -5.65 -1.85
CA ASP A 92 -13.36 -4.89 -2.37
C ASP A 92 -12.09 -5.27 -1.61
N VAL A 93 -11.15 -5.84 -2.34
CA VAL A 93 -9.88 -6.25 -1.74
C VAL A 93 -8.75 -6.03 -2.74
N VAL A 94 -7.53 -6.20 -2.25
CA VAL A 94 -6.36 -6.02 -3.10
C VAL A 94 -5.25 -6.96 -2.61
N CYS A 95 -4.36 -7.29 -3.54
CA CYS A 95 -3.26 -8.18 -3.23
C CYS A 95 -2.22 -7.39 -2.43
N LEU A 96 -1.73 -8.02 -1.36
CA LEU A 96 -0.75 -7.39 -0.51
C LEU A 96 0.64 -7.54 -1.13
N ASN A 97 0.94 -8.78 -1.54
CA ASN A 97 2.22 -9.08 -2.14
C ASN A 97 2.47 -8.11 -3.30
N ASP A 98 1.41 -7.84 -4.03
CA ASP A 98 1.50 -6.93 -5.17
C ASP A 98 1.81 -5.51 -4.67
N VAL A 99 1.21 -5.17 -3.54
CA VAL A 99 1.41 -3.86 -2.95
C VAL A 99 2.82 -3.81 -2.33
N SER A 100 3.23 -4.93 -1.76
CA SER A 100 4.53 -5.02 -1.14
C SER A 100 5.63 -4.71 -2.17
N CYS A 101 5.32 -5.01 -3.42
CA CYS A 101 6.25 -4.77 -4.50
C CYS A 101 6.34 -3.26 -4.73
N TYR A 102 5.17 -2.64 -4.80
CA TYR A 102 5.11 -1.20 -5.02
C TYR A 102 5.90 -0.44 -3.96
N PHE A 103 5.67 -0.80 -2.71
CA PHE A 103 6.36 -0.18 -1.60
C PHE A 103 7.86 -0.48 -1.63
N SER A 104 8.17 -1.71 -2.05
CA SER A 104 9.56 -2.14 -2.13
C SER A 104 10.32 -1.23 -3.09
N LEU A 105 9.64 -0.83 -4.16
CA LEU A 105 10.24 0.03 -5.15
C LEU A 105 10.38 1.45 -4.58
N LEU A 106 9.40 1.82 -3.77
CA LEU A 106 9.40 3.14 -3.16
C LEU A 106 10.68 3.32 -2.35
N GLU A 107 10.81 2.53 -1.31
CA GLU A 107 11.98 2.59 -0.45
C GLU A 107 13.24 2.19 -1.23
N GLY A 108 13.04 1.27 -2.16
CA GLY A 108 14.14 0.80 -2.98
C GLY A 108 14.46 1.79 -4.10
N GLY A 109 13.65 2.84 -4.16
CA GLY A 109 13.84 3.87 -5.17
C GLY A 109 13.78 5.27 -4.54
N ARG A 110 14.35 5.37 -3.35
CA ARG A 110 14.37 6.65 -2.64
C ARG A 110 15.18 7.68 -3.41
N PRO A 111 14.48 8.77 -3.82
CA PRO A 111 15.13 9.84 -4.57
C PRO A 111 16.01 10.70 -3.66
N GLU A 112 17.02 11.30 -4.26
CA GLU A 112 17.93 12.16 -3.51
C GLU A 112 17.88 13.59 -4.04
N ASP A 113 17.72 13.69 -5.36
CA ASP A 113 17.67 14.99 -6.00
C ASP A 113 16.25 15.21 -6.56
N LYS A 114 15.31 15.39 -5.64
CA LYS A 114 13.92 15.61 -6.03
C LYS A 114 13.81 16.96 -6.72
N LEU A 115 12.67 17.14 -7.39
CA LEU A 115 12.42 18.39 -8.10
C LEU A 115 12.99 19.56 -7.30
N GLU A 116 13.31 20.62 -8.01
CA GLU A 116 13.87 21.81 -7.37
C GLU A 116 13.26 23.07 -7.99
N TRP A 117 12.61 23.85 -7.13
CA TRP A 117 11.98 25.09 -7.58
C TRP A 117 12.82 26.26 -7.06
N SER A 118 13.98 26.44 -7.68
CA SER A 118 14.87 27.51 -7.29
C SER A 118 14.11 28.83 -7.20
N MET A 1 3.80 -1.68 -10.17
CA MET A 1 2.50 -2.20 -9.78
C MET A 1 2.03 -3.29 -10.74
N ALA A 2 2.91 -4.22 -11.02
CA ALA A 2 2.59 -5.32 -11.93
C ALA A 2 1.93 -4.75 -13.19
N LYS A 3 2.38 -3.56 -13.57
CA LYS A 3 1.86 -2.90 -14.75
C LYS A 3 2.69 -1.65 -15.05
N GLU A 4 1.99 -0.53 -15.12
CA GLU A 4 2.65 0.75 -15.39
C GLU A 4 1.61 1.79 -15.82
N ARG A 5 1.97 3.05 -15.58
CA ARG A 5 1.08 4.15 -15.93
C ARG A 5 -0.19 4.10 -15.08
N GLY A 6 -0.55 5.25 -14.54
CA GLY A 6 -1.74 5.36 -13.71
C GLY A 6 -1.40 5.13 -12.24
N LEU A 7 -0.12 5.24 -11.94
CA LEU A 7 0.35 5.06 -10.58
C LEU A 7 0.01 6.30 -9.76
N ILE A 8 0.41 6.26 -8.49
CA ILE A 8 0.16 7.38 -7.59
C ILE A 8 1.08 8.54 -7.95
N SER A 9 0.46 9.66 -8.28
CA SER A 9 1.23 10.85 -8.65
C SER A 9 2.27 11.16 -7.57
N PRO A 10 3.05 12.25 -7.82
CA PRO A 10 4.08 12.66 -6.89
C PRO A 10 3.47 13.32 -5.65
N SER A 11 2.15 13.42 -5.66
CA SER A 11 1.43 14.03 -4.55
C SER A 11 1.32 13.04 -3.39
N ASP A 12 0.84 11.85 -3.72
CA ASP A 12 0.66 10.80 -2.72
C ASP A 12 2.03 10.21 -2.38
N PHE A 13 2.89 10.14 -3.39
CA PHE A 13 4.22 9.60 -3.21
C PHE A 13 5.07 10.50 -2.31
N ALA A 14 4.99 11.80 -2.59
CA ALA A 14 5.74 12.77 -1.82
C ALA A 14 5.40 12.61 -0.34
N GLN A 15 4.12 12.37 -0.07
CA GLN A 15 3.66 12.19 1.30
C GLN A 15 4.17 10.86 1.85
N LEU A 16 3.95 9.81 1.08
CA LEU A 16 4.38 8.47 1.48
C LEU A 16 5.89 8.47 1.68
N GLN A 17 6.59 9.11 0.76
CA GLN A 17 8.03 9.18 0.82
C GLN A 17 8.47 9.98 2.06
N LYS A 18 7.80 11.10 2.26
CA LYS A 18 8.10 11.95 3.41
C LYS A 18 7.84 11.19 4.70
N TYR A 19 6.72 10.48 4.71
CA TYR A 19 6.35 9.69 5.88
C TYR A 19 7.25 8.46 6.03
N MET A 20 7.29 7.67 4.97
CA MET A 20 8.10 6.47 4.96
C MET A 20 9.58 6.80 5.20
N GLU A 21 9.92 8.05 4.95
CA GLU A 21 11.29 8.51 5.13
C GLU A 21 11.67 8.47 6.61
N TYR A 22 10.76 8.98 7.43
CA TYR A 22 10.99 9.01 8.87
C TYR A 22 11.17 7.59 9.42
N SER A 23 10.33 6.69 8.94
CA SER A 23 10.38 5.30 9.37
C SER A 23 11.54 4.58 8.68
N THR A 24 11.81 3.38 9.16
CA THR A 24 12.89 2.58 8.60
C THR A 24 12.63 1.09 8.85
N LYS A 25 11.36 0.77 9.05
CA LYS A 25 10.97 -0.61 9.29
C LYS A 25 10.94 -1.37 7.96
N LYS A 26 10.61 -2.66 8.06
CA LYS A 26 10.55 -3.50 6.89
C LYS A 26 9.08 -3.75 6.53
N VAL A 27 8.80 -3.65 5.24
CA VAL A 27 7.44 -3.87 4.76
C VAL A 27 7.11 -5.37 4.83
N SER A 28 8.17 -6.17 4.80
CA SER A 28 8.01 -7.61 4.86
C SER A 28 7.61 -8.04 6.28
N ASP A 29 7.94 -7.17 7.23
CA ASP A 29 7.62 -7.44 8.63
C ASP A 29 6.11 -7.29 8.85
N VAL A 30 5.58 -6.20 8.30
CA VAL A 30 4.16 -5.93 8.42
C VAL A 30 3.37 -6.90 7.54
N LEU A 31 3.99 -7.28 6.44
CA LEU A 31 3.37 -8.20 5.50
C LEU A 31 3.03 -9.50 6.23
N LYS A 32 4.05 -10.08 6.84
CA LYS A 32 3.88 -11.32 7.58
C LYS A 32 2.83 -11.12 8.67
N LEU A 33 2.78 -9.91 9.19
CA LEU A 33 1.82 -9.58 10.23
C LEU A 33 0.41 -9.79 9.71
N PHE A 34 0.19 -9.36 8.48
CA PHE A 34 -1.12 -9.50 7.86
C PHE A 34 -1.31 -10.91 7.29
N GLU A 35 -0.20 -11.63 7.20
CA GLU A 35 -0.23 -12.99 6.69
C GLU A 35 -0.60 -13.98 7.79
N ASP A 36 0.20 -13.95 8.85
CA ASP A 36 -0.03 -14.84 9.98
C ASP A 36 -0.33 -13.99 11.23
N GLY A 37 0.28 -12.82 11.28
CA GLY A 37 0.09 -11.92 12.39
C GLY A 37 -1.40 -11.66 12.64
N GLU A 38 -1.67 -10.71 13.52
CA GLU A 38 -3.03 -10.35 13.84
C GLU A 38 -3.67 -9.55 12.69
N MET A 39 -2.84 -8.78 12.02
CA MET A 39 -3.29 -7.98 10.90
C MET A 39 -3.98 -8.85 9.84
N ALA A 40 -3.73 -10.14 9.94
CA ALA A 40 -4.31 -11.09 9.01
C ALA A 40 -5.79 -11.29 9.34
N LYS A 41 -6.21 -10.64 10.41
CA LYS A 41 -7.60 -10.73 10.84
C LYS A 41 -8.50 -10.04 9.83
N TYR A 42 -7.87 -9.28 8.94
CA TYR A 42 -8.60 -8.55 7.92
C TYR A 42 -8.02 -8.83 6.53
N VAL A 43 -7.83 -10.12 6.25
CA VAL A 43 -7.30 -10.53 4.96
C VAL A 43 -8.03 -11.78 4.49
N GLN A 44 -8.50 -11.71 3.24
CA GLN A 44 -9.22 -12.82 2.65
C GLN A 44 -8.47 -13.34 1.42
N GLY A 45 -8.04 -14.59 1.51
CA GLY A 45 -7.32 -15.22 0.41
C GLY A 45 -6.04 -14.46 0.10
N ASP A 46 -5.47 -13.87 1.15
CA ASP A 46 -4.24 -13.11 1.01
C ASP A 46 -4.56 -11.71 0.50
N ALA A 47 -5.83 -11.49 0.21
CA ALA A 47 -6.29 -10.21 -0.28
C ALA A 47 -6.92 -9.41 0.87
N ILE A 48 -6.55 -8.15 0.96
CA ILE A 48 -7.07 -7.28 2.00
C ILE A 48 -8.06 -6.29 1.38
N GLY A 49 -8.95 -5.80 2.23
CA GLY A 49 -9.95 -4.84 1.79
C GLY A 49 -9.37 -3.42 1.74
N TYR A 50 -10.25 -2.46 1.46
CA TYR A 50 -9.83 -1.07 1.38
C TYR A 50 -9.73 -0.46 2.77
N GLU A 51 -10.61 -0.90 3.66
CA GLU A 51 -10.63 -0.40 5.02
C GLU A 51 -9.41 -0.90 5.79
N GLY A 52 -9.13 -2.18 5.62
CA GLY A 52 -7.99 -2.78 6.28
C GLY A 52 -6.69 -2.01 5.98
N PHE A 53 -6.58 -1.60 4.73
CA PHE A 53 -5.41 -0.85 4.29
C PHE A 53 -5.18 0.38 5.18
N GLN A 54 -6.28 0.86 5.75
CA GLN A 54 -6.21 2.03 6.62
C GLN A 54 -5.44 1.70 7.89
N GLN A 55 -5.73 0.53 8.44
CA GLN A 55 -5.07 0.09 9.66
C GLN A 55 -3.64 -0.36 9.36
N PHE A 56 -3.42 -0.71 8.11
CA PHE A 56 -2.10 -1.15 7.68
C PHE A 56 -1.10 0.01 7.70
N LEU A 57 -1.51 1.12 7.12
CA LEU A 57 -0.67 2.30 7.07
C LEU A 57 -0.23 2.66 8.49
N LYS A 58 -1.03 2.23 9.45
CA LYS A 58 -0.74 2.50 10.84
C LYS A 58 0.54 1.76 11.26
N ILE A 59 0.50 0.44 11.12
CA ILE A 59 1.65 -0.38 11.46
C ILE A 59 2.74 -0.19 10.40
N TYR A 60 2.32 -0.29 9.15
CA TYR A 60 3.26 -0.14 8.04
C TYR A 60 4.12 1.12 8.22
N LEU A 61 3.48 2.26 8.00
CA LEU A 61 4.18 3.53 8.13
C LEU A 61 4.46 3.80 9.62
N GLU A 62 3.91 2.94 10.46
CA GLU A 62 4.09 3.08 11.89
C GLU A 62 3.42 4.36 12.40
N VAL A 63 2.65 4.97 11.51
CA VAL A 63 1.95 6.20 11.86
C VAL A 63 0.81 5.87 12.83
N ASP A 64 0.51 6.85 13.68
CA ASP A 64 -0.55 6.68 14.66
C ASP A 64 -1.86 7.18 14.08
N ASN A 65 -1.74 7.91 12.98
CA ASN A 65 -2.91 8.45 12.30
C ASN A 65 -2.54 8.87 10.88
N VAL A 66 -2.94 8.04 9.93
CA VAL A 66 -2.65 8.31 8.53
C VAL A 66 -3.82 9.06 7.90
N PRO A 67 -3.49 9.93 6.92
CA PRO A 67 -4.51 10.71 6.24
C PRO A 67 -5.30 9.84 5.25
N ARG A 68 -6.61 9.99 5.29
CA ARG A 68 -7.48 9.23 4.40
C ARG A 68 -7.21 9.60 2.95
N HIS A 69 -6.73 10.83 2.76
CA HIS A 69 -6.43 11.32 1.44
C HIS A 69 -5.39 10.42 0.78
N LEU A 70 -4.36 10.09 1.54
CA LEU A 70 -3.29 9.24 1.05
C LEU A 70 -3.81 7.80 0.93
N SER A 71 -4.53 7.38 1.95
CA SER A 71 -5.10 6.05 1.98
C SER A 71 -5.97 5.81 0.74
N LEU A 72 -6.73 6.84 0.40
CA LEU A 72 -7.62 6.76 -0.75
C LEU A 72 -6.79 6.55 -2.00
N ALA A 73 -5.76 7.38 -2.15
CA ALA A 73 -4.88 7.30 -3.30
C ALA A 73 -4.09 5.99 -3.23
N LEU A 74 -3.83 5.54 -2.01
CA LEU A 74 -3.10 4.31 -1.79
C LEU A 74 -3.93 3.12 -2.29
N PHE A 75 -5.20 3.15 -1.93
CA PHE A 75 -6.11 2.09 -2.33
C PHE A 75 -6.49 2.21 -3.81
N GLN A 76 -6.97 3.40 -4.17
CA GLN A 76 -7.37 3.65 -5.54
C GLN A 76 -6.23 3.30 -6.49
N SER A 77 -5.03 3.26 -5.95
CA SER A 77 -3.85 2.94 -6.74
C SER A 77 -4.15 1.74 -7.64
N PHE A 78 -4.66 0.68 -7.02
CA PHE A 78 -4.99 -0.52 -7.76
C PHE A 78 -6.12 -1.28 -7.08
N GLU A 79 -6.42 -2.46 -7.63
CA GLU A 79 -7.49 -3.28 -7.09
C GLU A 79 -7.49 -4.65 -7.76
N THR A 80 -8.26 -5.57 -7.18
CA THR A 80 -8.34 -6.91 -7.71
C THR A 80 -9.17 -7.80 -6.78
N GLY A 81 -10.10 -8.52 -7.37
CA GLY A 81 -10.96 -9.42 -6.60
C GLY A 81 -11.18 -10.74 -7.34
N HIS A 82 -12.38 -11.29 -7.15
CA HIS A 82 -12.73 -12.55 -7.80
C HIS A 82 -14.24 -12.60 -8.02
N CYS A 83 -14.72 -11.64 -8.80
CA CYS A 83 -16.14 -11.56 -9.10
C CYS A 83 -16.33 -10.71 -10.36
N LEU A 84 -17.15 -11.21 -11.26
CA LEU A 84 -17.41 -10.50 -12.50
C LEU A 84 -18.93 -10.32 -12.66
N ASN A 85 -19.57 -9.96 -11.56
CA ASN A 85 -21.01 -9.75 -11.57
C ASN A 85 -21.37 -8.70 -10.51
N GLU A 86 -22.59 -8.19 -10.62
CA GLU A 86 -23.07 -7.19 -9.70
C GLU A 86 -22.47 -5.82 -10.03
N THR A 87 -23.35 -4.83 -10.11
CA THR A 87 -22.92 -3.48 -10.43
C THR A 87 -22.43 -2.76 -9.17
N ASN A 88 -22.34 -3.54 -8.09
CA ASN A 88 -21.88 -2.99 -6.82
C ASN A 88 -20.47 -3.52 -6.53
N VAL A 89 -19.51 -2.98 -7.27
CA VAL A 89 -18.13 -3.39 -7.10
C VAL A 89 -17.40 -2.32 -6.29
N THR A 90 -18.10 -1.80 -5.29
CA THR A 90 -17.52 -0.77 -4.43
C THR A 90 -16.80 -1.42 -3.25
N LYS A 91 -16.93 -2.73 -3.15
CA LYS A 91 -16.30 -3.48 -2.09
C LYS A 91 -15.45 -4.61 -2.68
N ASP A 92 -14.14 -4.39 -2.66
CA ASP A 92 -13.22 -5.38 -3.19
C ASP A 92 -11.98 -5.44 -2.29
N VAL A 93 -11.03 -6.26 -2.71
CA VAL A 93 -9.79 -6.42 -1.96
C VAL A 93 -8.62 -6.03 -2.85
N VAL A 94 -7.43 -6.04 -2.24
CA VAL A 94 -6.22 -5.68 -2.97
C VAL A 94 -5.13 -6.71 -2.66
N CYS A 95 -4.24 -6.90 -3.62
CA CYS A 95 -3.16 -7.84 -3.47
C CYS A 95 -2.11 -7.23 -2.55
N LEU A 96 -1.59 -8.05 -1.66
CA LEU A 96 -0.58 -7.60 -0.71
C LEU A 96 0.80 -7.70 -1.36
N ASN A 97 1.07 -8.87 -1.91
CA ASN A 97 2.36 -9.11 -2.56
C ASN A 97 2.60 -8.01 -3.60
N ASP A 98 1.53 -7.65 -4.30
CA ASP A 98 1.62 -6.62 -5.32
C ASP A 98 2.12 -5.32 -4.69
N VAL A 99 1.41 -4.90 -3.64
CA VAL A 99 1.78 -3.68 -2.94
C VAL A 99 3.17 -3.83 -2.35
N SER A 100 3.45 -5.04 -1.86
CA SER A 100 4.75 -5.32 -1.27
C SER A 100 5.85 -5.14 -2.31
N CYS A 101 5.46 -5.24 -3.57
CA CYS A 101 6.40 -5.10 -4.67
C CYS A 101 6.69 -3.60 -4.85
N TYR A 102 5.64 -2.81 -4.76
CA TYR A 102 5.76 -1.38 -4.90
C TYR A 102 6.62 -0.78 -3.79
N PHE A 103 6.21 -1.05 -2.56
CA PHE A 103 6.93 -0.54 -1.41
C PHE A 103 8.37 -1.03 -1.42
N SER A 104 8.59 -2.16 -2.06
CA SER A 104 9.91 -2.74 -2.14
C SER A 104 10.86 -1.80 -2.87
N LEU A 105 10.34 -1.18 -3.93
CA LEU A 105 11.11 -0.25 -4.72
C LEU A 105 11.31 1.04 -3.93
N LEU A 106 10.32 1.35 -3.09
CA LEU A 106 10.37 2.55 -2.28
C LEU A 106 11.63 2.51 -1.40
N GLU A 107 11.66 1.53 -0.51
CA GLU A 107 12.78 1.38 0.40
C GLU A 107 14.06 1.10 -0.39
N GLY A 108 13.91 0.33 -1.46
CA GLY A 108 15.04 -0.02 -2.31
C GLY A 108 15.73 1.24 -2.82
N GLY A 109 15.02 1.97 -3.68
CA GLY A 109 15.56 3.19 -4.25
C GLY A 109 14.87 3.52 -5.58
N ARG A 110 13.75 4.21 -5.47
CA ARG A 110 13.00 4.59 -6.65
C ARG A 110 13.09 6.10 -6.87
N PRO A 111 13.99 6.49 -7.82
CA PRO A 111 14.18 7.89 -8.13
C PRO A 111 13.02 8.43 -8.97
N GLU A 112 13.16 9.69 -9.38
CA GLU A 112 12.13 10.33 -10.19
C GLU A 112 12.55 11.76 -10.52
N ASP A 113 13.20 12.40 -9.56
CA ASP A 113 13.65 13.77 -9.73
C ASP A 113 12.52 14.59 -10.36
N LYS A 114 11.29 14.27 -9.96
CA LYS A 114 10.14 14.97 -10.48
C LYS A 114 9.76 16.10 -9.52
N LEU A 115 8.91 16.99 -10.00
CA LEU A 115 8.47 18.12 -9.20
C LEU A 115 7.41 17.64 -8.20
N GLU A 116 6.96 18.58 -7.38
CA GLU A 116 5.95 18.28 -6.38
C GLU A 116 5.09 19.51 -6.11
N TRP A 117 3.78 19.29 -6.17
CA TRP A 117 2.83 20.36 -5.95
C TRP A 117 2.45 20.35 -4.46
N SER A 118 1.19 20.05 -4.20
CA SER A 118 0.70 20.01 -2.84
C SER A 118 -0.37 18.91 -2.71
N MET A 1 11.48 -8.43 -8.61
CA MET A 1 10.11 -8.00 -8.81
C MET A 1 10.05 -6.53 -9.24
N ALA A 2 9.93 -6.33 -10.54
CA ALA A 2 9.86 -4.99 -11.09
C ALA A 2 8.92 -4.99 -12.30
N LYS A 3 7.67 -5.29 -12.03
CA LYS A 3 6.66 -5.33 -13.09
C LYS A 3 6.13 -3.91 -13.32
N GLU A 4 4.81 -3.80 -13.27
CA GLU A 4 4.16 -2.52 -13.47
C GLU A 4 2.80 -2.48 -12.78
N ARG A 5 1.94 -1.61 -13.27
CA ARG A 5 0.61 -1.47 -12.71
C ARG A 5 0.68 -0.88 -11.30
N GLY A 6 0.04 0.27 -11.15
CA GLY A 6 0.02 0.95 -9.87
C GLY A 6 1.10 2.04 -9.81
N LEU A 7 0.65 3.27 -9.88
CA LEU A 7 1.56 4.41 -9.84
C LEU A 7 0.92 5.55 -9.05
N ILE A 8 1.73 6.15 -8.18
CA ILE A 8 1.26 7.25 -7.36
C ILE A 8 2.05 8.51 -7.68
N SER A 9 1.31 9.54 -8.05
CA SER A 9 1.93 10.82 -8.40
C SER A 9 2.92 11.23 -7.31
N PRO A 10 3.56 12.41 -7.53
CA PRO A 10 4.53 12.93 -6.58
C PRO A 10 3.84 13.50 -5.34
N SER A 11 2.51 13.56 -5.42
CA SER A 11 1.72 14.08 -4.33
C SER A 11 1.58 13.02 -3.23
N ASP A 12 1.21 11.81 -3.67
CA ASP A 12 1.04 10.70 -2.74
C ASP A 12 2.41 10.19 -2.30
N PHE A 13 3.33 10.18 -3.26
CA PHE A 13 4.68 9.72 -2.99
C PHE A 13 5.41 10.67 -2.04
N ALA A 14 5.14 11.95 -2.23
CA ALA A 14 5.77 12.98 -1.39
C ALA A 14 5.44 12.71 0.08
N GLN A 15 4.15 12.65 0.36
CA GLN A 15 3.69 12.40 1.72
C GLN A 15 4.31 11.10 2.25
N LEU A 16 4.09 10.03 1.51
CA LEU A 16 4.62 8.73 1.89
C LEU A 16 6.13 8.84 2.11
N GLN A 17 6.77 9.58 1.20
CA GLN A 17 8.21 9.76 1.28
C GLN A 17 8.60 10.32 2.65
N LYS A 18 8.05 11.50 2.95
CA LYS A 18 8.35 12.15 4.21
C LYS A 18 8.08 11.17 5.35
N TYR A 19 6.85 10.69 5.42
CA TYR A 19 6.46 9.75 6.46
C TYR A 19 7.44 8.57 6.52
N MET A 20 7.63 7.94 5.36
CA MET A 20 8.53 6.81 5.27
C MET A 20 9.94 7.19 5.73
N GLU A 21 10.41 8.31 5.22
CA GLU A 21 11.74 8.78 5.57
C GLU A 21 11.96 8.67 7.08
N TYR A 22 10.90 8.95 7.82
CA TYR A 22 10.97 8.88 9.28
C TYR A 22 10.98 7.42 9.76
N SER A 23 10.23 6.60 9.06
CA SER A 23 10.14 5.19 9.39
C SER A 23 11.29 4.42 8.74
N THR A 24 11.58 3.26 9.32
CA THR A 24 12.66 2.43 8.80
C THR A 24 12.22 0.96 8.78
N LYS A 25 10.92 0.76 8.93
CA LYS A 25 10.37 -0.59 8.93
C LYS A 25 10.30 -1.10 7.50
N LYS A 26 9.72 -2.29 7.35
CA LYS A 26 9.58 -2.90 6.05
C LYS A 26 8.16 -3.47 5.90
N VAL A 27 7.63 -3.32 4.70
CA VAL A 27 6.29 -3.80 4.40
C VAL A 27 6.30 -5.34 4.37
N SER A 28 7.44 -5.87 3.94
CA SER A 28 7.59 -7.31 3.85
C SER A 28 7.48 -7.94 5.24
N ASP A 29 8.11 -7.28 6.21
CA ASP A 29 8.08 -7.76 7.58
C ASP A 29 6.73 -7.44 8.21
N VAL A 30 6.23 -6.25 7.87
CA VAL A 30 4.95 -5.81 8.40
C VAL A 30 3.85 -6.80 7.98
N LEU A 31 4.00 -7.30 6.76
CA LEU A 31 3.04 -8.25 6.23
C LEU A 31 3.02 -9.50 7.11
N LYS A 32 4.13 -9.71 7.81
CA LYS A 32 4.24 -10.86 8.69
C LYS A 32 3.13 -10.80 9.75
N LEU A 33 2.66 -9.58 10.01
CA LEU A 33 1.61 -9.38 10.98
C LEU A 33 0.25 -9.66 10.33
N PHE A 34 0.22 -9.45 9.02
CA PHE A 34 -1.01 -9.67 8.26
C PHE A 34 -1.25 -11.16 8.03
N GLU A 35 -0.23 -11.95 8.32
CA GLU A 35 -0.30 -13.39 8.15
C GLU A 35 -0.50 -14.07 9.51
N ASP A 36 0.29 -13.63 10.48
CA ASP A 36 0.21 -14.19 11.82
C ASP A 36 -0.27 -13.11 12.79
N GLY A 37 0.12 -11.88 12.50
CA GLY A 37 -0.26 -10.75 13.33
C GLY A 37 -1.78 -10.57 13.35
N GLU A 38 -2.26 -9.96 14.41
CA GLU A 38 -3.69 -9.71 14.56
C GLU A 38 -4.24 -9.03 13.31
N MET A 39 -3.35 -8.38 12.58
CA MET A 39 -3.73 -7.69 11.36
C MET A 39 -4.30 -8.67 10.33
N ALA A 40 -4.10 -9.95 10.61
CA ALA A 40 -4.59 -10.99 9.71
C ALA A 40 -6.10 -11.13 9.86
N LYS A 41 -6.65 -10.33 10.78
CA LYS A 41 -8.07 -10.36 11.03
C LYS A 41 -8.80 -9.66 9.88
N TYR A 42 -8.12 -8.69 9.30
CA TYR A 42 -8.69 -7.94 8.19
C TYR A 42 -8.06 -8.38 6.85
N VAL A 43 -7.73 -9.66 6.78
CA VAL A 43 -7.13 -10.20 5.58
C VAL A 43 -7.94 -11.41 5.12
N GLN A 44 -8.30 -11.37 3.84
CA GLN A 44 -9.08 -12.44 3.25
C GLN A 44 -8.16 -13.43 2.52
N GLY A 45 -7.81 -14.49 3.23
CA GLY A 45 -6.93 -15.51 2.66
C GLY A 45 -5.56 -14.93 2.34
N ASP A 46 -5.39 -14.54 1.08
CA ASP A 46 -4.12 -13.98 0.63
C ASP A 46 -4.37 -12.58 0.06
N ALA A 47 -5.49 -11.99 0.49
CA ALA A 47 -5.85 -10.66 0.03
C ALA A 47 -6.24 -9.80 1.23
N ILE A 48 -6.56 -8.55 0.95
CA ILE A 48 -6.95 -7.62 1.98
C ILE A 48 -8.01 -6.65 1.43
N GLY A 49 -8.85 -6.17 2.33
CA GLY A 49 -9.90 -5.25 1.96
C GLY A 49 -9.37 -3.82 1.84
N TYR A 50 -10.29 -2.90 1.60
CA TYR A 50 -9.93 -1.50 1.46
C TYR A 50 -9.53 -0.90 2.80
N GLU A 51 -10.28 -1.29 3.84
CA GLU A 51 -10.01 -0.81 5.17
C GLU A 51 -8.66 -1.32 5.67
N GLY A 52 -8.17 -2.35 4.99
CA GLY A 52 -6.89 -2.94 5.35
C GLY A 52 -5.72 -2.05 4.91
N PHE A 53 -6.00 -1.23 3.91
CA PHE A 53 -4.99 -0.33 3.38
C PHE A 53 -4.68 0.78 4.38
N GLN A 54 -5.74 1.43 4.85
CA GLN A 54 -5.58 2.52 5.81
C GLN A 54 -5.09 1.97 7.16
N GLN A 55 -5.48 0.72 7.42
CA GLN A 55 -5.09 0.07 8.65
C GLN A 55 -3.62 -0.34 8.61
N PHE A 56 -3.12 -0.51 7.39
CA PHE A 56 -1.74 -0.90 7.18
C PHE A 56 -0.79 0.27 7.42
N LEU A 57 -1.16 1.41 6.86
CA LEU A 57 -0.36 2.62 7.00
C LEU A 57 -0.13 2.90 8.50
N LYS A 58 -1.03 2.35 9.30
CA LYS A 58 -0.95 2.53 10.74
C LYS A 58 0.29 1.80 11.27
N ILE A 59 0.31 0.50 11.05
CA ILE A 59 1.42 -0.33 11.50
C ILE A 59 2.63 -0.07 10.61
N TYR A 60 2.38 -0.05 9.30
CA TYR A 60 3.44 0.19 8.34
C TYR A 60 4.41 1.26 8.84
N LEU A 61 3.88 2.48 8.99
CA LEU A 61 4.70 3.58 9.45
C LEU A 61 4.59 3.68 10.97
N GLU A 62 3.70 2.87 11.52
CA GLU A 62 3.49 2.85 12.96
C GLU A 62 2.76 4.12 13.41
N VAL A 63 2.39 4.92 12.43
CA VAL A 63 1.69 6.16 12.71
C VAL A 63 0.50 5.87 13.62
N ASP A 64 0.05 6.92 14.30
CA ASP A 64 -1.09 6.79 15.21
C ASP A 64 -2.37 7.22 14.49
N ASN A 65 -2.18 7.79 13.31
CA ASN A 65 -3.30 8.24 12.50
C ASN A 65 -2.80 8.64 11.11
N VAL A 66 -3.29 7.90 10.12
CA VAL A 66 -2.91 8.15 8.74
C VAL A 66 -4.03 8.91 8.04
N PRO A 67 -3.62 9.78 7.07
CA PRO A 67 -4.58 10.57 6.32
C PRO A 67 -5.31 9.72 5.29
N ARG A 68 -6.62 9.66 5.44
CA ARG A 68 -7.46 8.89 4.53
C ARG A 68 -7.23 9.34 3.08
N HIS A 69 -6.92 10.62 2.94
CA HIS A 69 -6.67 11.19 1.63
C HIS A 69 -5.62 10.36 0.89
N LEU A 70 -4.51 10.14 1.57
CA LEU A 70 -3.42 9.36 1.00
C LEU A 70 -3.85 7.89 0.89
N SER A 71 -4.43 7.40 1.98
CA SER A 71 -4.89 6.02 2.02
C SER A 71 -5.87 5.75 0.87
N LEU A 72 -6.52 6.82 0.45
CA LEU A 72 -7.49 6.73 -0.63
C LEU A 72 -6.75 6.49 -1.95
N ALA A 73 -5.74 7.32 -2.18
CA ALA A 73 -4.95 7.21 -3.39
C ALA A 73 -4.06 5.97 -3.31
N LEU A 74 -3.62 5.68 -2.10
CA LEU A 74 -2.76 4.52 -1.88
C LEU A 74 -3.47 3.27 -2.40
N PHE A 75 -4.76 3.20 -2.12
CA PHE A 75 -5.56 2.06 -2.54
C PHE A 75 -5.78 2.08 -4.06
N GLN A 76 -5.95 3.29 -4.58
CA GLN A 76 -6.16 3.47 -6.01
C GLN A 76 -4.98 2.89 -6.80
N SER A 77 -3.79 3.14 -6.29
CA SER A 77 -2.58 2.65 -6.94
C SER A 77 -2.76 1.18 -7.34
N PHE A 78 -2.94 0.34 -6.33
CA PHE A 78 -3.12 -1.08 -6.58
C PHE A 78 -4.46 -1.56 -6.02
N GLU A 79 -5.19 -2.26 -6.88
CA GLU A 79 -6.49 -2.79 -6.49
C GLU A 79 -6.61 -4.26 -6.87
N THR A 80 -7.84 -4.68 -7.13
CA THR A 80 -8.09 -6.07 -7.50
C THR A 80 -7.55 -6.34 -8.91
N GLY A 81 -7.20 -5.26 -9.60
CA GLY A 81 -6.67 -5.39 -10.95
C GLY A 81 -7.76 -5.80 -11.93
N HIS A 82 -8.96 -5.26 -11.72
CA HIS A 82 -10.08 -5.57 -12.58
C HIS A 82 -10.92 -4.30 -12.80
N CYS A 83 -11.98 -4.19 -12.02
CA CYS A 83 -12.87 -3.04 -12.14
C CYS A 83 -13.48 -3.03 -13.53
N LEU A 84 -13.77 -4.22 -14.03
CA LEU A 84 -14.36 -4.36 -15.35
C LEU A 84 -15.88 -4.35 -15.23
N ASN A 85 -16.38 -3.50 -14.35
CA ASN A 85 -17.81 -3.38 -14.13
C ASN A 85 -18.41 -4.78 -13.92
N GLU A 86 -18.42 -5.20 -12.66
CA GLU A 86 -18.96 -6.50 -12.32
C GLU A 86 -19.95 -6.38 -11.18
N THR A 87 -20.51 -5.19 -11.05
CA THR A 87 -21.49 -4.92 -10.00
C THR A 87 -21.09 -5.64 -8.71
N ASN A 88 -19.83 -5.45 -8.33
CA ASN A 88 -19.31 -6.06 -7.12
C ASN A 88 -18.25 -5.16 -6.51
N VAL A 89 -18.72 -4.13 -5.80
CA VAL A 89 -17.82 -3.19 -5.16
C VAL A 89 -18.21 -3.04 -3.69
N THR A 90 -18.58 -4.16 -3.09
CA THR A 90 -18.97 -4.18 -1.70
C THR A 90 -17.87 -4.80 -0.84
N LYS A 91 -16.89 -5.37 -1.51
CA LYS A 91 -15.77 -6.01 -0.82
C LYS A 91 -14.65 -6.28 -1.83
N ASP A 92 -13.92 -5.22 -2.15
CA ASP A 92 -12.83 -5.33 -3.10
C ASP A 92 -11.56 -5.75 -2.35
N VAL A 93 -10.99 -6.86 -2.79
CA VAL A 93 -9.79 -7.38 -2.17
C VAL A 93 -8.60 -7.15 -3.10
N VAL A 94 -7.48 -6.77 -2.51
CA VAL A 94 -6.27 -6.51 -3.28
C VAL A 94 -5.15 -7.42 -2.78
N CYS A 95 -4.46 -8.04 -3.74
CA CYS A 95 -3.38 -8.94 -3.40
C CYS A 95 -2.27 -8.12 -2.73
N LEU A 96 -1.82 -8.63 -1.59
CA LEU A 96 -0.77 -7.96 -0.84
C LEU A 96 0.55 -8.07 -1.60
N ASN A 97 0.81 -9.28 -2.10
CA ASN A 97 2.03 -9.52 -2.85
C ASN A 97 2.19 -8.46 -3.93
N ASP A 98 1.05 -8.02 -4.46
CA ASP A 98 1.06 -7.00 -5.49
C ASP A 98 1.48 -5.66 -4.89
N VAL A 99 1.01 -5.42 -3.67
CA VAL A 99 1.33 -4.19 -2.97
C VAL A 99 2.77 -4.24 -2.48
N SER A 100 3.17 -5.43 -2.03
CA SER A 100 4.53 -5.62 -1.54
C SER A 100 5.54 -5.22 -2.61
N CYS A 101 5.08 -5.25 -3.85
CA CYS A 101 5.93 -4.90 -4.98
C CYS A 101 6.05 -3.38 -5.02
N TYR A 102 4.89 -2.72 -5.00
CA TYR A 102 4.85 -1.27 -5.05
C TYR A 102 5.73 -0.67 -3.95
N PHE A 103 5.46 -1.08 -2.73
CA PHE A 103 6.20 -0.59 -1.59
C PHE A 103 7.66 -1.06 -1.65
N SER A 104 7.84 -2.26 -2.18
CA SER A 104 9.17 -2.83 -2.31
C SER A 104 10.06 -1.91 -3.14
N LEU A 105 9.42 -1.19 -4.06
CA LEU A 105 10.15 -0.27 -4.92
C LEU A 105 10.55 0.98 -4.11
N LEU A 106 9.61 1.43 -3.30
CA LEU A 106 9.85 2.61 -2.48
C LEU A 106 11.06 2.36 -1.58
N GLU A 107 10.97 1.30 -0.79
CA GLU A 107 12.06 0.95 0.11
C GLU A 107 13.35 0.75 -0.66
N GLY A 108 13.22 0.09 -1.81
CA GLY A 108 14.37 -0.17 -2.66
C GLY A 108 15.60 -0.54 -1.81
N GLY A 109 15.53 -1.71 -1.19
CA GLY A 109 16.61 -2.18 -0.35
C GLY A 109 17.67 -2.91 -1.19
N ARG A 110 18.00 -2.31 -2.32
CA ARG A 110 18.98 -2.88 -3.22
C ARG A 110 20.09 -1.86 -3.54
N PRO A 111 21.30 -2.14 -3.01
CA PRO A 111 22.44 -1.27 -3.24
C PRO A 111 22.97 -1.42 -4.66
N GLU A 112 23.59 -0.34 -5.13
CA GLU A 112 24.15 -0.34 -6.47
C GLU A 112 24.83 1.00 -6.76
N ASP A 113 24.22 2.06 -6.26
CA ASP A 113 24.76 3.40 -6.44
C ASP A 113 23.83 4.42 -5.78
N LYS A 114 24.20 4.81 -4.57
CA LYS A 114 23.41 5.78 -3.82
C LYS A 114 23.82 7.19 -4.25
N LEU A 115 22.98 8.15 -3.87
CA LEU A 115 23.23 9.53 -4.20
C LEU A 115 24.49 10.00 -3.47
N GLU A 116 24.87 11.24 -3.74
CA GLU A 116 26.05 11.82 -3.13
C GLU A 116 25.65 12.82 -2.04
N TRP A 117 26.49 13.83 -1.85
CA TRP A 117 26.23 14.84 -0.86
C TRP A 117 27.30 15.94 -1.01
N SER A 118 28.35 15.80 -0.21
CA SER A 118 29.44 16.76 -0.25
C SER A 118 30.76 16.07 0.11
N MET A 1 -1.24 -7.72 -14.13
CA MET A 1 -0.83 -6.33 -14.08
C MET A 1 -0.14 -5.91 -15.39
N ALA A 2 -0.96 -5.62 -16.38
CA ALA A 2 -0.45 -5.21 -17.68
C ALA A 2 -1.32 -4.07 -18.23
N LYS A 3 -1.59 -3.11 -17.36
CA LYS A 3 -2.41 -1.96 -17.74
C LYS A 3 -1.98 -0.75 -16.91
N GLU A 4 -2.94 -0.20 -16.20
CA GLU A 4 -2.68 0.97 -15.36
C GLU A 4 -3.99 1.56 -14.86
N ARG A 5 -3.89 2.29 -13.75
CA ARG A 5 -5.06 2.91 -13.15
C ARG A 5 -4.67 3.65 -11.87
N GLY A 6 -5.35 4.75 -11.63
CA GLY A 6 -5.09 5.56 -10.44
C GLY A 6 -3.62 5.97 -10.38
N LEU A 7 -3.39 7.26 -10.60
CA LEU A 7 -2.04 7.79 -10.58
C LEU A 7 -1.92 8.81 -9.44
N ILE A 8 -1.04 8.51 -8.50
CA ILE A 8 -0.83 9.40 -7.36
C ILE A 8 0.35 10.31 -7.66
N SER A 9 0.06 11.60 -7.72
CA SER A 9 1.08 12.60 -8.00
C SER A 9 2.28 12.38 -7.06
N PRO A 10 3.32 13.25 -7.24
CA PRO A 10 4.51 13.15 -6.43
C PRO A 10 4.26 13.70 -5.02
N SER A 11 3.03 14.13 -4.80
CA SER A 11 2.64 14.66 -3.50
C SER A 11 2.38 13.53 -2.51
N ASP A 12 1.55 12.58 -2.96
CA ASP A 12 1.21 11.45 -2.13
C ASP A 12 2.42 10.52 -2.03
N PHE A 13 3.16 10.45 -3.11
CA PHE A 13 4.35 9.61 -3.16
C PHE A 13 5.47 10.20 -2.29
N ALA A 14 5.55 11.52 -2.31
CA ALA A 14 6.57 12.22 -1.55
C ALA A 14 6.26 12.09 -0.06
N GLN A 15 4.97 12.16 0.27
CA GLN A 15 4.54 12.05 1.65
C GLN A 15 4.87 10.67 2.19
N LEU A 16 4.44 9.65 1.47
CA LEU A 16 4.69 8.28 1.88
C LEU A 16 6.20 8.06 2.00
N GLN A 17 6.91 8.47 0.97
CA GLN A 17 8.36 8.33 0.94
C GLN A 17 8.99 9.16 2.06
N LYS A 18 8.26 10.18 2.49
CA LYS A 18 8.74 11.04 3.55
C LYS A 18 8.47 10.38 4.91
N TYR A 19 7.22 10.00 5.10
CA TYR A 19 6.83 9.36 6.35
C TYR A 19 7.55 8.03 6.53
N MET A 20 7.47 7.20 5.50
CA MET A 20 8.12 5.90 5.55
C MET A 20 9.63 6.04 5.71
N GLU A 21 10.14 7.19 5.30
CA GLU A 21 11.56 7.46 5.39
C GLU A 21 11.99 7.52 6.85
N TYR A 22 11.30 8.36 7.61
CA TYR A 22 11.60 8.53 9.02
C TYR A 22 11.82 7.16 9.70
N SER A 23 10.93 6.24 9.37
CA SER A 23 11.01 4.90 9.93
C SER A 23 12.07 4.09 9.20
N THR A 24 12.48 2.99 9.83
CA THR A 24 13.49 2.12 9.25
C THR A 24 12.98 0.69 9.18
N LYS A 25 11.67 0.55 9.30
CA LYS A 25 11.04 -0.77 9.26
C LYS A 25 10.99 -1.25 7.81
N LYS A 26 10.38 -2.41 7.63
CA LYS A 26 10.25 -2.99 6.30
C LYS A 26 8.81 -3.50 6.12
N VAL A 27 8.35 -3.42 4.88
CA VAL A 27 7.00 -3.89 4.55
C VAL A 27 6.92 -5.39 4.78
N SER A 28 8.04 -6.06 4.58
CA SER A 28 8.10 -7.50 4.76
C SER A 28 7.63 -7.87 6.17
N ASP A 29 8.03 -7.05 7.13
CA ASP A 29 7.67 -7.28 8.51
C ASP A 29 6.21 -6.87 8.72
N VAL A 30 5.89 -5.68 8.23
CA VAL A 30 4.54 -5.16 8.36
C VAL A 30 3.55 -6.15 7.73
N LEU A 31 4.00 -6.79 6.66
CA LEU A 31 3.17 -7.77 5.97
C LEU A 31 3.03 -9.02 6.83
N LYS A 32 4.12 -9.36 7.51
CA LYS A 32 4.13 -10.52 8.37
C LYS A 32 3.05 -10.38 9.44
N LEU A 33 2.66 -9.13 9.67
CA LEU A 33 1.63 -8.84 10.66
C LEU A 33 0.26 -9.17 10.07
N PHE A 34 0.14 -8.94 8.77
CA PHE A 34 -1.10 -9.20 8.08
C PHE A 34 -1.25 -10.69 7.75
N GLU A 35 -0.14 -11.40 7.88
CA GLU A 35 -0.14 -12.84 7.61
C GLU A 35 -0.58 -13.61 8.84
N ASP A 36 0.15 -13.41 9.93
CA ASP A 36 -0.16 -14.08 11.18
C ASP A 36 -0.54 -13.04 12.24
N GLY A 37 0.07 -11.87 12.11
CA GLY A 37 -0.20 -10.79 13.06
C GLY A 37 -1.71 -10.55 13.19
N GLU A 38 -2.04 -9.53 13.97
CA GLU A 38 -3.42 -9.18 14.19
C GLU A 38 -4.04 -8.61 12.91
N MET A 39 -3.19 -7.98 12.12
CA MET A 39 -3.64 -7.39 10.87
C MET A 39 -4.31 -8.44 9.97
N ALA A 40 -4.07 -9.70 10.30
CA ALA A 40 -4.64 -10.80 9.55
C ALA A 40 -6.12 -10.95 9.91
N LYS A 41 -6.56 -10.11 10.85
CA LYS A 41 -7.94 -10.14 11.29
C LYS A 41 -8.85 -9.67 10.16
N TYR A 42 -8.33 -8.72 9.39
CA TYR A 42 -9.09 -8.16 8.28
C TYR A 42 -8.47 -8.59 6.94
N VAL A 43 -8.07 -9.85 6.88
CA VAL A 43 -7.45 -10.38 5.68
C VAL A 43 -8.24 -11.60 5.20
N GLN A 44 -8.38 -11.71 3.89
CA GLN A 44 -9.10 -12.82 3.30
C GLN A 44 -8.15 -13.71 2.51
N GLY A 45 -7.45 -14.58 3.24
CA GLY A 45 -6.51 -15.49 2.61
C GLY A 45 -5.18 -14.79 2.34
N ASP A 46 -5.01 -14.35 1.10
CA ASP A 46 -3.79 -13.66 0.70
C ASP A 46 -4.15 -12.29 0.14
N ALA A 47 -5.43 -11.98 0.16
CA ALA A 47 -5.91 -10.71 -0.35
C ALA A 47 -6.29 -9.81 0.84
N ILE A 48 -6.04 -8.52 0.66
CA ILE A 48 -6.34 -7.55 1.70
C ILE A 48 -7.51 -6.68 1.25
N GLY A 49 -8.17 -6.08 2.23
CA GLY A 49 -9.31 -5.22 1.95
C GLY A 49 -8.89 -3.75 1.89
N TYR A 50 -9.69 -2.96 1.18
CA TYR A 50 -9.41 -1.55 1.03
C TYR A 50 -9.38 -0.85 2.39
N GLU A 51 -10.26 -1.31 3.27
CA GLU A 51 -10.34 -0.74 4.61
C GLU A 51 -9.14 -1.17 5.45
N GLY A 52 -8.87 -2.47 5.42
CA GLY A 52 -7.75 -3.02 6.16
C GLY A 52 -6.44 -2.31 5.80
N PHE A 53 -6.30 -2.00 4.52
CA PHE A 53 -5.12 -1.32 4.04
C PHE A 53 -4.89 -0.01 4.79
N GLN A 54 -5.98 0.55 5.29
CA GLN A 54 -5.92 1.79 6.04
C GLN A 54 -5.13 1.60 7.33
N GLN A 55 -5.22 0.39 7.86
CA GLN A 55 -4.54 0.06 9.10
C GLN A 55 -3.04 -0.13 8.84
N PHE A 56 -2.74 -0.66 7.66
CA PHE A 56 -1.37 -0.91 7.27
C PHE A 56 -0.54 0.39 7.34
N LEU A 57 -1.15 1.46 6.84
CA LEU A 57 -0.48 2.76 6.84
C LEU A 57 -0.16 3.15 8.28
N LYS A 58 -0.90 2.56 9.21
CA LYS A 58 -0.70 2.86 10.62
C LYS A 58 0.64 2.26 11.08
N ILE A 59 0.74 0.95 10.92
CA ILE A 59 1.96 0.25 11.32
C ILE A 59 3.08 0.57 10.32
N TYR A 60 2.72 0.46 9.04
CA TYR A 60 3.68 0.74 7.98
C TYR A 60 4.53 1.96 8.31
N LEU A 61 3.90 3.12 8.21
CA LEU A 61 4.58 4.37 8.50
C LEU A 61 4.64 4.59 10.02
N GLU A 62 4.01 3.67 10.73
CA GLU A 62 3.98 3.74 12.19
C GLU A 62 3.19 4.98 12.64
N VAL A 63 2.53 5.60 11.68
CA VAL A 63 1.74 6.79 11.96
C VAL A 63 0.62 6.43 12.94
N ASP A 64 0.09 7.46 13.58
CA ASP A 64 -0.99 7.26 14.54
C ASP A 64 -2.31 7.66 13.89
N ASN A 65 -2.21 8.27 12.72
CA ASN A 65 -3.39 8.71 11.99
C ASN A 65 -3.00 9.02 10.55
N VAL A 66 -3.51 8.21 9.64
CA VAL A 66 -3.23 8.41 8.22
C VAL A 66 -4.41 9.11 7.57
N PRO A 67 -4.07 9.94 6.53
CA PRO A 67 -5.09 10.68 5.81
C PRO A 67 -5.88 9.76 4.88
N ARG A 68 -7.18 10.02 4.81
CA ARG A 68 -8.05 9.23 3.95
C ARG A 68 -7.80 9.55 2.48
N HIS A 69 -7.37 10.80 2.25
CA HIS A 69 -7.09 11.25 0.90
C HIS A 69 -6.04 10.32 0.26
N LEU A 70 -4.97 10.10 1.00
CA LEU A 70 -3.90 9.24 0.51
C LEU A 70 -4.37 7.78 0.53
N SER A 71 -4.99 7.40 1.64
CA SER A 71 -5.48 6.05 1.79
C SER A 71 -6.46 5.72 0.66
N LEU A 72 -7.16 6.75 0.20
CA LEU A 72 -8.13 6.59 -0.87
C LEU A 72 -7.38 6.32 -2.18
N ALA A 73 -6.38 7.15 -2.45
CA ALA A 73 -5.59 7.00 -3.65
C ALA A 73 -4.73 5.75 -3.54
N LEU A 74 -4.42 5.38 -2.31
CA LEU A 74 -3.60 4.21 -2.05
C LEU A 74 -4.38 2.96 -2.45
N PHE A 75 -5.69 3.05 -2.33
CA PHE A 75 -6.56 1.94 -2.68
C PHE A 75 -6.66 1.77 -4.20
N GLN A 76 -7.05 2.85 -4.86
CA GLN A 76 -7.19 2.84 -6.30
C GLN A 76 -5.84 2.58 -6.96
N SER A 77 -4.79 2.90 -6.23
CA SER A 77 -3.44 2.70 -6.73
C SER A 77 -3.28 1.27 -7.26
N PHE A 78 -4.07 0.37 -6.69
CA PHE A 78 -4.03 -1.03 -7.10
C PHE A 78 -5.42 -1.64 -7.06
N GLU A 79 -5.55 -2.78 -7.75
CA GLU A 79 -6.83 -3.48 -7.79
C GLU A 79 -6.70 -4.74 -8.65
N THR A 80 -7.69 -5.61 -8.52
CA THR A 80 -7.70 -6.85 -9.27
C THR A 80 -8.95 -6.92 -10.17
N GLY A 81 -9.54 -8.10 -10.20
CA GLY A 81 -10.73 -8.31 -11.01
C GLY A 81 -11.86 -7.35 -10.59
N HIS A 82 -11.89 -6.20 -11.25
CA HIS A 82 -12.90 -5.20 -10.95
C HIS A 82 -14.28 -5.74 -11.34
N CYS A 83 -14.56 -5.69 -12.64
CA CYS A 83 -15.83 -6.16 -13.15
C CYS A 83 -15.80 -6.05 -14.67
N LEU A 84 -16.51 -6.97 -15.31
CA LEU A 84 -16.57 -6.99 -16.77
C LEU A 84 -17.81 -6.22 -17.23
N ASN A 85 -17.88 -4.97 -16.78
CA ASN A 85 -19.00 -4.11 -17.14
C ASN A 85 -20.29 -4.72 -16.61
N GLU A 86 -20.42 -4.71 -15.29
CA GLU A 86 -21.60 -5.26 -14.64
C GLU A 86 -22.00 -4.41 -13.44
N THR A 87 -22.59 -5.07 -12.46
CA THR A 87 -23.02 -4.38 -11.25
C THR A 87 -22.63 -5.19 -10.01
N ASN A 88 -21.39 -5.67 -10.03
CA ASN A 88 -20.89 -6.46 -8.92
C ASN A 88 -19.47 -6.00 -8.59
N VAL A 89 -19.39 -5.06 -7.66
CA VAL A 89 -18.12 -4.52 -7.24
C VAL A 89 -17.95 -4.73 -5.73
N THR A 90 -18.41 -5.88 -5.27
CA THR A 90 -18.33 -6.22 -3.86
C THR A 90 -17.02 -6.95 -3.57
N LYS A 91 -16.76 -7.17 -2.29
CA LYS A 91 -15.55 -7.85 -1.87
C LYS A 91 -14.38 -7.41 -2.75
N ASP A 92 -13.92 -6.19 -2.50
CA ASP A 92 -12.82 -5.63 -3.26
C ASP A 92 -11.51 -5.88 -2.50
N VAL A 93 -10.83 -6.94 -2.89
CA VAL A 93 -9.57 -7.30 -2.26
C VAL A 93 -8.42 -7.00 -3.23
N VAL A 94 -7.21 -7.16 -2.72
CA VAL A 94 -6.02 -6.92 -3.52
C VAL A 94 -4.90 -7.86 -3.06
N CYS A 95 -4.03 -8.18 -4.01
CA CYS A 95 -2.90 -9.06 -3.71
C CYS A 95 -1.91 -8.31 -2.84
N LEU A 96 -1.40 -9.01 -1.83
CA LEU A 96 -0.44 -8.42 -0.90
C LEU A 96 0.88 -8.16 -1.65
N ASN A 97 1.35 -9.20 -2.31
CA ASN A 97 2.58 -9.10 -3.07
C ASN A 97 2.52 -7.89 -4.01
N ASP A 98 1.37 -7.74 -4.64
CA ASP A 98 1.16 -6.63 -5.56
C ASP A 98 1.39 -5.31 -4.82
N VAL A 99 0.88 -5.26 -3.60
CA VAL A 99 1.01 -4.07 -2.78
C VAL A 99 2.45 -3.97 -2.26
N SER A 100 3.02 -5.13 -1.97
CA SER A 100 4.38 -5.18 -1.46
C SER A 100 5.36 -4.77 -2.56
N CYS A 101 4.94 -4.99 -3.80
CA CYS A 101 5.76 -4.64 -4.95
C CYS A 101 5.79 -3.12 -5.08
N TYR A 102 4.66 -2.50 -4.79
CA TYR A 102 4.54 -1.06 -4.87
C TYR A 102 5.29 -0.39 -3.71
N PHE A 103 5.02 -0.88 -2.52
CA PHE A 103 5.66 -0.34 -1.32
C PHE A 103 7.16 -0.64 -1.31
N SER A 104 7.52 -1.73 -1.99
CA SER A 104 8.90 -2.14 -2.08
C SER A 104 9.72 -1.08 -2.82
N LEU A 105 9.03 -0.32 -3.67
CA LEU A 105 9.67 0.72 -4.44
C LEU A 105 9.99 1.90 -3.53
N LEU A 106 9.06 2.18 -2.63
CA LEU A 106 9.23 3.28 -1.69
C LEU A 106 10.63 3.20 -1.06
N GLU A 107 10.87 2.08 -0.39
CA GLU A 107 12.15 1.85 0.26
C GLU A 107 13.20 1.44 -0.76
N GLY A 108 12.73 0.79 -1.82
CA GLY A 108 13.62 0.33 -2.87
C GLY A 108 14.71 1.37 -3.16
N GLY A 109 14.27 2.60 -3.37
CA GLY A 109 15.18 3.68 -3.66
C GLY A 109 15.32 3.90 -5.17
N ARG A 110 14.18 4.13 -5.81
CA ARG A 110 14.16 4.36 -7.24
C ARG A 110 13.91 5.84 -7.54
N PRO A 111 15.00 6.51 -7.99
CA PRO A 111 14.92 7.93 -8.32
C PRO A 111 14.19 8.15 -9.65
N GLU A 112 13.61 9.33 -9.78
CA GLU A 112 12.87 9.67 -10.98
C GLU A 112 12.30 11.09 -10.87
N ASP A 113 11.88 11.43 -9.66
CA ASP A 113 11.31 12.74 -9.41
C ASP A 113 11.32 13.01 -7.90
N LYS A 114 12.18 13.94 -7.50
CA LYS A 114 12.29 14.31 -6.10
C LYS A 114 11.04 15.08 -5.67
N LEU A 115 10.99 15.40 -4.39
CA LEU A 115 9.86 16.13 -3.84
C LEU A 115 9.77 17.50 -4.52
N GLU A 116 8.73 18.24 -4.15
CA GLU A 116 8.52 19.56 -4.72
C GLU A 116 8.90 20.64 -3.69
N TRP A 117 8.20 21.75 -3.77
CA TRP A 117 8.46 22.87 -2.87
C TRP A 117 9.97 22.99 -2.69
N SER A 118 10.69 22.62 -3.75
CA SER A 118 12.13 22.69 -3.72
C SER A 118 12.64 23.54 -4.89
N MET A 1 -2.49 -6.64 -9.76
CA MET A 1 -2.40 -5.44 -10.58
C MET A 1 -1.89 -5.77 -11.98
N ALA A 2 -2.66 -5.33 -12.97
CA ALA A 2 -2.29 -5.57 -14.35
C ALA A 2 -3.15 -4.68 -15.27
N LYS A 3 -3.28 -3.43 -14.85
CA LYS A 3 -4.06 -2.47 -15.61
C LYS A 3 -3.47 -1.08 -15.42
N GLU A 4 -4.30 -0.18 -14.90
CA GLU A 4 -3.88 1.19 -14.66
C GLU A 4 -2.94 1.26 -13.45
N ARG A 5 -1.65 1.38 -13.72
CA ARG A 5 -0.66 1.45 -12.67
C ARG A 5 -1.07 2.49 -11.64
N GLY A 6 -0.23 2.62 -10.61
CA GLY A 6 -0.50 3.58 -9.54
C GLY A 6 -0.07 4.99 -9.96
N LEU A 7 -0.94 5.62 -10.73
CA LEU A 7 -0.67 6.98 -11.20
C LEU A 7 -0.94 7.97 -10.07
N ILE A 8 -0.14 7.85 -9.02
CA ILE A 8 -0.29 8.73 -7.86
C ILE A 8 0.60 9.97 -8.06
N SER A 9 -0.05 11.12 -8.13
CA SER A 9 0.66 12.36 -8.31
C SER A 9 1.80 12.48 -7.28
N PRO A 10 2.54 13.61 -7.38
CA PRO A 10 3.65 13.85 -6.47
C PRO A 10 3.15 14.24 -5.07
N SER A 11 1.83 14.30 -4.95
CA SER A 11 1.21 14.65 -3.69
C SER A 11 1.22 13.45 -2.75
N ASP A 12 0.77 12.32 -3.28
CA ASP A 12 0.71 11.10 -2.49
C ASP A 12 2.14 10.55 -2.32
N PHE A 13 2.94 10.71 -3.37
CA PHE A 13 4.31 10.24 -3.34
C PHE A 13 5.13 11.01 -2.31
N ALA A 14 4.97 12.32 -2.32
CA ALA A 14 5.69 13.17 -1.39
C ALA A 14 5.37 12.75 0.04
N GLN A 15 4.09 12.76 0.35
CA GLN A 15 3.63 12.39 1.69
C GLN A 15 4.24 11.04 2.09
N LEU A 16 4.04 10.06 1.22
CA LEU A 16 4.56 8.72 1.47
C LEU A 16 6.08 8.79 1.64
N GLN A 17 6.70 9.59 0.78
CA GLN A 17 8.14 9.76 0.82
C GLN A 17 8.58 10.24 2.21
N LYS A 18 7.99 11.34 2.64
CA LYS A 18 8.31 11.91 3.93
C LYS A 18 8.01 10.88 5.03
N TYR A 19 6.75 10.47 5.07
CA TYR A 19 6.31 9.49 6.05
C TYR A 19 7.21 8.26 6.05
N MET A 20 7.36 7.69 4.86
CA MET A 20 8.19 6.51 4.70
C MET A 20 9.59 6.74 5.27
N GLU A 21 10.18 7.86 4.88
CA GLU A 21 11.51 8.21 5.35
C GLU A 21 11.66 7.87 6.84
N TYR A 22 10.73 8.40 7.62
CA TYR A 22 10.74 8.16 9.05
C TYR A 22 10.75 6.67 9.37
N SER A 23 10.00 5.92 8.57
CA SER A 23 9.92 4.48 8.76
C SER A 23 11.16 3.82 8.16
N THR A 24 11.69 2.86 8.92
CA THR A 24 12.88 2.14 8.49
C THR A 24 12.68 0.63 8.67
N LYS A 25 11.42 0.25 8.79
CA LYS A 25 11.08 -1.15 8.97
C LYS A 25 10.87 -1.80 7.60
N LYS A 26 10.55 -3.09 7.62
CA LYS A 26 10.32 -3.83 6.39
C LYS A 26 8.81 -4.05 6.22
N VAL A 27 8.39 -4.07 4.96
CA VAL A 27 6.99 -4.27 4.64
C VAL A 27 6.63 -5.73 4.91
N SER A 28 7.59 -6.61 4.66
CA SER A 28 7.37 -8.03 4.86
C SER A 28 7.17 -8.32 6.35
N ASP A 29 7.84 -7.53 7.17
CA ASP A 29 7.73 -7.69 8.61
C ASP A 29 6.35 -7.21 9.07
N VAL A 30 5.92 -6.10 8.48
CA VAL A 30 4.62 -5.54 8.83
C VAL A 30 3.52 -6.43 8.26
N LEU A 31 3.77 -6.96 7.07
CA LEU A 31 2.81 -7.81 6.41
C LEU A 31 2.67 -9.11 7.20
N LYS A 32 3.73 -9.44 7.93
CA LYS A 32 3.74 -10.66 8.73
C LYS A 32 2.58 -10.60 9.73
N LEU A 33 2.19 -9.38 10.07
CA LEU A 33 1.11 -9.19 11.02
C LEU A 33 -0.22 -9.53 10.34
N PHE A 34 -0.27 -9.29 9.05
CA PHE A 34 -1.48 -9.58 8.28
C PHE A 34 -1.56 -11.06 7.92
N GLU A 35 -0.43 -11.75 8.10
CA GLU A 35 -0.36 -13.17 7.80
C GLU A 35 -0.85 -13.99 8.99
N ASP A 36 -0.19 -13.77 10.12
CA ASP A 36 -0.54 -14.49 11.34
C ASP A 36 -1.01 -13.48 12.39
N GLY A 37 -0.43 -12.29 12.33
CA GLY A 37 -0.79 -11.24 13.27
C GLY A 37 -2.30 -11.02 13.30
N GLU A 38 -2.70 -9.98 14.02
CA GLU A 38 -4.12 -9.66 14.15
C GLU A 38 -4.61 -8.94 12.88
N MET A 39 -3.66 -8.43 12.11
CA MET A 39 -3.98 -7.73 10.89
C MET A 39 -4.46 -8.70 9.81
N ALA A 40 -4.42 -9.98 10.15
CA ALA A 40 -4.84 -11.02 9.23
C ALA A 40 -6.37 -11.12 9.24
N LYS A 41 -6.98 -10.30 10.09
CA LYS A 41 -8.42 -10.28 10.21
C LYS A 41 -9.01 -9.44 9.06
N TYR A 42 -8.14 -8.66 8.44
CA TYR A 42 -8.55 -7.81 7.34
C TYR A 42 -7.97 -8.30 6.01
N VAL A 43 -7.70 -9.60 5.97
CA VAL A 43 -7.14 -10.21 4.77
C VAL A 43 -8.18 -11.15 4.15
N GLN A 44 -8.30 -11.06 2.83
CA GLN A 44 -9.25 -11.89 2.11
C GLN A 44 -8.57 -12.54 0.90
N GLY A 45 -8.63 -13.86 0.88
CA GLY A 45 -8.02 -14.61 -0.21
C GLY A 45 -6.65 -14.04 -0.58
N ASP A 46 -5.70 -14.21 0.33
CA ASP A 46 -4.36 -13.71 0.10
C ASP A 46 -4.43 -12.26 -0.39
N ALA A 47 -5.52 -11.60 -0.03
CA ALA A 47 -5.73 -10.22 -0.43
C ALA A 47 -6.11 -9.39 0.80
N ILE A 48 -6.23 -8.09 0.58
CA ILE A 48 -6.58 -7.18 1.65
C ILE A 48 -7.58 -6.14 1.13
N GLY A 49 -8.42 -5.67 2.04
CA GLY A 49 -9.43 -4.69 1.68
C GLY A 49 -8.98 -3.28 2.09
N TYR A 50 -9.90 -2.34 1.97
CA TYR A 50 -9.62 -0.96 2.32
C TYR A 50 -9.24 -0.83 3.80
N GLU A 51 -10.16 -1.28 4.65
CA GLU A 51 -9.94 -1.22 6.08
C GLU A 51 -8.57 -1.81 6.43
N GLY A 52 -8.19 -2.83 5.68
CA GLY A 52 -6.90 -3.49 5.90
C GLY A 52 -5.76 -2.65 5.35
N PHE A 53 -6.08 -1.88 4.31
CA PHE A 53 -5.09 -1.03 3.69
C PHE A 53 -4.78 0.20 4.55
N GLN A 54 -5.85 0.90 4.92
CA GLN A 54 -5.72 2.08 5.74
C GLN A 54 -5.09 1.72 7.09
N GLN A 55 -5.38 0.51 7.55
CA GLN A 55 -4.86 0.04 8.82
C GLN A 55 -3.37 -0.31 8.68
N PHE A 56 -3.03 -0.89 7.54
CA PHE A 56 -1.66 -1.27 7.27
C PHE A 56 -0.72 -0.07 7.39
N LEU A 57 -1.15 1.04 6.79
CA LEU A 57 -0.37 2.25 6.83
C LEU A 57 -0.06 2.62 8.27
N LYS A 58 -0.88 2.11 9.17
CA LYS A 58 -0.71 2.37 10.59
C LYS A 58 0.57 1.67 11.09
N ILE A 59 0.58 0.36 10.93
CA ILE A 59 1.72 -0.44 11.35
C ILE A 59 2.88 -0.20 10.38
N TYR A 60 2.56 -0.26 9.10
CA TYR A 60 3.57 -0.05 8.07
C TYR A 60 4.44 1.17 8.39
N LEU A 61 3.79 2.34 8.37
CA LEU A 61 4.48 3.58 8.65
C LEU A 61 4.52 3.82 10.16
N GLU A 62 4.09 2.80 10.89
CA GLU A 62 4.06 2.88 12.34
C GLU A 62 3.56 4.26 12.78
N VAL A 63 2.74 4.86 11.93
CA VAL A 63 2.19 6.17 12.22
C VAL A 63 1.05 6.02 13.24
N ASP A 64 0.64 7.15 13.78
CA ASP A 64 -0.43 7.17 14.76
C ASP A 64 -1.71 7.67 14.10
N ASN A 65 -1.57 8.08 12.85
CA ASN A 65 -2.71 8.59 12.10
C ASN A 65 -2.27 8.89 10.66
N VAL A 66 -2.88 8.16 9.73
CA VAL A 66 -2.57 8.33 8.32
C VAL A 66 -3.69 9.13 7.65
N PRO A 67 -3.28 9.94 6.63
CA PRO A 67 -4.23 10.76 5.90
C PRO A 67 -5.07 9.92 4.94
N ARG A 68 -6.38 10.02 5.11
CA ARG A 68 -7.30 9.27 4.27
C ARG A 68 -7.10 9.64 2.79
N HIS A 69 -6.73 10.89 2.57
CA HIS A 69 -6.50 11.37 1.23
C HIS A 69 -5.50 10.45 0.51
N LEU A 70 -4.46 10.09 1.24
CA LEU A 70 -3.44 9.22 0.69
C LEU A 70 -3.98 7.79 0.59
N SER A 71 -4.59 7.34 1.69
CA SER A 71 -5.16 6.01 1.74
C SER A 71 -6.18 5.84 0.62
N LEU A 72 -6.72 6.95 0.18
CA LEU A 72 -7.71 6.94 -0.88
C LEU A 72 -7.02 6.68 -2.22
N ALA A 73 -5.97 7.44 -2.46
CA ALA A 73 -5.20 7.30 -3.70
C ALA A 73 -4.39 6.01 -3.65
N LEU A 74 -3.97 5.65 -2.44
CA LEU A 74 -3.19 4.45 -2.25
C LEU A 74 -3.93 3.26 -2.86
N PHE A 75 -5.20 3.14 -2.48
CA PHE A 75 -6.03 2.06 -2.99
C PHE A 75 -6.43 2.30 -4.44
N GLN A 76 -6.76 3.55 -4.73
CA GLN A 76 -7.16 3.93 -6.07
C GLN A 76 -6.01 3.71 -7.05
N SER A 77 -4.80 3.73 -6.51
CA SER A 77 -3.61 3.53 -7.31
C SER A 77 -3.49 2.06 -7.73
N PHE A 78 -3.89 1.19 -6.81
CA PHE A 78 -3.84 -0.24 -7.05
C PHE A 78 -5.12 -0.73 -7.73
N GLU A 79 -6.11 -1.02 -6.90
CA GLU A 79 -7.38 -1.49 -7.40
C GLU A 79 -7.18 -2.59 -8.44
N THR A 80 -7.01 -3.81 -7.95
CA THR A 80 -6.80 -4.95 -8.83
C THR A 80 -7.70 -4.85 -10.06
N GLY A 81 -8.91 -5.36 -9.91
CA GLY A 81 -9.88 -5.33 -10.99
C GLY A 81 -9.60 -6.45 -12.00
N HIS A 82 -10.68 -7.01 -12.54
CA HIS A 82 -10.56 -8.08 -13.51
C HIS A 82 -11.75 -8.03 -14.47
N CYS A 83 -11.46 -8.32 -15.73
CA CYS A 83 -12.50 -8.31 -16.76
C CYS A 83 -13.01 -6.88 -16.91
N LEU A 84 -13.17 -6.48 -18.16
CA LEU A 84 -13.65 -5.13 -18.45
C LEU A 84 -15.10 -5.21 -18.93
N ASN A 85 -15.82 -6.18 -18.39
CA ASN A 85 -17.21 -6.38 -18.75
C ASN A 85 -17.84 -7.41 -17.81
N GLU A 86 -18.31 -6.92 -16.67
CA GLU A 86 -18.92 -7.78 -15.68
C GLU A 86 -19.36 -6.95 -14.46
N THR A 87 -20.58 -7.22 -14.01
CA THR A 87 -21.11 -6.53 -12.85
C THR A 87 -20.84 -7.31 -11.57
N ASN A 88 -19.56 -7.43 -11.25
CA ASN A 88 -19.16 -8.15 -10.06
C ASN A 88 -17.81 -7.59 -9.56
N VAL A 89 -17.81 -6.30 -9.27
CA VAL A 89 -16.61 -5.64 -8.79
C VAL A 89 -16.82 -5.17 -7.36
N THR A 90 -17.52 -5.99 -6.59
CA THR A 90 -17.82 -5.67 -5.21
C THR A 90 -16.72 -6.22 -4.29
N LYS A 91 -15.86 -7.04 -4.87
CA LYS A 91 -14.76 -7.64 -4.12
C LYS A 91 -13.69 -6.59 -3.88
N ASP A 92 -13.94 -5.75 -2.87
CA ASP A 92 -13.00 -4.70 -2.52
C ASP A 92 -11.78 -5.33 -1.83
N VAL A 93 -10.84 -5.77 -2.64
CA VAL A 93 -9.63 -6.39 -2.11
C VAL A 93 -8.44 -5.97 -2.99
N VAL A 94 -7.25 -6.27 -2.48
CA VAL A 94 -6.04 -5.93 -3.20
C VAL A 94 -4.96 -6.98 -2.89
N CYS A 95 -4.05 -7.15 -3.83
CA CYS A 95 -2.98 -8.10 -3.68
C CYS A 95 -1.95 -7.51 -2.71
N LEU A 96 -1.53 -8.35 -1.77
CA LEU A 96 -0.55 -7.93 -0.77
C LEU A 96 0.85 -8.00 -1.38
N ASN A 97 1.10 -9.10 -2.08
CA ASN A 97 2.40 -9.31 -2.71
C ASN A 97 2.64 -8.20 -3.73
N ASP A 98 1.56 -7.76 -4.35
CA ASP A 98 1.64 -6.71 -5.35
C ASP A 98 2.01 -5.39 -4.67
N VAL A 99 1.40 -5.16 -3.51
CA VAL A 99 1.66 -3.95 -2.75
C VAL A 99 3.06 -4.04 -2.14
N SER A 100 3.50 -5.26 -1.89
CA SER A 100 4.81 -5.49 -1.32
C SER A 100 5.90 -5.18 -2.35
N CYS A 101 5.53 -5.32 -3.61
CA CYS A 101 6.46 -5.07 -4.69
C CYS A 101 6.61 -3.55 -4.86
N TYR A 102 5.46 -2.89 -4.90
CA TYR A 102 5.44 -1.44 -5.05
C TYR A 102 6.14 -0.76 -3.89
N PHE A 103 5.71 -1.11 -2.68
CA PHE A 103 6.29 -0.53 -1.48
C PHE A 103 7.79 -0.83 -1.41
N SER A 104 8.16 -2.00 -1.91
CA SER A 104 9.55 -2.41 -1.90
C SER A 104 10.40 -1.41 -2.68
N LEU A 105 9.82 -0.91 -3.77
CA LEU A 105 10.51 0.06 -4.61
C LEU A 105 10.59 1.39 -3.88
N LEU A 106 9.44 1.84 -3.40
CA LEU A 106 9.38 3.10 -2.68
C LEU A 106 10.46 3.13 -1.60
N GLU A 107 10.29 2.26 -0.62
CA GLU A 107 11.25 2.18 0.48
C GLU A 107 12.67 2.04 -0.07
N GLY A 108 12.79 1.22 -1.12
CA GLY A 108 14.08 0.99 -1.74
C GLY A 108 14.74 2.32 -2.12
N GLY A 109 14.20 2.93 -3.17
CA GLY A 109 14.73 4.20 -3.65
C GLY A 109 14.18 4.54 -5.03
N ARG A 110 12.93 4.99 -5.04
CA ARG A 110 12.27 5.34 -6.28
C ARG A 110 12.02 6.85 -6.34
N PRO A 111 12.96 7.57 -7.00
CA PRO A 111 12.86 9.02 -7.13
C PRO A 111 11.79 9.39 -8.16
N GLU A 112 11.53 10.69 -8.24
CA GLU A 112 10.54 11.19 -9.18
C GLU A 112 10.47 12.73 -9.10
N ASP A 113 10.60 13.23 -7.88
CA ASP A 113 10.55 14.66 -7.65
C ASP A 113 11.46 15.02 -6.48
N LYS A 114 12.63 15.55 -6.81
CA LYS A 114 13.59 15.94 -5.81
C LYS A 114 13.23 17.33 -5.27
N LEU A 115 12.10 17.83 -5.74
CA LEU A 115 11.63 19.15 -5.32
C LEU A 115 11.67 19.23 -3.79
N GLU A 116 11.44 20.43 -3.29
CA GLU A 116 11.44 20.67 -1.85
C GLU A 116 10.29 21.59 -1.47
N TRP A 117 9.74 21.34 -0.29
CA TRP A 117 8.63 22.14 0.21
C TRP A 117 8.93 22.49 1.68
N SER A 118 8.14 21.91 2.56
CA SER A 118 8.31 22.15 3.99
C SER A 118 7.97 23.61 4.31
N MET A 1 20.59 2.95 -9.99
CA MET A 1 20.26 4.36 -10.02
C MET A 1 18.94 4.60 -10.76
N ALA A 2 17.94 3.82 -10.36
CA ALA A 2 16.62 3.95 -10.99
C ALA A 2 15.65 4.56 -9.98
N LYS A 3 15.83 5.86 -9.76
CA LYS A 3 14.98 6.59 -8.83
C LYS A 3 13.56 6.68 -9.41
N GLU A 4 13.10 7.92 -9.56
CA GLU A 4 11.78 8.16 -10.09
C GLU A 4 11.52 9.67 -10.20
N ARG A 5 10.27 10.00 -10.50
CA ARG A 5 9.88 11.39 -10.63
C ARG A 5 8.40 11.50 -10.96
N GLY A 6 7.62 10.59 -10.37
CA GLY A 6 6.18 10.58 -10.59
C GLY A 6 5.49 9.63 -9.61
N LEU A 7 4.61 8.81 -10.16
CA LEU A 7 3.88 7.84 -9.35
C LEU A 7 3.03 8.60 -8.32
N ILE A 8 1.73 8.34 -8.38
CA ILE A 8 0.81 8.99 -7.46
C ILE A 8 1.19 10.46 -7.30
N SER A 9 1.80 11.00 -8.35
CA SER A 9 2.23 12.38 -8.34
C SER A 9 3.16 12.64 -7.15
N PRO A 10 3.78 13.85 -7.16
CA PRO A 10 4.70 14.22 -6.10
C PRO A 10 3.94 14.58 -4.82
N SER A 11 2.63 14.57 -4.93
CA SER A 11 1.77 14.89 -3.79
C SER A 11 1.67 13.68 -2.86
N ASP A 12 1.36 12.54 -3.45
CA ASP A 12 1.22 11.31 -2.69
C ASP A 12 2.62 10.79 -2.32
N PHE A 13 3.54 10.94 -3.25
CA PHE A 13 4.90 10.50 -3.04
C PHE A 13 5.55 11.27 -1.89
N ALA A 14 5.21 12.53 -1.80
CA ALA A 14 5.75 13.39 -0.75
C ALA A 14 5.34 12.83 0.61
N GLN A 15 4.04 12.71 0.80
CA GLN A 15 3.50 12.19 2.05
C GLN A 15 4.11 10.82 2.36
N LEU A 16 3.95 9.91 1.42
CA LEU A 16 4.49 8.57 1.58
C LEU A 16 5.99 8.65 1.85
N GLN A 17 6.65 9.48 1.06
CA GLN A 17 8.09 9.66 1.20
C GLN A 17 8.42 10.20 2.59
N LYS A 18 7.92 11.40 2.86
CA LYS A 18 8.16 12.04 4.15
C LYS A 18 7.91 11.03 5.27
N TYR A 19 6.76 10.36 5.17
CA TYR A 19 6.39 9.37 6.18
C TYR A 19 7.36 8.19 6.16
N MET A 20 7.54 7.61 4.98
CA MET A 20 8.42 6.48 4.82
C MET A 20 9.83 6.80 5.35
N GLU A 21 10.34 7.95 4.92
CA GLU A 21 11.66 8.38 5.35
C GLU A 21 11.78 8.29 6.87
N TYR A 22 10.82 8.92 7.54
CA TYR A 22 10.82 8.92 8.99
C TYR A 22 10.59 7.51 9.54
N SER A 23 9.97 6.68 8.73
CA SER A 23 9.70 5.31 9.11
C SER A 23 10.97 4.48 9.01
N THR A 24 11.14 3.59 9.99
CA THR A 24 12.30 2.73 10.03
C THR A 24 11.88 1.26 10.00
N LYS A 25 10.63 1.04 9.62
CA LYS A 25 10.09 -0.30 9.55
C LYS A 25 10.25 -0.83 8.12
N LYS A 26 9.73 -2.03 7.90
CA LYS A 26 9.80 -2.66 6.60
C LYS A 26 8.44 -3.25 6.25
N VAL A 27 8.09 -3.14 4.97
CA VAL A 27 6.82 -3.67 4.50
C VAL A 27 6.81 -5.19 4.65
N SER A 28 7.98 -5.77 4.47
CA SER A 28 8.13 -7.22 4.59
C SER A 28 7.85 -7.65 6.03
N ASP A 29 8.08 -6.74 6.94
CA ASP A 29 7.86 -7.02 8.35
C ASP A 29 6.35 -6.99 8.65
N VAL A 30 5.72 -5.94 8.17
CA VAL A 30 4.29 -5.77 8.38
C VAL A 30 3.55 -6.85 7.59
N LEU A 31 4.15 -7.27 6.49
CA LEU A 31 3.56 -8.30 5.65
C LEU A 31 3.30 -9.56 6.49
N LYS A 32 4.37 -10.02 7.12
CA LYS A 32 4.28 -11.21 7.95
C LYS A 32 3.25 -10.98 9.06
N LEU A 33 3.10 -9.72 9.43
CA LEU A 33 2.14 -9.35 10.47
C LEU A 33 0.71 -9.59 9.94
N PHE A 34 0.53 -9.28 8.68
CA PHE A 34 -0.78 -9.45 8.05
C PHE A 34 -0.99 -10.91 7.64
N GLU A 35 0.09 -11.67 7.65
CA GLU A 35 0.02 -13.07 7.28
C GLU A 35 -0.38 -13.92 8.49
N ASP A 36 0.42 -13.82 9.54
CA ASP A 36 0.16 -14.56 10.76
C ASP A 36 -0.12 -13.59 11.90
N GLY A 37 0.53 -12.44 11.83
CA GLY A 37 0.36 -11.41 12.84
C GLY A 37 -1.12 -11.12 13.08
N GLU A 38 -1.36 -10.13 13.95
CA GLU A 38 -2.73 -9.74 14.27
C GLU A 38 -3.37 -9.02 13.08
N MET A 39 -2.51 -8.47 12.23
CA MET A 39 -2.97 -7.76 11.05
C MET A 39 -3.63 -8.72 10.05
N ALA A 40 -3.53 -10.00 10.36
CA ALA A 40 -4.11 -11.03 9.50
C ALA A 40 -5.61 -11.09 9.72
N LYS A 41 -6.07 -10.27 10.67
CA LYS A 41 -7.49 -10.23 10.99
C LYS A 41 -8.23 -9.41 9.93
N TYR A 42 -7.45 -8.70 9.13
CA TYR A 42 -8.01 -7.88 8.08
C TYR A 42 -7.66 -8.43 6.69
N VAL A 43 -7.67 -9.76 6.62
CA VAL A 43 -7.35 -10.42 5.36
C VAL A 43 -8.51 -11.36 4.98
N GLN A 44 -8.96 -11.22 3.74
CA GLN A 44 -10.06 -12.04 3.25
C GLN A 44 -9.59 -12.89 2.06
N GLY A 45 -9.76 -14.19 2.20
CA GLY A 45 -9.37 -15.11 1.15
C GLY A 45 -7.93 -14.85 0.71
N ASP A 46 -7.06 -14.68 1.70
CA ASP A 46 -5.66 -14.43 1.43
C ASP A 46 -5.51 -13.08 0.73
N ALA A 47 -6.54 -12.26 0.87
CA ALA A 47 -6.54 -10.94 0.26
C ALA A 47 -6.80 -9.88 1.34
N ILE A 48 -6.71 -8.63 0.94
CA ILE A 48 -6.93 -7.52 1.85
C ILE A 48 -7.77 -6.45 1.16
N GLY A 49 -8.56 -5.76 1.96
CA GLY A 49 -9.41 -4.70 1.43
C GLY A 49 -8.81 -3.32 1.70
N TYR A 50 -9.56 -2.30 1.31
CA TYR A 50 -9.12 -0.93 1.50
C TYR A 50 -9.14 -0.55 2.98
N GLU A 51 -10.07 -1.16 3.70
CA GLU A 51 -10.22 -0.89 5.12
C GLU A 51 -8.98 -1.37 5.88
N GLY A 52 -8.66 -2.65 5.69
CA GLY A 52 -7.50 -3.23 6.36
C GLY A 52 -6.23 -2.43 6.05
N PHE A 53 -6.15 -1.95 4.82
CA PHE A 53 -5.00 -1.17 4.40
C PHE A 53 -4.81 0.05 5.29
N GLN A 54 -5.91 0.50 5.88
CA GLN A 54 -5.87 1.65 6.76
C GLN A 54 -5.05 1.34 8.01
N GLN A 55 -5.28 0.15 8.54
CA GLN A 55 -4.57 -0.28 9.74
C GLN A 55 -3.12 -0.65 9.39
N PHE A 56 -2.91 -0.95 8.12
CA PHE A 56 -1.59 -1.32 7.65
C PHE A 56 -0.66 -0.10 7.64
N LEU A 57 -1.17 1.00 7.11
CA LEU A 57 -0.40 2.22 7.04
C LEU A 57 0.00 2.66 8.44
N LYS A 58 -0.78 2.20 9.41
CA LYS A 58 -0.52 2.53 10.80
C LYS A 58 0.81 1.89 11.24
N ILE A 59 0.83 0.57 11.15
CA ILE A 59 2.03 -0.17 11.53
C ILE A 59 3.11 0.03 10.47
N TYR A 60 2.70 -0.15 9.21
CA TYR A 60 3.62 -0.01 8.10
C TYR A 60 4.42 1.29 8.22
N LEU A 61 3.73 2.40 8.05
CA LEU A 61 4.36 3.71 8.14
C LEU A 61 4.60 4.06 9.61
N GLU A 62 4.15 3.15 10.48
CA GLU A 62 4.30 3.36 11.91
C GLU A 62 3.64 4.66 12.33
N VAL A 63 2.78 5.17 11.45
CA VAL A 63 2.08 6.41 11.73
C VAL A 63 0.95 6.15 12.72
N ASP A 64 0.80 7.07 13.66
CA ASP A 64 -0.23 6.96 14.67
C ASP A 64 -1.60 7.25 14.04
N ASN A 65 -1.56 7.76 12.82
CA ASN A 65 -2.77 8.09 12.10
C ASN A 65 -2.41 8.55 10.69
N VAL A 66 -2.86 7.76 9.72
CA VAL A 66 -2.59 8.08 8.32
C VAL A 66 -3.82 8.77 7.72
N PRO A 67 -3.53 9.70 6.76
CA PRO A 67 -4.60 10.43 6.10
C PRO A 67 -5.33 9.55 5.08
N ARG A 68 -6.65 9.68 5.07
CA ARG A 68 -7.46 8.90 4.16
C ARG A 68 -7.23 9.35 2.72
N HIS A 69 -6.90 10.62 2.57
CA HIS A 69 -6.64 11.19 1.26
C HIS A 69 -5.52 10.40 0.57
N LEU A 70 -4.50 10.07 1.35
CA LEU A 70 -3.38 9.32 0.83
C LEU A 70 -3.79 7.86 0.62
N SER A 71 -4.54 7.35 1.60
CA SER A 71 -5.00 5.98 1.53
C SER A 71 -5.79 5.76 0.24
N LEU A 72 -6.44 6.81 -0.22
CA LEU A 72 -7.23 6.75 -1.43
C LEU A 72 -6.30 6.66 -2.63
N ALA A 73 -5.29 7.52 -2.64
CA ALA A 73 -4.32 7.54 -3.72
C ALA A 73 -3.46 6.29 -3.66
N LEU A 74 -3.17 5.87 -2.44
CA LEU A 74 -2.36 4.69 -2.22
C LEU A 74 -2.94 3.51 -3.00
N PHE A 75 -4.23 3.29 -2.79
CA PHE A 75 -4.92 2.21 -3.48
C PHE A 75 -4.91 2.42 -5.00
N GLN A 76 -5.11 3.67 -5.39
CA GLN A 76 -5.12 4.02 -6.80
C GLN A 76 -3.85 3.51 -7.48
N SER A 77 -2.81 3.33 -6.68
CA SER A 77 -1.54 2.85 -7.19
C SER A 77 -1.71 1.43 -7.75
N PHE A 78 -2.26 0.56 -6.91
CA PHE A 78 -2.48 -0.82 -7.31
C PHE A 78 -3.88 -1.28 -6.92
N GLU A 79 -4.45 -2.11 -7.79
CA GLU A 79 -5.78 -2.64 -7.55
C GLU A 79 -6.06 -3.83 -8.47
N THR A 80 -6.04 -5.02 -7.87
CA THR A 80 -6.29 -6.23 -8.61
C THR A 80 -7.55 -6.08 -9.49
N GLY A 81 -8.40 -5.16 -9.07
CA GLY A 81 -9.64 -4.92 -9.80
C GLY A 81 -9.37 -4.73 -11.29
N HIS A 82 -8.83 -3.56 -11.61
CA HIS A 82 -8.52 -3.24 -13.00
C HIS A 82 -9.69 -3.65 -13.90
N CYS A 83 -10.89 -3.38 -13.41
CA CYS A 83 -12.09 -3.71 -14.15
C CYS A 83 -13.26 -2.94 -13.55
N LEU A 84 -14.01 -2.29 -14.41
CA LEU A 84 -15.16 -1.52 -13.98
C LEU A 84 -16.40 -1.94 -14.78
N ASN A 85 -16.51 -3.25 -14.98
CA ASN A 85 -17.63 -3.80 -15.72
C ASN A 85 -17.58 -5.33 -15.66
N GLU A 86 -17.85 -5.85 -14.48
CA GLU A 86 -17.83 -7.29 -14.28
C GLU A 86 -18.97 -7.72 -13.36
N THR A 87 -18.74 -8.81 -12.63
CA THR A 87 -19.74 -9.32 -11.71
C THR A 87 -19.06 -9.88 -10.46
N ASN A 88 -18.10 -9.13 -9.96
CA ASN A 88 -17.37 -9.54 -8.77
C ASN A 88 -16.72 -8.31 -8.12
N VAL A 89 -17.53 -7.27 -7.97
CA VAL A 89 -17.04 -6.03 -7.38
C VAL A 89 -17.76 -5.80 -6.04
N THR A 90 -17.95 -6.90 -5.33
CA THR A 90 -18.62 -6.83 -4.03
C THR A 90 -17.62 -7.11 -2.91
N LYS A 91 -16.44 -7.55 -3.30
CA LYS A 91 -15.40 -7.85 -2.33
C LYS A 91 -14.14 -7.06 -2.68
N ASP A 92 -14.15 -5.79 -2.33
CA ASP A 92 -13.02 -4.92 -2.60
C ASP A 92 -11.79 -5.44 -1.86
N VAL A 93 -11.09 -6.35 -2.52
CA VAL A 93 -9.90 -6.94 -1.94
C VAL A 93 -8.74 -6.80 -2.93
N VAL A 94 -7.56 -7.24 -2.48
CA VAL A 94 -6.38 -7.18 -3.30
C VAL A 94 -5.32 -8.13 -2.75
N CYS A 95 -4.39 -8.52 -3.62
CA CYS A 95 -3.33 -9.42 -3.23
C CYS A 95 -2.32 -8.64 -2.38
N LEU A 96 -1.91 -9.26 -1.29
CA LEU A 96 -0.95 -8.63 -0.40
C LEU A 96 0.41 -8.52 -1.11
N ASN A 97 0.78 -9.59 -1.78
CA ASN A 97 2.04 -9.63 -2.50
C ASN A 97 2.05 -8.51 -3.55
N ASP A 98 0.86 -8.24 -4.08
CA ASP A 98 0.74 -7.19 -5.09
C ASP A 98 1.04 -5.83 -4.47
N VAL A 99 0.57 -5.66 -3.24
CA VAL A 99 0.80 -4.42 -2.53
C VAL A 99 2.25 -4.36 -2.06
N SER A 100 2.79 -5.53 -1.76
CA SER A 100 4.16 -5.62 -1.30
C SER A 100 5.12 -5.39 -2.47
N CYS A 101 4.61 -5.61 -3.67
CA CYS A 101 5.40 -5.43 -4.87
C CYS A 101 5.55 -3.92 -5.13
N TYR A 102 4.42 -3.24 -5.05
CA TYR A 102 4.39 -1.80 -5.28
C TYR A 102 5.25 -1.07 -4.24
N PHE A 103 4.96 -1.34 -2.98
CA PHE A 103 5.70 -0.72 -1.89
C PHE A 103 7.19 -1.04 -1.99
N SER A 104 7.47 -2.24 -2.47
CA SER A 104 8.85 -2.69 -2.61
C SER A 104 9.61 -1.74 -3.54
N LEU A 105 8.87 -1.16 -4.47
CA LEU A 105 9.46 -0.23 -5.43
C LEU A 105 9.74 1.10 -4.73
N LEU A 106 8.85 1.45 -3.82
CA LEU A 106 8.99 2.70 -3.07
C LEU A 106 10.31 2.67 -2.30
N GLU A 107 10.55 1.54 -1.65
CA GLU A 107 11.76 1.37 -0.87
C GLU A 107 13.00 1.69 -1.72
N GLY A 108 13.05 1.05 -2.89
CA GLY A 108 14.16 1.26 -3.80
C GLY A 108 14.60 -0.06 -4.43
N GLY A 109 13.72 -0.60 -5.27
CA GLY A 109 14.01 -1.86 -5.93
C GLY A 109 13.99 -1.69 -7.46
N ARG A 110 12.98 -2.27 -8.08
CA ARG A 110 12.83 -2.19 -9.52
C ARG A 110 11.51 -1.51 -9.89
N PRO A 111 11.60 -0.60 -10.88
CA PRO A 111 10.43 0.13 -11.34
C PRO A 111 9.51 -0.77 -12.18
N GLU A 112 8.25 -0.37 -12.27
CA GLU A 112 7.28 -1.12 -13.03
C GLU A 112 6.22 -0.19 -13.61
N ASP A 113 5.75 0.72 -12.77
CA ASP A 113 4.73 1.67 -13.18
C ASP A 113 5.39 2.80 -13.98
N LYS A 114 5.88 2.43 -15.16
CA LYS A 114 6.54 3.39 -16.03
C LYS A 114 5.48 4.27 -16.71
N LEU A 115 5.90 4.95 -17.76
CA LEU A 115 5.01 5.81 -18.50
C LEU A 115 3.77 5.02 -18.92
N GLU A 116 2.71 5.75 -19.24
CA GLU A 116 1.46 5.13 -19.65
C GLU A 116 0.68 6.08 -20.57
N TRP A 117 0.21 5.52 -21.68
CA TRP A 117 -0.54 6.30 -22.63
C TRP A 117 -2.03 6.16 -22.29
N SER A 118 -2.75 5.48 -23.17
CA SER A 118 -4.18 5.27 -22.97
C SER A 118 -4.56 3.84 -23.37
N MET A 1 13.81 4.46 -17.49
CA MET A 1 13.73 3.23 -18.27
C MET A 1 12.28 2.82 -18.48
N ALA A 2 11.60 3.56 -19.34
CA ALA A 2 10.20 3.27 -19.65
C ALA A 2 9.48 2.89 -18.36
N LYS A 3 9.78 3.63 -17.30
CA LYS A 3 9.16 3.38 -16.01
C LYS A 3 7.81 4.09 -15.95
N GLU A 4 7.63 4.88 -14.89
CA GLU A 4 6.40 5.62 -14.70
C GLU A 4 5.21 4.66 -14.69
N ARG A 5 4.57 4.57 -13.54
CA ARG A 5 3.42 3.70 -13.37
C ARG A 5 2.84 3.84 -11.96
N GLY A 6 1.51 3.84 -11.91
CA GLY A 6 0.82 3.97 -10.63
C GLY A 6 1.20 5.28 -9.93
N LEU A 7 1.81 6.16 -10.70
CA LEU A 7 2.23 7.45 -10.16
C LEU A 7 1.08 8.06 -9.37
N ILE A 8 1.41 8.54 -8.18
CA ILE A 8 0.42 9.15 -7.31
C ILE A 8 0.79 10.62 -7.08
N SER A 9 1.29 11.25 -8.14
CA SER A 9 1.68 12.64 -8.07
C SER A 9 2.64 12.86 -6.90
N PRO A 10 3.23 14.08 -6.85
CA PRO A 10 4.16 14.43 -5.80
C PRO A 10 3.43 14.69 -4.48
N SER A 11 2.10 14.62 -4.55
CA SER A 11 1.28 14.84 -3.38
C SER A 11 1.26 13.59 -2.50
N ASP A 12 0.94 12.48 -3.13
CA ASP A 12 0.87 11.21 -2.43
C ASP A 12 2.30 10.69 -2.19
N PHE A 13 3.13 10.89 -3.20
CA PHE A 13 4.52 10.45 -3.11
C PHE A 13 5.26 11.20 -2.00
N ALA A 14 4.96 12.48 -1.90
CA ALA A 14 5.59 13.32 -0.89
C ALA A 14 5.24 12.79 0.50
N GLN A 15 3.94 12.70 0.75
CA GLN A 15 3.45 12.21 2.02
C GLN A 15 4.08 10.86 2.36
N LEU A 16 3.91 9.92 1.44
CA LEU A 16 4.45 8.58 1.63
C LEU A 16 5.97 8.68 1.79
N GLN A 17 6.59 9.40 0.87
CA GLN A 17 8.04 9.57 0.90
C GLN A 17 8.47 10.15 2.25
N LYS A 18 7.72 11.15 2.70
CA LYS A 18 8.02 11.80 3.96
C LYS A 18 7.72 10.83 5.10
N TYR A 19 6.47 10.39 5.16
CA TYR A 19 6.04 9.46 6.19
C TYR A 19 7.01 8.28 6.30
N MET A 20 7.61 7.94 5.17
CA MET A 20 8.55 6.84 5.13
C MET A 20 9.91 7.26 5.70
N GLU A 21 10.29 8.48 5.39
CA GLU A 21 11.56 9.02 5.85
C GLU A 21 11.80 8.60 7.31
N TYR A 22 10.72 8.52 8.06
CA TYR A 22 10.79 8.14 9.45
C TYR A 22 10.77 6.61 9.60
N SER A 23 9.98 5.97 8.76
CA SER A 23 9.85 4.53 8.79
C SER A 23 11.11 3.88 8.18
N THR A 24 11.73 3.02 8.97
CA THR A 24 12.94 2.34 8.53
C THR A 24 12.76 0.82 8.68
N LYS A 25 11.52 0.41 8.83
CA LYS A 25 11.21 -1.00 8.99
C LYS A 25 11.05 -1.64 7.60
N LYS A 26 10.75 -2.94 7.62
CA LYS A 26 10.56 -3.67 6.38
C LYS A 26 9.07 -3.92 6.16
N VAL A 27 8.66 -3.80 4.91
CA VAL A 27 7.27 -4.01 4.55
C VAL A 27 6.94 -5.50 4.66
N SER A 28 7.99 -6.32 4.56
CA SER A 28 7.83 -7.75 4.63
C SER A 28 7.45 -8.16 6.06
N ASP A 29 7.83 -7.31 7.00
CA ASP A 29 7.55 -7.56 8.40
C ASP A 29 6.06 -7.35 8.67
N VAL A 30 5.55 -6.24 8.14
CA VAL A 30 4.15 -5.90 8.31
C VAL A 30 3.29 -6.86 7.48
N LEU A 31 3.89 -7.38 6.42
CA LEU A 31 3.20 -8.31 5.54
C LEU A 31 2.75 -9.52 6.35
N LYS A 32 3.73 -10.15 7.00
CA LYS A 32 3.44 -11.33 7.81
C LYS A 32 2.44 -10.96 8.91
N LEU A 33 2.56 -9.73 9.39
CA LEU A 33 1.67 -9.25 10.43
C LEU A 33 0.23 -9.38 9.97
N PHE A 34 0.01 -9.00 8.72
CA PHE A 34 -1.33 -9.07 8.14
C PHE A 34 -1.63 -10.48 7.64
N GLU A 35 -0.59 -11.28 7.56
CA GLU A 35 -0.74 -12.66 7.10
C GLU A 35 -1.13 -13.56 8.27
N ASP A 36 -0.28 -13.56 9.29
CA ASP A 36 -0.52 -14.38 10.46
C ASP A 36 -0.77 -13.47 11.66
N GLY A 37 -0.11 -12.31 11.65
CA GLY A 37 -0.25 -11.36 12.73
C GLY A 37 -1.71 -10.89 12.86
N GLU A 38 -2.03 -10.40 14.05
CA GLU A 38 -3.37 -9.92 14.32
C GLU A 38 -3.87 -9.03 13.17
N MET A 39 -2.91 -8.39 12.51
CA MET A 39 -3.23 -7.52 11.40
C MET A 39 -4.02 -8.26 10.32
N ALA A 40 -3.97 -9.58 10.40
CA ALA A 40 -4.68 -10.41 9.44
C ALA A 40 -6.17 -10.44 9.79
N LYS A 41 -6.50 -9.75 10.87
CA LYS A 41 -7.88 -9.68 11.32
C LYS A 41 -8.73 -9.03 10.23
N TYR A 42 -8.07 -8.19 9.44
CA TYR A 42 -8.75 -7.49 8.36
C TYR A 42 -8.31 -8.03 6.99
N VAL A 43 -7.98 -9.31 6.98
CA VAL A 43 -7.54 -9.95 5.75
C VAL A 43 -8.43 -11.17 5.47
N GLN A 44 -8.93 -11.22 4.25
CA GLN A 44 -9.79 -12.32 3.84
C GLN A 44 -9.02 -13.28 2.93
N GLY A 45 -9.13 -14.56 3.25
CA GLY A 45 -8.45 -15.59 2.45
C GLY A 45 -6.96 -15.29 2.35
N ASP A 46 -6.58 -14.71 1.23
CA ASP A 46 -5.18 -14.38 0.99
C ASP A 46 -5.08 -12.96 0.42
N ALA A 47 -6.15 -12.21 0.62
CA ALA A 47 -6.20 -10.83 0.13
C ALA A 47 -6.68 -9.92 1.26
N ILE A 48 -6.58 -8.62 1.01
CA ILE A 48 -6.99 -7.63 1.98
C ILE A 48 -7.89 -6.60 1.30
N GLY A 49 -8.69 -5.93 2.11
CA GLY A 49 -9.60 -4.92 1.61
C GLY A 49 -8.95 -3.53 1.65
N TYR A 50 -9.76 -2.53 1.30
CA TYR A 50 -9.27 -1.15 1.29
C TYR A 50 -9.25 -0.58 2.70
N GLU A 51 -10.11 -1.13 3.55
CA GLU A 51 -10.19 -0.67 4.93
C GLU A 51 -8.97 -1.14 5.71
N GLY A 52 -8.46 -2.31 5.34
CA GLY A 52 -7.30 -2.87 6.00
C GLY A 52 -6.07 -1.98 5.78
N PHE A 53 -5.94 -1.50 4.56
CA PHE A 53 -4.82 -0.65 4.19
C PHE A 53 -4.72 0.55 5.14
N GLN A 54 -5.87 0.94 5.68
CA GLN A 54 -5.91 2.06 6.60
C GLN A 54 -5.01 1.81 7.80
N GLN A 55 -5.33 0.75 8.52
CA GLN A 55 -4.56 0.38 9.71
C GLN A 55 -3.13 0.00 9.30
N PHE A 56 -3.00 -0.49 8.08
CA PHE A 56 -1.71 -0.90 7.56
C PHE A 56 -0.72 0.27 7.59
N LEU A 57 -1.17 1.39 7.01
CA LEU A 57 -0.33 2.57 6.96
C LEU A 57 0.12 2.95 8.36
N LYS A 58 -0.64 2.47 9.34
CA LYS A 58 -0.33 2.74 10.73
C LYS A 58 0.98 2.05 11.10
N ILE A 59 0.98 0.73 10.94
CA ILE A 59 2.16 -0.06 11.25
C ILE A 59 3.20 0.12 10.15
N TYR A 60 2.73 -0.01 8.91
CA TYR A 60 3.60 0.14 7.77
C TYR A 60 4.44 1.42 7.87
N LEU A 61 3.77 2.54 7.66
CA LEU A 61 4.44 3.83 7.73
C LEU A 61 4.83 4.13 9.18
N GLU A 62 4.33 3.27 10.07
CA GLU A 62 4.63 3.43 11.48
C GLU A 62 4.09 4.76 11.99
N VAL A 63 2.98 5.19 11.40
CA VAL A 63 2.35 6.44 11.79
C VAL A 63 1.22 6.15 12.78
N ASP A 64 0.83 7.21 13.49
CA ASP A 64 -0.24 7.08 14.48
C ASP A 64 -1.56 7.54 13.85
N ASN A 65 -1.44 8.20 12.71
CA ASN A 65 -2.61 8.70 12.01
C ASN A 65 -2.22 9.05 10.57
N VAL A 66 -2.66 8.20 9.65
CA VAL A 66 -2.38 8.41 8.24
C VAL A 66 -3.55 9.14 7.59
N PRO A 67 -3.20 9.96 6.56
CA PRO A 67 -4.21 10.73 5.84
C PRO A 67 -5.02 9.83 4.91
N ARG A 68 -6.34 9.92 5.03
CA ARG A 68 -7.23 9.12 4.21
C ARG A 68 -7.00 9.43 2.73
N HIS A 69 -6.70 10.70 2.47
CA HIS A 69 -6.46 11.14 1.10
C HIS A 69 -5.40 10.24 0.45
N LEU A 70 -4.41 9.88 1.25
CA LEU A 70 -3.33 9.04 0.77
C LEU A 70 -3.83 7.61 0.64
N SER A 71 -4.53 7.15 1.67
CA SER A 71 -5.07 5.81 1.67
C SER A 71 -5.98 5.61 0.47
N LEU A 72 -6.62 6.70 0.04
CA LEU A 72 -7.51 6.65 -1.09
C LEU A 72 -6.70 6.43 -2.37
N ALA A 73 -5.66 7.24 -2.52
CA ALA A 73 -4.79 7.15 -3.68
C ALA A 73 -3.98 5.85 -3.61
N LEU A 74 -3.65 5.46 -2.39
CA LEU A 74 -2.89 4.25 -2.17
C LEU A 74 -3.59 3.07 -2.84
N PHE A 75 -4.90 3.04 -2.67
CA PHE A 75 -5.71 1.98 -3.26
C PHE A 75 -5.74 2.09 -4.78
N GLN A 76 -6.02 3.30 -5.25
CA GLN A 76 -6.08 3.55 -6.67
C GLN A 76 -4.77 3.13 -7.35
N SER A 77 -3.68 3.52 -6.74
CA SER A 77 -2.36 3.19 -7.26
C SER A 77 -2.32 1.71 -7.66
N PHE A 78 -2.54 0.86 -6.67
CA PHE A 78 -2.53 -0.57 -6.90
C PHE A 78 -3.88 -1.20 -6.52
N GLU A 79 -4.44 -1.94 -7.45
CA GLU A 79 -5.71 -2.60 -7.22
C GLU A 79 -5.85 -3.83 -8.12
N THR A 80 -6.12 -4.96 -7.50
CA THR A 80 -6.28 -6.20 -8.23
C THR A 80 -7.76 -6.45 -8.55
N GLY A 81 -8.61 -5.81 -7.76
CA GLY A 81 -10.05 -5.96 -7.95
C GLY A 81 -10.53 -5.10 -9.13
N HIS A 82 -10.43 -5.69 -10.31
CA HIS A 82 -10.85 -5.01 -11.53
C HIS A 82 -12.26 -5.47 -11.91
N CYS A 83 -12.72 -4.98 -13.05
CA CYS A 83 -14.04 -5.32 -13.54
C CYS A 83 -13.90 -5.85 -14.98
N LEU A 84 -13.72 -7.16 -15.08
CA LEU A 84 -13.58 -7.79 -16.38
C LEU A 84 -14.92 -8.37 -16.81
N ASN A 85 -15.97 -7.60 -16.59
CA ASN A 85 -17.31 -8.02 -16.95
C ASN A 85 -17.77 -9.13 -15.99
N GLU A 86 -18.46 -8.70 -14.94
CA GLU A 86 -18.95 -9.64 -13.94
C GLU A 86 -17.95 -10.78 -13.75
N THR A 87 -17.03 -10.56 -12.83
CA THR A 87 -16.02 -11.58 -12.54
C THR A 87 -16.11 -12.02 -11.08
N ASN A 88 -17.34 -11.97 -10.56
CA ASN A 88 -17.57 -12.36 -9.18
C ASN A 88 -16.78 -11.45 -8.24
N VAL A 89 -16.79 -10.17 -8.57
CA VAL A 89 -16.08 -9.19 -7.77
C VAL A 89 -17.06 -8.49 -6.83
N THR A 90 -17.12 -8.99 -5.61
CA THR A 90 -18.02 -8.41 -4.61
C THR A 90 -17.23 -7.98 -3.37
N LYS A 91 -15.93 -8.25 -3.42
CA LYS A 91 -15.06 -7.89 -2.31
C LYS A 91 -13.80 -7.21 -2.85
N ASP A 92 -13.87 -5.89 -2.93
CA ASP A 92 -12.75 -5.11 -3.43
C ASP A 92 -11.54 -5.35 -2.53
N VAL A 93 -10.75 -6.36 -2.90
CA VAL A 93 -9.56 -6.69 -2.15
C VAL A 93 -8.33 -6.52 -3.05
N VAL A 94 -7.17 -6.62 -2.41
CA VAL A 94 -5.91 -6.48 -3.14
C VAL A 94 -4.91 -7.52 -2.64
N CYS A 95 -3.99 -7.88 -3.51
CA CYS A 95 -2.97 -8.86 -3.17
C CYS A 95 -1.95 -8.19 -2.24
N LEU A 96 -1.58 -8.93 -1.20
CA LEU A 96 -0.61 -8.42 -0.24
C LEU A 96 0.78 -8.39 -0.88
N ASN A 97 1.18 -9.54 -1.40
CA ASN A 97 2.47 -9.66 -2.04
C ASN A 97 2.60 -8.61 -3.15
N ASP A 98 1.46 -8.30 -3.75
CA ASP A 98 1.42 -7.32 -4.82
C ASP A 98 1.79 -5.95 -4.25
N VAL A 99 1.21 -5.65 -3.09
CA VAL A 99 1.48 -4.37 -2.44
C VAL A 99 2.94 -4.33 -1.98
N SER A 100 3.45 -5.50 -1.62
CA SER A 100 4.81 -5.61 -1.16
C SER A 100 5.79 -5.28 -2.31
N CYS A 101 5.29 -5.46 -3.52
CA CYS A 101 6.09 -5.17 -4.70
C CYS A 101 6.13 -3.66 -4.91
N TYR A 102 4.96 -3.06 -4.90
CA TYR A 102 4.86 -1.62 -5.08
C TYR A 102 5.60 -0.87 -3.97
N PHE A 103 5.26 -1.20 -2.73
CA PHE A 103 5.89 -0.56 -1.59
C PHE A 103 7.41 -0.78 -1.61
N SER A 104 7.79 -1.93 -2.13
CA SER A 104 9.20 -2.28 -2.21
C SER A 104 9.94 -1.24 -3.04
N LEU A 105 9.25 -0.73 -4.06
CA LEU A 105 9.84 0.27 -4.93
C LEU A 105 9.93 1.60 -4.19
N LEU A 106 8.92 1.85 -3.37
CA LEU A 106 8.88 3.08 -2.60
C LEU A 106 10.13 3.17 -1.72
N GLU A 107 10.36 2.10 -0.99
CA GLU A 107 11.51 2.04 -0.09
C GLU A 107 12.80 1.84 -0.90
N GLY A 108 12.67 1.08 -1.98
CA GLY A 108 13.80 0.81 -2.84
C GLY A 108 14.34 -0.60 -2.60
N GLY A 109 13.76 -1.56 -3.31
CA GLY A 109 14.17 -2.94 -3.18
C GLY A 109 13.62 -3.78 -4.34
N ARG A 110 13.79 -3.27 -5.54
CA ARG A 110 13.32 -3.96 -6.73
C ARG A 110 14.48 -4.64 -7.45
N PRO A 111 14.32 -5.97 -7.67
CA PRO A 111 15.35 -6.75 -8.34
C PRO A 111 15.35 -6.46 -9.84
N GLU A 112 16.49 -6.77 -10.47
CA GLU A 112 16.64 -6.54 -11.89
C GLU A 112 15.78 -7.54 -12.68
N ASP A 113 15.39 -8.59 -11.99
CA ASP A 113 14.56 -9.62 -12.61
C ASP A 113 15.07 -9.88 -14.03
N LYS A 114 16.38 -9.86 -14.17
CA LYS A 114 17.00 -10.09 -15.47
C LYS A 114 16.42 -11.37 -16.08
N LEU A 115 16.89 -11.67 -17.29
CA LEU A 115 16.43 -12.85 -17.99
C LEU A 115 17.38 -14.01 -17.70
N GLU A 116 17.03 -15.17 -18.24
CA GLU A 116 17.84 -16.36 -18.04
C GLU A 116 17.86 -17.21 -19.31
N TRP A 117 19.06 -17.54 -19.75
CA TRP A 117 19.23 -18.34 -20.95
C TRP A 117 19.31 -19.81 -20.53
N SER A 118 20.50 -20.38 -20.71
CA SER A 118 20.72 -21.77 -20.36
C SER A 118 21.99 -21.90 -19.50
N MET A 1 5.62 -8.93 -10.88
CA MET A 1 5.83 -7.49 -10.74
C MET A 1 4.77 -6.70 -11.51
N ALA A 2 3.52 -6.96 -11.17
CA ALA A 2 2.41 -6.29 -11.83
C ALA A 2 2.14 -4.97 -11.11
N LYS A 3 3.03 -4.02 -11.32
CA LYS A 3 2.89 -2.71 -10.71
C LYS A 3 1.99 -1.82 -11.58
N GLU A 4 2.51 -0.65 -11.90
CA GLU A 4 1.78 0.29 -12.73
C GLU A 4 2.56 1.59 -12.89
N ARG A 5 2.28 2.30 -13.97
CA ARG A 5 2.95 3.56 -14.25
C ARG A 5 1.95 4.60 -14.74
N GLY A 6 1.67 5.56 -13.88
CA GLY A 6 0.74 6.62 -14.22
C GLY A 6 -0.29 6.82 -13.10
N LEU A 7 -0.27 5.89 -12.15
CA LEU A 7 -1.19 5.96 -11.03
C LEU A 7 -0.52 6.67 -9.85
N ILE A 8 -1.29 6.88 -8.81
CA ILE A 8 -0.78 7.55 -7.62
C ILE A 8 0.17 8.66 -8.04
N SER A 9 -0.41 9.85 -8.24
CA SER A 9 0.39 11.00 -8.64
C SER A 9 1.62 11.13 -7.75
N PRO A 10 2.49 12.10 -8.12
CA PRO A 10 3.71 12.34 -7.37
C PRO A 10 3.42 13.06 -6.06
N SER A 11 2.15 13.42 -5.90
CA SER A 11 1.72 14.12 -4.70
C SER A 11 1.66 13.14 -3.52
N ASP A 12 1.19 11.93 -3.81
CA ASP A 12 1.07 10.91 -2.79
C ASP A 12 2.47 10.36 -2.48
N PHE A 13 3.18 10.00 -3.53
CA PHE A 13 4.52 9.44 -3.38
C PHE A 13 5.40 10.38 -2.54
N ALA A 14 5.25 11.67 -2.79
CA ALA A 14 6.02 12.66 -2.07
C ALA A 14 5.70 12.56 -0.58
N GLN A 15 4.42 12.39 -0.29
CA GLN A 15 3.97 12.27 1.09
C GLN A 15 4.42 10.94 1.68
N LEU A 16 4.09 9.88 0.98
CA LEU A 16 4.45 8.54 1.42
C LEU A 16 5.95 8.49 1.72
N GLN A 17 6.71 9.06 0.79
CA GLN A 17 8.16 9.09 0.95
C GLN A 17 8.55 9.75 2.27
N LYS A 18 8.20 11.02 2.37
CA LYS A 18 8.50 11.78 3.58
C LYS A 18 8.08 10.96 4.81
N TYR A 19 6.83 10.54 4.79
CA TYR A 19 6.29 9.75 5.90
C TYR A 19 7.12 8.48 6.12
N MET A 20 7.47 7.84 5.01
CA MET A 20 8.25 6.62 5.06
C MET A 20 9.61 6.87 5.70
N GLU A 21 10.24 7.96 5.27
CA GLU A 21 11.54 8.33 5.79
C GLU A 21 11.57 8.16 7.31
N TYR A 22 10.61 8.80 7.97
CA TYR A 22 10.52 8.74 9.41
C TYR A 22 10.47 7.28 9.89
N SER A 23 9.74 6.47 9.14
CA SER A 23 9.60 5.07 9.48
C SER A 23 10.88 4.31 9.13
N THR A 24 11.32 3.48 10.07
CA THR A 24 12.53 2.70 9.87
C THR A 24 12.20 1.21 9.88
N LYS A 25 10.95 0.91 9.63
CA LYS A 25 10.49 -0.47 9.60
C LYS A 25 10.45 -0.97 8.15
N LYS A 26 10.37 -2.28 8.01
CA LYS A 26 10.32 -2.88 6.68
C LYS A 26 8.90 -3.36 6.39
N VAL A 27 8.52 -3.27 5.14
CA VAL A 27 7.19 -3.68 4.71
C VAL A 27 7.08 -5.21 4.84
N SER A 28 8.23 -5.86 4.81
CA SER A 28 8.27 -7.31 4.90
C SER A 28 7.80 -7.74 6.29
N ASP A 29 8.10 -6.90 7.28
CA ASP A 29 7.70 -7.18 8.65
C ASP A 29 6.19 -7.04 8.79
N VAL A 30 5.66 -6.00 8.15
CA VAL A 30 4.23 -5.74 8.20
C VAL A 30 3.51 -6.76 7.31
N LEU A 31 4.24 -7.26 6.32
CA LEU A 31 3.68 -8.23 5.40
C LEU A 31 3.31 -9.50 6.16
N LYS A 32 4.31 -10.04 6.87
CA LYS A 32 4.10 -11.25 7.64
C LYS A 32 2.97 -11.02 8.65
N LEU A 33 2.88 -9.77 9.10
CA LEU A 33 1.85 -9.40 10.07
C LEU A 33 0.47 -9.69 9.48
N PHE A 34 0.30 -9.29 8.23
CA PHE A 34 -0.96 -9.50 7.54
C PHE A 34 -1.07 -10.92 6.99
N GLU A 35 0.08 -11.60 6.98
CA GLU A 35 0.13 -12.96 6.48
C GLU A 35 -0.27 -13.94 7.59
N ASP A 36 0.46 -13.88 8.69
CA ASP A 36 0.20 -14.75 9.82
C ASP A 36 -0.22 -13.90 11.03
N GLY A 37 0.33 -12.71 11.09
CA GLY A 37 0.02 -11.80 12.18
C GLY A 37 -1.49 -11.56 12.28
N GLU A 38 -1.87 -10.81 13.30
CA GLU A 38 -3.27 -10.51 13.53
C GLU A 38 -3.82 -9.65 12.38
N MET A 39 -2.91 -8.99 11.68
CA MET A 39 -3.29 -8.15 10.56
C MET A 39 -3.86 -8.99 9.41
N ALA A 40 -3.75 -10.30 9.57
CA ALA A 40 -4.26 -11.21 8.56
C ALA A 40 -5.79 -11.31 8.69
N LYS A 41 -6.31 -10.62 9.69
CA LYS A 41 -7.74 -10.62 9.94
C LYS A 41 -8.43 -9.66 8.96
N TYR A 42 -7.60 -8.85 8.30
CA TYR A 42 -8.11 -7.89 7.35
C TYR A 42 -7.78 -8.30 5.92
N VAL A 43 -7.46 -9.58 5.76
CA VAL A 43 -7.13 -10.11 4.45
C VAL A 43 -8.12 -11.22 4.08
N GLN A 44 -8.69 -11.09 2.90
CA GLN A 44 -9.65 -12.07 2.42
C GLN A 44 -9.19 -12.65 1.08
N GLY A 45 -9.12 -13.97 1.04
CA GLY A 45 -8.70 -14.67 -0.16
C GLY A 45 -7.35 -14.13 -0.65
N ASP A 46 -6.53 -13.71 0.29
CA ASP A 46 -5.22 -13.19 -0.03
C ASP A 46 -5.36 -11.73 -0.48
N ALA A 47 -6.60 -11.27 -0.52
CA ALA A 47 -6.88 -9.90 -0.93
C ALA A 47 -7.26 -9.08 0.30
N ILE A 48 -6.61 -7.93 0.43
CA ILE A 48 -6.88 -7.04 1.55
C ILE A 48 -7.94 -6.02 1.14
N GLY A 49 -8.70 -5.56 2.13
CA GLY A 49 -9.75 -4.60 1.89
C GLY A 49 -9.23 -3.17 2.07
N TYR A 50 -10.00 -2.22 1.58
CA TYR A 50 -9.64 -0.81 1.68
C TYR A 50 -9.49 -0.39 3.15
N GLU A 51 -10.38 -0.92 3.97
CA GLU A 51 -10.37 -0.61 5.40
C GLU A 51 -9.12 -1.21 6.05
N GLY A 52 -8.86 -2.46 5.74
CA GLY A 52 -7.70 -3.15 6.29
C GLY A 52 -6.42 -2.38 5.98
N PHE A 53 -6.36 -1.84 4.78
CA PHE A 53 -5.19 -1.09 4.35
C PHE A 53 -4.90 0.06 5.30
N GLN A 54 -5.95 0.54 5.96
CA GLN A 54 -5.81 1.63 6.91
C GLN A 54 -4.89 1.22 8.06
N GLN A 55 -5.30 0.17 8.75
CA GLN A 55 -4.52 -0.33 9.88
C GLN A 55 -3.10 -0.68 9.42
N PHE A 56 -2.97 -0.94 8.13
CA PHE A 56 -1.68 -1.30 7.56
C PHE A 56 -0.71 -0.11 7.63
N LEU A 57 -1.19 1.02 7.14
CA LEU A 57 -0.39 2.24 7.14
C LEU A 57 -0.09 2.65 8.58
N LYS A 58 -0.94 2.18 9.48
CA LYS A 58 -0.78 2.50 10.89
C LYS A 58 0.48 1.81 11.42
N ILE A 59 0.49 0.49 11.31
CA ILE A 59 1.62 -0.30 11.77
C ILE A 59 2.80 -0.08 10.82
N TYR A 60 2.52 -0.19 9.54
CA TYR A 60 3.55 -0.02 8.52
C TYR A 60 4.39 1.22 8.81
N LEU A 61 3.76 2.37 8.67
CA LEU A 61 4.44 3.64 8.92
C LEU A 61 4.57 3.86 10.42
N GLU A 62 3.82 3.06 11.17
CA GLU A 62 3.84 3.16 12.63
C GLU A 62 3.10 4.42 13.08
N VAL A 63 2.52 5.12 12.11
CA VAL A 63 1.79 6.33 12.40
C VAL A 63 0.62 6.02 13.34
N ASP A 64 0.15 7.05 14.01
CA ASP A 64 -0.96 6.90 14.95
C ASP A 64 -2.27 7.04 14.19
N ASN A 65 -2.17 7.54 12.97
CA ASN A 65 -3.35 7.75 12.14
C ASN A 65 -2.91 8.23 10.75
N VAL A 66 -3.19 7.42 9.75
CA VAL A 66 -2.83 7.75 8.39
C VAL A 66 -3.96 8.57 7.75
N PRO A 67 -3.56 9.49 6.83
CA PRO A 67 -4.52 10.34 6.16
C PRO A 67 -5.30 9.56 5.10
N ARG A 68 -6.62 9.73 5.12
CA ARG A 68 -7.48 9.05 4.18
C ARG A 68 -7.13 9.47 2.75
N HIS A 69 -6.71 10.72 2.61
CA HIS A 69 -6.34 11.25 1.32
C HIS A 69 -5.32 10.33 0.65
N LEU A 70 -4.29 9.98 1.42
CA LEU A 70 -3.24 9.11 0.91
C LEU A 70 -3.76 7.67 0.86
N SER A 71 -4.41 7.27 1.94
CA SER A 71 -4.96 5.92 2.03
C SER A 71 -5.93 5.69 0.88
N LEU A 72 -6.49 6.78 0.38
CA LEU A 72 -7.44 6.70 -0.72
C LEU A 72 -6.69 6.42 -2.02
N ALA A 73 -5.64 7.21 -2.24
CA ALA A 73 -4.83 7.06 -3.44
C ALA A 73 -4.01 5.77 -3.33
N LEU A 74 -3.73 5.38 -2.09
CA LEU A 74 -2.95 4.18 -1.84
C LEU A 74 -3.68 2.98 -2.42
N PHE A 75 -5.00 2.97 -2.25
CA PHE A 75 -5.82 1.90 -2.75
C PHE A 75 -5.87 1.91 -4.29
N GLN A 76 -5.98 3.11 -4.83
CA GLN A 76 -6.04 3.27 -6.28
C GLN A 76 -4.84 2.59 -6.93
N SER A 77 -3.80 2.37 -6.13
CA SER A 77 -2.59 1.73 -6.63
C SER A 77 -2.89 0.26 -6.96
N PHE A 78 -3.60 0.05 -8.06
CA PHE A 78 -3.94 -1.29 -8.48
C PHE A 78 -4.79 -2.00 -7.44
N GLU A 79 -5.38 -3.11 -7.85
CA GLU A 79 -6.21 -3.89 -6.94
C GLU A 79 -5.96 -5.39 -7.15
N THR A 80 -6.77 -6.19 -6.49
CA THR A 80 -6.65 -7.64 -6.59
C THR A 80 -6.62 -8.07 -8.05
N GLY A 81 -7.35 -7.32 -8.87
CA GLY A 81 -7.42 -7.63 -10.29
C GLY A 81 -7.84 -6.39 -11.09
N HIS A 82 -7.95 -6.57 -12.40
CA HIS A 82 -8.34 -5.49 -13.28
C HIS A 82 -9.85 -5.58 -13.56
N CYS A 83 -10.18 -6.28 -14.64
CA CYS A 83 -11.57 -6.44 -15.02
C CYS A 83 -12.14 -5.06 -15.36
N LEU A 84 -11.35 -4.29 -16.09
CA LEU A 84 -11.77 -2.95 -16.48
C LEU A 84 -12.61 -3.03 -17.75
N ASN A 85 -13.58 -3.93 -17.72
CA ASN A 85 -14.47 -4.12 -18.86
C ASN A 85 -15.41 -5.28 -18.58
N GLU A 86 -15.87 -5.35 -17.34
CA GLU A 86 -16.77 -6.40 -16.93
C GLU A 86 -17.89 -5.83 -16.05
N THR A 87 -18.37 -6.67 -15.14
CA THR A 87 -19.43 -6.26 -14.24
C THR A 87 -19.27 -6.94 -12.88
N ASN A 88 -18.02 -6.96 -12.41
CA ASN A 88 -17.71 -7.58 -11.12
C ASN A 88 -16.70 -6.70 -10.39
N VAL A 89 -17.15 -5.52 -10.00
CA VAL A 89 -16.29 -4.59 -9.29
C VAL A 89 -16.83 -4.40 -7.87
N THR A 90 -17.30 -5.49 -7.30
CA THR A 90 -17.85 -5.47 -5.95
C THR A 90 -16.79 -5.90 -4.94
N LYS A 91 -15.69 -6.43 -5.47
CA LYS A 91 -14.60 -6.88 -4.63
C LYS A 91 -13.50 -5.83 -4.61
N ASP A 92 -13.66 -4.87 -3.70
CA ASP A 92 -12.68 -3.80 -3.55
C ASP A 92 -11.54 -4.26 -2.64
N VAL A 93 -10.67 -5.08 -3.21
CA VAL A 93 -9.54 -5.59 -2.46
C VAL A 93 -8.27 -5.48 -3.32
N VAL A 94 -7.14 -5.55 -2.64
CA VAL A 94 -5.85 -5.47 -3.33
C VAL A 94 -4.95 -6.60 -2.85
N CYS A 95 -4.09 -7.05 -3.76
CA CYS A 95 -3.17 -8.13 -3.45
C CYS A 95 -2.04 -7.56 -2.58
N LEU A 96 -2.18 -7.74 -1.28
CA LEU A 96 -1.19 -7.25 -0.34
C LEU A 96 0.21 -7.68 -0.81
N ASN A 97 0.23 -8.75 -1.60
CA ASN A 97 1.48 -9.26 -2.13
C ASN A 97 1.98 -8.34 -3.24
N ASP A 98 1.07 -8.00 -4.14
CA ASP A 98 1.40 -7.14 -5.26
C ASP A 98 1.76 -5.75 -4.73
N VAL A 99 1.21 -5.43 -3.56
CA VAL A 99 1.46 -4.13 -2.94
C VAL A 99 2.87 -4.15 -2.33
N SER A 100 3.29 -5.33 -1.90
CA SER A 100 4.60 -5.48 -1.30
C SER A 100 5.69 -5.06 -2.30
N CYS A 101 5.41 -5.31 -3.57
CA CYS A 101 6.34 -4.96 -4.62
C CYS A 101 6.34 -3.44 -4.78
N TYR A 102 5.16 -2.90 -4.99
CA TYR A 102 5.01 -1.47 -5.17
C TYR A 102 5.66 -0.71 -4.01
N PHE A 103 5.52 -1.27 -2.82
CA PHE A 103 6.08 -0.66 -1.63
C PHE A 103 7.60 -0.84 -1.59
N SER A 104 8.04 -1.95 -2.15
CA SER A 104 9.46 -2.25 -2.19
C SER A 104 10.20 -1.23 -3.05
N LEU A 105 9.49 -0.71 -4.03
CA LEU A 105 10.07 0.28 -4.93
C LEU A 105 10.16 1.62 -4.21
N LEU A 106 9.16 1.89 -3.39
CA LEU A 106 9.11 3.13 -2.63
C LEU A 106 10.47 3.35 -1.96
N GLU A 107 10.92 2.33 -1.26
CA GLU A 107 12.20 2.41 -0.57
C GLU A 107 13.32 2.73 -1.56
N GLY A 108 13.39 1.91 -2.60
CA GLY A 108 14.42 2.10 -3.62
C GLY A 108 13.88 2.91 -4.80
N GLY A 109 13.10 3.92 -4.46
CA GLY A 109 12.51 4.79 -5.47
C GLY A 109 13.50 5.87 -5.91
N ARG A 110 14.72 5.43 -6.21
CA ARG A 110 15.75 6.35 -6.65
C ARG A 110 15.34 7.05 -7.93
N PRO A 111 15.38 8.41 -7.89
CA PRO A 111 15.00 9.22 -9.03
C PRO A 111 16.11 9.19 -10.10
N GLU A 112 15.71 9.51 -11.32
CA GLU A 112 16.64 9.53 -12.44
C GLU A 112 16.92 10.96 -12.87
N ASP A 113 16.06 11.86 -12.41
CA ASP A 113 16.22 13.27 -12.75
C ASP A 113 15.33 14.11 -11.83
N LYS A 114 15.96 14.63 -10.78
CA LYS A 114 15.24 15.46 -9.81
C LYS A 114 15.05 16.86 -10.39
N LEU A 115 14.12 17.59 -9.77
CA LEU A 115 13.84 18.95 -10.21
C LEU A 115 14.68 19.94 -9.40
N GLU A 116 14.56 21.21 -9.75
CA GLU A 116 15.29 22.25 -9.07
C GLU A 116 14.44 23.51 -8.93
N TRP A 117 14.35 23.99 -7.70
CA TRP A 117 13.56 25.18 -7.42
C TRP A 117 14.43 26.15 -6.62
N SER A 118 14.03 26.37 -5.38
CA SER A 118 14.76 27.26 -4.50
C SER A 118 16.14 26.67 -4.18
N MET A 1 -0.11 -10.96 -11.05
CA MET A 1 -0.28 -9.52 -10.91
C MET A 1 0.90 -8.89 -10.17
N ALA A 2 1.58 -7.99 -10.87
CA ALA A 2 2.73 -7.31 -10.29
C ALA A 2 3.25 -6.27 -11.28
N LYS A 3 2.31 -5.51 -11.83
CA LYS A 3 2.67 -4.47 -12.79
C LYS A 3 2.92 -3.16 -12.04
N GLU A 4 2.30 -2.10 -12.54
CA GLU A 4 2.46 -0.79 -11.93
C GLU A 4 1.18 0.03 -12.12
N ARG A 5 0.10 -0.65 -12.42
CA ARG A 5 -1.18 0.00 -12.64
C ARG A 5 -1.39 1.10 -11.60
N GLY A 6 -1.61 2.31 -12.10
CA GLY A 6 -1.82 3.45 -11.22
C GLY A 6 -0.49 4.10 -10.83
N LEU A 7 -0.36 5.36 -11.23
CA LEU A 7 0.85 6.10 -10.92
C LEU A 7 0.53 7.25 -9.95
N ILE A 8 0.63 6.93 -8.67
CA ILE A 8 0.35 7.92 -7.64
C ILE A 8 1.17 9.18 -7.90
N SER A 9 0.46 10.28 -8.12
CA SER A 9 1.11 11.55 -8.38
C SER A 9 2.19 11.82 -7.32
N PRO A 10 2.86 12.99 -7.48
CA PRO A 10 3.91 13.38 -6.55
C PRO A 10 3.31 13.86 -5.23
N SER A 11 1.99 13.90 -5.19
CA SER A 11 1.28 14.34 -3.99
C SER A 11 1.25 13.21 -2.97
N ASP A 12 0.85 12.03 -3.44
CA ASP A 12 0.76 10.87 -2.57
C ASP A 12 2.17 10.35 -2.28
N PHE A 13 3.01 10.40 -3.30
CA PHE A 13 4.38 9.95 -3.18
C PHE A 13 5.15 10.79 -2.15
N ALA A 14 4.82 12.06 -2.12
CA ALA A 14 5.47 12.98 -1.20
C ALA A 14 5.16 12.55 0.24
N GLN A 15 3.87 12.46 0.53
CA GLN A 15 3.43 12.07 1.86
C GLN A 15 4.11 10.77 2.28
N LEU A 16 3.95 9.75 1.44
CA LEU A 16 4.55 8.45 1.71
C LEU A 16 6.06 8.61 1.89
N GLN A 17 6.63 9.46 1.05
CA GLN A 17 8.06 9.72 1.10
C GLN A 17 8.46 10.24 2.47
N LYS A 18 7.82 11.35 2.85
CA LYS A 18 8.10 11.96 4.14
C LYS A 18 7.79 10.98 5.26
N TYR A 19 6.57 10.44 5.20
CA TYR A 19 6.13 9.47 6.20
C TYR A 19 7.08 8.27 6.26
N MET A 20 7.56 7.88 5.09
CA MET A 20 8.47 6.76 5.00
C MET A 20 9.85 7.11 5.56
N GLU A 21 10.35 8.27 5.12
CA GLU A 21 11.65 8.74 5.57
C GLU A 21 11.80 8.50 7.07
N TYR A 22 10.81 8.95 7.82
CA TYR A 22 10.83 8.79 9.27
C TYR A 22 10.87 7.32 9.66
N SER A 23 10.23 6.50 8.84
CA SER A 23 10.18 5.07 9.08
C SER A 23 11.51 4.43 8.68
N THR A 24 11.86 3.37 9.39
CA THR A 24 13.09 2.66 9.13
C THR A 24 12.87 1.14 9.21
N LYS A 25 11.60 0.77 9.25
CA LYS A 25 11.24 -0.63 9.34
C LYS A 25 10.98 -1.17 7.92
N LYS A 26 10.77 -2.48 7.85
CA LYS A 26 10.52 -3.12 6.57
C LYS A 26 9.03 -3.47 6.47
N VAL A 27 8.50 -3.30 5.27
CA VAL A 27 7.10 -3.59 5.02
C VAL A 27 6.89 -5.10 5.01
N SER A 28 7.90 -5.80 4.53
CA SER A 28 7.84 -7.25 4.47
C SER A 28 7.54 -7.83 5.85
N ASP A 29 7.98 -7.10 6.87
CA ASP A 29 7.77 -7.53 8.24
C ASP A 29 6.31 -7.27 8.63
N VAL A 30 5.75 -6.22 8.06
CA VAL A 30 4.37 -5.86 8.33
C VAL A 30 3.45 -6.91 7.73
N LEU A 31 3.85 -7.40 6.56
CA LEU A 31 3.06 -8.41 5.87
C LEU A 31 3.05 -9.70 6.69
N LYS A 32 4.17 -9.96 7.35
CA LYS A 32 4.31 -11.15 8.17
C LYS A 32 3.23 -11.14 9.26
N LEU A 33 2.84 -9.93 9.66
CA LEU A 33 1.82 -9.77 10.67
C LEU A 33 0.44 -9.92 10.04
N PHE A 34 0.35 -9.48 8.79
CA PHE A 34 -0.91 -9.57 8.06
C PHE A 34 -1.11 -10.97 7.48
N GLU A 35 -0.03 -11.74 7.49
CA GLU A 35 -0.08 -13.10 6.97
C GLU A 35 -0.51 -14.08 8.06
N ASP A 36 0.14 -13.96 9.21
CA ASP A 36 -0.16 -14.81 10.34
C ASP A 36 -0.55 -13.95 11.55
N GLY A 37 0.10 -12.80 11.63
CA GLY A 37 -0.18 -11.88 12.72
C GLY A 37 -1.66 -11.52 12.79
N GLU A 38 -2.04 -10.93 13.91
CA GLU A 38 -3.42 -10.52 14.11
C GLU A 38 -3.89 -9.65 12.95
N MET A 39 -2.94 -8.96 12.34
CA MET A 39 -3.24 -8.09 11.22
C MET A 39 -3.95 -8.86 10.10
N ALA A 40 -3.84 -10.18 10.17
CA ALA A 40 -4.45 -11.04 9.18
C ALA A 40 -5.96 -11.13 9.46
N LYS A 41 -6.37 -10.48 10.53
CA LYS A 41 -7.77 -10.48 10.92
C LYS A 41 -8.59 -9.77 9.83
N TYR A 42 -7.94 -8.84 9.15
CA TYR A 42 -8.60 -8.08 8.11
C TYR A 42 -8.12 -8.54 6.72
N VAL A 43 -7.86 -9.84 6.63
CA VAL A 43 -7.41 -10.42 5.37
C VAL A 43 -8.29 -11.61 5.01
N GLN A 44 -8.78 -11.58 3.78
CA GLN A 44 -9.64 -12.66 3.30
C GLN A 44 -9.01 -13.34 2.09
N GLY A 45 -8.82 -14.66 2.22
CA GLY A 45 -8.23 -15.43 1.16
C GLY A 45 -6.88 -14.85 0.73
N ASP A 46 -6.18 -14.28 1.70
CA ASP A 46 -4.89 -13.67 1.43
C ASP A 46 -5.10 -12.31 0.77
N ALA A 47 -6.36 -11.95 0.61
CA ALA A 47 -6.71 -10.67 0.00
C ALA A 47 -7.21 -9.71 1.08
N ILE A 48 -6.75 -8.48 0.97
CA ILE A 48 -7.15 -7.45 1.92
C ILE A 48 -7.99 -6.39 1.22
N GLY A 49 -8.84 -5.74 1.99
CA GLY A 49 -9.71 -4.71 1.45
C GLY A 49 -9.05 -3.34 1.55
N TYR A 50 -9.83 -2.31 1.25
CA TYR A 50 -9.33 -0.94 1.30
C TYR A 50 -9.19 -0.47 2.75
N GLU A 51 -10.29 -0.54 3.48
CA GLU A 51 -10.30 -0.12 4.87
C GLU A 51 -9.15 -0.78 5.63
N GLY A 52 -9.01 -2.07 5.43
CA GLY A 52 -7.95 -2.83 6.08
C GLY A 52 -6.58 -2.23 5.78
N PHE A 53 -6.43 -1.78 4.54
CA PHE A 53 -5.18 -1.17 4.10
C PHE A 53 -4.80 0.01 5.00
N GLN A 54 -5.83 0.64 5.54
CA GLN A 54 -5.61 1.79 6.42
C GLN A 54 -4.77 1.40 7.62
N GLN A 55 -5.09 0.24 8.18
CA GLN A 55 -4.37 -0.26 9.34
C GLN A 55 -2.92 -0.57 8.96
N PHE A 56 -2.73 -0.98 7.72
CA PHE A 56 -1.41 -1.31 7.22
C PHE A 56 -0.48 -0.10 7.30
N LEU A 57 -0.96 1.00 6.74
CA LEU A 57 -0.19 2.24 6.73
C LEU A 57 0.21 2.59 8.17
N LYS A 58 -0.54 2.04 9.11
CA LYS A 58 -0.27 2.29 10.52
C LYS A 58 1.04 1.63 10.91
N ILE A 59 1.09 0.31 10.72
CA ILE A 59 2.27 -0.45 11.04
C ILE A 59 3.35 -0.20 9.97
N TYR A 60 2.93 -0.30 8.73
CA TYR A 60 3.83 -0.09 7.61
C TYR A 60 4.65 1.18 7.81
N LEU A 61 3.96 2.31 7.79
CA LEU A 61 4.60 3.60 7.96
C LEU A 61 4.87 3.83 9.45
N GLU A 62 4.34 2.93 10.26
CA GLU A 62 4.52 3.02 11.70
C GLU A 62 3.84 4.29 12.23
N VAL A 63 3.05 4.92 11.37
CA VAL A 63 2.34 6.12 11.74
C VAL A 63 1.23 5.77 12.73
N ASP A 64 0.91 6.75 13.57
CA ASP A 64 -0.13 6.56 14.56
C ASP A 64 -1.49 6.96 13.97
N ASN A 65 -1.42 7.54 12.78
CA ASN A 65 -2.63 7.97 12.09
C ASN A 65 -2.28 8.37 10.65
N VAL A 66 -2.84 7.62 9.72
CA VAL A 66 -2.59 7.89 8.30
C VAL A 66 -3.78 8.66 7.72
N PRO A 67 -3.46 9.54 6.74
CA PRO A 67 -4.48 10.35 6.09
C PRO A 67 -5.31 9.50 5.12
N ARG A 68 -6.60 9.81 5.06
CA ARG A 68 -7.50 9.09 4.19
C ARG A 68 -7.23 9.46 2.72
N HIS A 69 -6.81 10.70 2.54
CA HIS A 69 -6.51 11.19 1.19
C HIS A 69 -5.47 10.28 0.54
N LEU A 70 -4.45 9.94 1.32
CA LEU A 70 -3.39 9.07 0.83
C LEU A 70 -3.94 7.66 0.63
N SER A 71 -4.62 7.18 1.65
CA SER A 71 -5.20 5.84 1.61
C SER A 71 -6.16 5.73 0.42
N LEU A 72 -6.67 6.89 -0.01
CA LEU A 72 -7.59 6.94 -1.12
C LEU A 72 -6.83 6.71 -2.43
N ALA A 73 -5.74 7.44 -2.57
CA ALA A 73 -4.91 7.33 -3.77
C ALA A 73 -4.15 6.00 -3.73
N LEU A 74 -3.78 5.60 -2.52
CA LEU A 74 -3.05 4.35 -2.33
C LEU A 74 -3.84 3.21 -2.97
N PHE A 75 -5.14 3.21 -2.72
CA PHE A 75 -6.01 2.19 -3.26
C PHE A 75 -6.23 2.38 -4.76
N GLN A 76 -6.54 3.61 -5.12
CA GLN A 76 -6.78 3.95 -6.52
C GLN A 76 -5.57 3.54 -7.37
N SER A 77 -4.43 3.41 -6.71
CA SER A 77 -3.21 3.04 -7.39
C SER A 77 -3.32 1.60 -7.90
N PHE A 78 -3.36 0.66 -6.96
CA PHE A 78 -3.46 -0.74 -7.29
C PHE A 78 -4.73 -1.35 -6.69
N GLU A 79 -5.23 -2.39 -7.37
CA GLU A 79 -6.43 -3.07 -6.91
C GLU A 79 -6.30 -4.58 -7.13
N THR A 80 -7.44 -5.21 -7.30
CA THR A 80 -7.47 -6.65 -7.52
C THR A 80 -7.20 -6.97 -8.99
N GLY A 81 -7.32 -5.95 -9.83
CA GLY A 81 -7.09 -6.11 -11.25
C GLY A 81 -8.08 -5.26 -12.06
N HIS A 82 -8.00 -5.43 -13.38
CA HIS A 82 -8.88 -4.70 -14.27
C HIS A 82 -10.34 -5.00 -13.92
N CYS A 83 -10.80 -6.14 -14.37
CA CYS A 83 -12.17 -6.56 -14.12
C CYS A 83 -13.11 -5.47 -14.65
N LEU A 84 -12.75 -4.93 -15.81
CA LEU A 84 -13.54 -3.89 -16.43
C LEU A 84 -14.70 -4.52 -17.19
N ASN A 85 -15.43 -5.37 -16.50
CA ASN A 85 -16.56 -6.06 -17.11
C ASN A 85 -17.06 -7.15 -16.16
N GLU A 86 -17.97 -6.75 -15.28
CA GLU A 86 -18.53 -7.68 -14.31
C GLU A 86 -19.46 -6.94 -13.35
N THR A 87 -20.61 -7.56 -13.11
CA THR A 87 -21.60 -6.97 -12.21
C THR A 87 -21.78 -7.86 -10.97
N ASN A 88 -20.66 -8.12 -10.31
CA ASN A 88 -20.69 -8.95 -9.12
C ASN A 88 -19.44 -8.66 -8.27
N VAL A 89 -19.22 -7.38 -8.03
CA VAL A 89 -18.06 -6.96 -7.25
C VAL A 89 -18.54 -6.42 -5.90
N THR A 90 -18.52 -7.29 -4.91
CA THR A 90 -18.94 -6.92 -3.57
C THR A 90 -17.82 -7.17 -2.56
N LYS A 91 -16.73 -7.71 -3.07
CA LYS A 91 -15.57 -8.02 -2.23
C LYS A 91 -14.36 -7.25 -2.75
N ASP A 92 -14.33 -5.96 -2.42
CA ASP A 92 -13.22 -5.11 -2.85
C ASP A 92 -11.96 -5.47 -2.06
N VAL A 93 -11.17 -6.35 -2.65
CA VAL A 93 -9.94 -6.79 -2.02
C VAL A 93 -8.78 -6.64 -3.00
N VAL A 94 -7.58 -6.53 -2.45
CA VAL A 94 -6.39 -6.37 -3.26
C VAL A 94 -5.30 -7.32 -2.75
N CYS A 95 -4.44 -7.73 -3.66
CA CYS A 95 -3.34 -8.62 -3.31
C CYS A 95 -2.29 -7.83 -2.55
N LEU A 96 -2.41 -7.88 -1.23
CA LEU A 96 -1.47 -7.17 -0.37
C LEU A 96 -0.04 -7.48 -0.81
N ASN A 97 0.10 -8.60 -1.51
CA ASN A 97 1.41 -9.01 -2.00
C ASN A 97 1.88 -8.03 -3.06
N ASP A 98 1.00 -7.77 -4.03
CA ASP A 98 1.32 -6.86 -5.11
C ASP A 98 1.72 -5.50 -4.52
N VAL A 99 1.16 -5.20 -3.36
CA VAL A 99 1.46 -3.95 -2.69
C VAL A 99 2.87 -4.03 -2.07
N SER A 100 3.19 -5.20 -1.55
CA SER A 100 4.48 -5.42 -0.94
C SER A 100 5.60 -5.15 -1.96
N CYS A 101 5.25 -5.33 -3.23
CA CYS A 101 6.20 -5.12 -4.31
C CYS A 101 6.34 -3.61 -4.53
N TYR A 102 5.22 -2.97 -4.78
CA TYR A 102 5.20 -1.54 -5.01
C TYR A 102 5.87 -0.79 -3.86
N PHE A 103 5.60 -1.26 -2.65
CA PHE A 103 6.17 -0.65 -1.46
C PHE A 103 7.66 -0.98 -1.34
N SER A 104 8.00 -2.20 -1.71
CA SER A 104 9.38 -2.65 -1.64
C SER A 104 10.26 -1.76 -2.53
N LEU A 105 9.69 -1.35 -3.66
CA LEU A 105 10.41 -0.51 -4.59
C LEU A 105 10.62 0.88 -3.97
N LEU A 106 9.56 1.39 -3.35
CA LEU A 106 9.61 2.68 -2.71
C LEU A 106 10.86 2.76 -1.83
N GLU A 107 10.88 1.91 -0.82
CA GLU A 107 12.01 1.86 0.09
C GLU A 107 13.27 1.34 -0.62
N GLY A 108 13.07 0.28 -1.39
CA GLY A 108 14.16 -0.33 -2.13
C GLY A 108 15.07 0.74 -2.72
N GLY A 109 14.46 1.82 -3.18
CA GLY A 109 15.21 2.92 -3.77
C GLY A 109 15.50 4.00 -2.73
N ARG A 110 15.99 3.56 -1.58
CA ARG A 110 16.32 4.48 -0.50
C ARG A 110 17.77 4.97 -0.64
N PRO A 111 17.98 6.24 -0.20
CA PRO A 111 19.31 6.83 -0.27
C PRO A 111 20.23 6.26 0.80
N GLU A 112 21.53 6.40 0.57
CA GLU A 112 22.51 5.89 1.52
C GLU A 112 23.00 7.03 2.42
N ASP A 113 22.76 8.26 1.97
CA ASP A 113 23.17 9.43 2.72
C ASP A 113 24.56 9.19 3.30
N LYS A 114 25.46 8.74 2.45
CA LYS A 114 26.82 8.47 2.87
C LYS A 114 27.37 9.68 3.63
N LEU A 115 28.62 9.55 4.07
CA LEU A 115 29.27 10.62 4.80
C LEU A 115 29.14 11.93 4.00
N GLU A 116 29.29 13.03 4.71
CA GLU A 116 29.19 14.34 4.07
C GLU A 116 30.05 15.36 4.84
N TRP A 117 30.85 16.09 4.09
CA TRP A 117 31.72 17.09 4.68
C TRP A 117 30.84 18.26 5.14
N SER A 118 31.01 19.39 4.47
CA SER A 118 30.24 20.58 4.81
C SER A 118 30.17 20.75 6.33
N MET A 1 -0.42 -7.07 -11.39
CA MET A 1 0.80 -6.29 -11.41
C MET A 1 1.31 -6.09 -12.84
N ALA A 2 2.38 -5.33 -12.95
CA ALA A 2 2.96 -5.05 -14.25
C ALA A 2 1.91 -4.43 -15.17
N LYS A 3 1.12 -3.54 -14.59
CA LYS A 3 0.07 -2.87 -15.34
C LYS A 3 0.37 -1.37 -15.40
N GLU A 4 -0.67 -0.59 -15.12
CA GLU A 4 -0.53 0.86 -15.13
C GLU A 4 -1.87 1.53 -14.81
N ARG A 5 -2.05 2.72 -15.37
CA ARG A 5 -3.28 3.46 -15.15
C ARG A 5 -3.47 3.74 -13.66
N GLY A 6 -4.30 4.74 -13.38
CA GLY A 6 -4.58 5.11 -12.00
C GLY A 6 -3.28 5.34 -11.23
N LEU A 7 -2.93 6.62 -11.13
CA LEU A 7 -1.71 6.99 -10.41
C LEU A 7 -2.09 7.61 -9.06
N ILE A 8 -1.09 8.18 -8.40
CA ILE A 8 -1.31 8.80 -7.10
C ILE A 8 -0.65 10.18 -7.09
N SER A 9 -0.31 10.65 -8.29
CA SER A 9 0.32 11.95 -8.42
C SER A 9 1.55 12.04 -7.51
N PRO A 10 2.32 13.14 -7.70
CA PRO A 10 3.52 13.36 -6.90
C PRO A 10 3.16 13.81 -5.48
N SER A 11 1.86 14.03 -5.27
CA SER A 11 1.38 14.45 -3.98
C SER A 11 1.32 13.27 -3.02
N ASP A 12 0.82 12.15 -3.54
CA ASP A 12 0.70 10.94 -2.74
C ASP A 12 2.08 10.32 -2.58
N PHE A 13 2.83 10.32 -3.67
CA PHE A 13 4.17 9.75 -3.66
C PHE A 13 5.08 10.52 -2.70
N ALA A 14 5.00 11.84 -2.79
CA ALA A 14 5.81 12.70 -1.96
C ALA A 14 5.50 12.41 -0.49
N GLN A 15 4.22 12.48 -0.15
CA GLN A 15 3.79 12.22 1.21
C GLN A 15 4.36 10.91 1.71
N LEU A 16 4.14 9.86 0.93
CA LEU A 16 4.63 8.54 1.28
C LEU A 16 6.15 8.57 1.40
N GLN A 17 6.76 9.31 0.48
CA GLN A 17 8.21 9.44 0.47
C GLN A 17 8.69 10.13 1.75
N LYS A 18 7.85 11.02 2.25
CA LYS A 18 8.17 11.75 3.47
C LYS A 18 7.85 10.88 4.68
N TYR A 19 6.67 10.29 4.65
CA TYR A 19 6.23 9.43 5.73
C TYR A 19 7.08 8.15 5.80
N MET A 20 7.12 7.45 4.69
CA MET A 20 7.89 6.21 4.61
C MET A 20 9.33 6.43 5.07
N GLU A 21 9.79 7.67 4.89
CA GLU A 21 11.14 8.02 5.29
C GLU A 21 11.31 7.88 6.80
N TYR A 22 10.42 8.54 7.53
CA TYR A 22 10.46 8.50 8.98
C TYR A 22 10.64 7.07 9.48
N SER A 23 9.84 6.18 8.90
CA SER A 23 9.90 4.77 9.29
C SER A 23 11.15 4.12 8.69
N THR A 24 11.71 3.20 9.47
CA THR A 24 12.91 2.49 9.02
C THR A 24 12.70 0.98 9.14
N LYS A 25 11.45 0.59 9.37
CA LYS A 25 11.11 -0.81 9.51
C LYS A 25 11.01 -1.44 8.12
N LYS A 26 10.69 -2.72 8.11
CA LYS A 26 10.56 -3.45 6.85
C LYS A 26 9.07 -3.68 6.56
N VAL A 27 8.74 -3.60 5.27
CA VAL A 27 7.37 -3.80 4.85
C VAL A 27 7.02 -5.28 4.95
N SER A 28 8.04 -6.12 4.81
CA SER A 28 7.84 -7.56 4.90
C SER A 28 7.48 -7.95 6.33
N ASP A 29 7.88 -7.10 7.27
CA ASP A 29 7.62 -7.34 8.67
C ASP A 29 6.12 -7.13 8.95
N VAL A 30 5.59 -6.08 8.34
CA VAL A 30 4.18 -5.76 8.52
C VAL A 30 3.33 -6.73 7.70
N LEU A 31 3.94 -7.25 6.65
CA LEU A 31 3.25 -8.20 5.78
C LEU A 31 2.93 -9.47 6.56
N LYS A 32 3.96 -10.01 7.20
CA LYS A 32 3.80 -11.21 7.99
C LYS A 32 2.75 -10.98 9.08
N LEU A 33 2.68 -9.74 9.53
CA LEU A 33 1.72 -9.36 10.56
C LEU A 33 0.31 -9.68 10.07
N PHE A 34 0.07 -9.37 8.81
CA PHE A 34 -1.23 -9.61 8.21
C PHE A 34 -1.37 -11.07 7.77
N GLU A 35 -0.23 -11.76 7.75
CA GLU A 35 -0.21 -13.16 7.36
C GLU A 35 -0.50 -14.06 8.56
N ASP A 36 0.24 -13.82 9.63
CA ASP A 36 0.08 -14.59 10.84
C ASP A 36 -0.28 -13.65 12.00
N GLY A 37 0.29 -12.46 11.94
CA GLY A 37 0.04 -11.46 12.97
C GLY A 37 -1.45 -11.25 13.18
N GLU A 38 -1.78 -10.51 14.22
CA GLU A 38 -3.16 -10.21 14.54
C GLU A 38 -3.83 -9.46 13.39
N MET A 39 -2.99 -8.97 12.49
CA MET A 39 -3.48 -8.23 11.33
C MET A 39 -3.99 -9.19 10.25
N ALA A 40 -4.00 -10.48 10.59
CA ALA A 40 -4.46 -11.49 9.67
C ALA A 40 -5.96 -11.70 9.85
N LYS A 41 -6.52 -10.97 10.80
CA LYS A 41 -7.94 -11.06 11.09
C LYS A 41 -8.72 -10.30 10.02
N TYR A 42 -8.01 -9.39 9.34
CA TYR A 42 -8.62 -8.60 8.30
C TYR A 42 -7.99 -8.90 6.94
N VAL A 43 -7.86 -10.18 6.65
CA VAL A 43 -7.27 -10.62 5.40
C VAL A 43 -8.09 -11.77 4.82
N GLN A 44 -8.43 -11.63 3.55
CA GLN A 44 -9.22 -12.65 2.87
C GLN A 44 -8.32 -13.50 1.97
N GLY A 45 -7.73 -14.51 2.58
CA GLY A 45 -6.84 -15.41 1.85
C GLY A 45 -5.53 -14.71 1.48
N ASP A 46 -5.57 -14.06 0.32
CA ASP A 46 -4.39 -13.34 -0.15
C ASP A 46 -4.82 -11.97 -0.69
N ALA A 47 -5.97 -11.51 -0.22
CA ALA A 47 -6.50 -10.23 -0.63
C ALA A 47 -7.07 -9.50 0.57
N ILE A 48 -6.69 -8.24 0.72
CA ILE A 48 -7.15 -7.43 1.82
C ILE A 48 -8.03 -6.30 1.28
N GLY A 49 -8.96 -5.87 2.11
CA GLY A 49 -9.87 -4.79 1.74
C GLY A 49 -9.27 -3.43 2.08
N TYR A 50 -10.08 -2.39 1.85
CA TYR A 50 -9.64 -1.03 2.11
C TYR A 50 -9.31 -0.85 3.60
N GLU A 51 -10.29 -1.14 4.44
CA GLU A 51 -10.11 -1.01 5.87
C GLU A 51 -8.84 -1.73 6.31
N GLY A 52 -8.53 -2.82 5.62
CA GLY A 52 -7.36 -3.60 5.94
C GLY A 52 -6.09 -2.92 5.39
N PHE A 53 -6.27 -2.18 4.31
CA PHE A 53 -5.16 -1.49 3.69
C PHE A 53 -4.78 -0.24 4.49
N GLN A 54 -5.77 0.62 4.71
CA GLN A 54 -5.56 1.85 5.44
C GLN A 54 -5.00 1.53 6.83
N GLN A 55 -5.37 0.36 7.34
CA GLN A 55 -4.91 -0.08 8.64
C GLN A 55 -3.41 -0.37 8.62
N PHE A 56 -2.95 -0.89 7.49
CA PHE A 56 -1.55 -1.21 7.32
C PHE A 56 -0.68 0.02 7.54
N LEU A 57 -1.09 1.13 6.92
CA LEU A 57 -0.36 2.37 7.05
C LEU A 57 -0.21 2.73 8.53
N LYS A 58 -1.11 2.17 9.33
CA LYS A 58 -1.10 2.43 10.75
C LYS A 58 0.13 1.75 11.38
N ILE A 59 0.19 0.44 11.22
CA ILE A 59 1.30 -0.33 11.76
C ILE A 59 2.56 -0.05 10.93
N TYR A 60 2.38 -0.12 9.62
CA TYR A 60 3.49 0.11 8.70
C TYR A 60 4.37 1.28 9.19
N LEU A 61 3.83 2.48 9.05
CA LEU A 61 4.55 3.67 9.47
C LEU A 61 4.42 3.83 10.99
N GLU A 62 3.56 3.00 11.56
CA GLU A 62 3.34 3.05 13.00
C GLU A 62 2.57 4.30 13.38
N VAL A 63 2.12 5.03 12.36
CA VAL A 63 1.38 6.26 12.57
C VAL A 63 0.16 5.96 13.46
N ASP A 64 -0.28 6.99 14.17
CA ASP A 64 -1.42 6.85 15.05
C ASP A 64 -2.69 7.24 14.30
N ASN A 65 -2.49 7.79 13.11
CA ASN A 65 -3.61 8.21 12.28
C ASN A 65 -3.08 8.66 10.92
N VAL A 66 -3.49 7.91 9.90
CA VAL A 66 -3.06 8.21 8.53
C VAL A 66 -4.17 8.99 7.83
N PRO A 67 -3.74 9.87 6.88
CA PRO A 67 -4.68 10.68 6.13
C PRO A 67 -5.40 9.84 5.07
N ARG A 68 -6.72 9.93 5.08
CA ARG A 68 -7.53 9.18 4.14
C ARG A 68 -7.19 9.61 2.70
N HIS A 69 -6.70 10.83 2.59
CA HIS A 69 -6.34 11.37 1.28
C HIS A 69 -5.28 10.47 0.64
N LEU A 70 -4.27 10.15 1.42
CA LEU A 70 -3.19 9.28 0.94
C LEU A 70 -3.69 7.84 0.87
N SER A 71 -4.34 7.42 1.94
CA SER A 71 -4.87 6.07 2.02
C SER A 71 -5.87 5.83 0.89
N LEU A 72 -6.47 6.93 0.43
CA LEU A 72 -7.46 6.86 -0.63
C LEU A 72 -6.74 6.59 -1.96
N ALA A 73 -5.70 7.37 -2.21
CA ALA A 73 -4.93 7.23 -3.43
C ALA A 73 -4.11 5.94 -3.36
N LEU A 74 -3.73 5.59 -2.14
CA LEU A 74 -2.95 4.39 -1.92
C LEU A 74 -3.73 3.16 -2.41
N PHE A 75 -5.00 3.12 -2.00
CA PHE A 75 -5.86 2.02 -2.39
C PHE A 75 -6.29 2.15 -3.85
N GLN A 76 -6.60 3.38 -4.24
CA GLN A 76 -7.03 3.64 -5.60
C GLN A 76 -6.00 3.09 -6.60
N SER A 77 -4.73 3.26 -6.25
CA SER A 77 -3.65 2.78 -7.10
C SER A 77 -3.73 1.26 -7.24
N PHE A 78 -3.85 0.61 -6.08
CA PHE A 78 -3.92 -0.85 -6.06
C PHE A 78 -5.37 -1.31 -5.88
N GLU A 79 -5.93 -1.84 -6.95
CA GLU A 79 -7.31 -2.32 -6.91
C GLU A 79 -7.54 -3.31 -8.05
N THR A 80 -7.78 -4.56 -7.67
CA THR A 80 -8.03 -5.61 -8.65
C THR A 80 -9.34 -5.35 -9.39
N GLY A 81 -10.17 -4.52 -8.77
CA GLY A 81 -11.46 -4.18 -9.36
C GLY A 81 -11.29 -3.67 -10.79
N HIS A 82 -10.94 -2.40 -10.89
CA HIS A 82 -10.74 -1.77 -12.19
C HIS A 82 -12.10 -1.48 -12.82
N CYS A 83 -12.66 -0.33 -12.47
CA CYS A 83 -13.95 0.07 -13.00
C CYS A 83 -14.16 1.55 -12.68
N LEU A 84 -14.51 2.30 -13.70
CA LEU A 84 -14.73 3.73 -13.55
C LEU A 84 -16.22 4.03 -13.81
N ASN A 85 -17.07 3.22 -13.21
CA ASN A 85 -18.50 3.39 -13.37
C ASN A 85 -19.23 2.27 -12.60
N GLU A 86 -19.57 2.57 -11.36
CA GLU A 86 -20.28 1.60 -10.53
C GLU A 86 -21.26 2.31 -9.61
N THR A 87 -21.47 1.71 -8.45
CA THR A 87 -22.39 2.28 -7.47
C THR A 87 -22.36 1.46 -6.17
N ASN A 88 -21.18 0.94 -5.88
CA ASN A 88 -21.01 0.14 -4.67
C ASN A 88 -19.53 -0.20 -4.50
N VAL A 89 -18.80 0.73 -3.91
CA VAL A 89 -17.38 0.54 -3.69
C VAL A 89 -17.12 0.32 -2.19
N THR A 90 -17.34 -0.91 -1.76
CA THR A 90 -17.14 -1.25 -0.37
C THR A 90 -16.44 -2.60 -0.24
N LYS A 91 -16.91 -3.54 -1.06
CA LYS A 91 -16.34 -4.88 -1.05
C LYS A 91 -15.35 -5.02 -2.21
N ASP A 92 -14.10 -4.73 -1.92
CA ASP A 92 -13.05 -4.81 -2.93
C ASP A 92 -11.71 -5.07 -2.24
N VAL A 93 -11.13 -6.22 -2.56
CA VAL A 93 -9.85 -6.60 -1.98
C VAL A 93 -8.77 -6.48 -3.05
N VAL A 94 -7.53 -6.40 -2.59
CA VAL A 94 -6.39 -6.29 -3.48
C VAL A 94 -5.27 -7.20 -3.00
N CYS A 95 -4.34 -7.48 -3.90
CA CYS A 95 -3.21 -8.33 -3.57
C CYS A 95 -2.24 -7.53 -2.69
N LEU A 96 -1.75 -8.20 -1.66
CA LEU A 96 -0.82 -7.58 -0.74
C LEU A 96 0.57 -7.54 -1.37
N ASN A 97 0.90 -8.63 -2.03
CA ASN A 97 2.20 -8.75 -2.68
C ASN A 97 2.36 -7.60 -3.68
N ASP A 98 1.27 -7.30 -4.37
CA ASP A 98 1.27 -6.24 -5.36
C ASP A 98 1.64 -4.92 -4.69
N VAL A 99 1.15 -4.76 -3.47
CA VAL A 99 1.43 -3.55 -2.71
C VAL A 99 2.87 -3.59 -2.20
N SER A 100 3.23 -4.73 -1.63
CA SER A 100 4.57 -4.90 -1.11
C SER A 100 5.61 -4.60 -2.19
N CYS A 101 5.16 -4.67 -3.43
CA CYS A 101 6.03 -4.40 -4.56
C CYS A 101 6.30 -2.90 -4.61
N TYR A 102 5.23 -2.14 -4.46
CA TYR A 102 5.33 -0.68 -4.49
C TYR A 102 6.31 -0.18 -3.43
N PHE A 103 6.07 -0.62 -2.19
CA PHE A 103 6.92 -0.23 -1.08
C PHE A 103 8.33 -0.77 -1.25
N SER A 104 8.41 -2.02 -1.72
CA SER A 104 9.69 -2.66 -1.93
C SER A 104 10.52 -1.86 -2.93
N LEU A 105 9.85 -1.35 -3.95
CA LEU A 105 10.52 -0.57 -4.97
C LEU A 105 10.92 0.78 -4.37
N LEU A 106 10.06 1.30 -3.51
CA LEU A 106 10.33 2.58 -2.88
C LEU A 106 11.69 2.54 -2.18
N GLU A 107 11.76 1.71 -1.15
CA GLU A 107 13.00 1.56 -0.40
C GLU A 107 14.14 1.19 -1.34
N GLY A 108 13.85 0.33 -2.29
CA GLY A 108 14.84 -0.11 -3.25
C GLY A 108 14.65 0.59 -4.60
N GLY A 109 14.45 1.90 -4.53
CA GLY A 109 14.26 2.70 -5.72
C GLY A 109 13.90 4.14 -5.37
N ARG A 110 14.57 4.65 -4.34
CA ARG A 110 14.33 6.01 -3.88
C ARG A 110 15.34 6.95 -4.52
N PRO A 111 14.86 8.19 -4.84
CA PRO A 111 15.72 9.20 -5.45
C PRO A 111 16.68 9.79 -4.42
N GLU A 112 17.76 10.35 -4.93
CA GLU A 112 18.77 10.97 -4.07
C GLU A 112 18.49 12.47 -3.93
N ASP A 113 17.75 13.00 -4.89
CA ASP A 113 17.41 14.42 -4.88
C ASP A 113 15.88 14.57 -4.96
N LYS A 114 15.24 14.31 -3.82
CA LYS A 114 13.80 14.42 -3.76
C LYS A 114 13.38 15.89 -3.94
N LEU A 115 12.08 16.10 -3.99
CA LEU A 115 11.55 17.45 -4.15
C LEU A 115 11.81 18.26 -2.89
N GLU A 116 11.40 19.52 -2.94
CA GLU A 116 11.59 20.41 -1.81
C GLU A 116 10.45 21.44 -1.74
N TRP A 117 9.86 21.54 -0.56
CA TRP A 117 8.76 22.47 -0.36
C TRP A 117 9.36 23.85 -0.05
N SER A 118 10.67 23.86 0.13
CA SER A 118 11.37 25.10 0.43
C SER A 118 11.73 25.82 -0.87
N MET A 1 -1.72 -10.55 -12.17
CA MET A 1 -2.10 -9.31 -12.81
C MET A 1 -1.08 -8.21 -12.52
N ALA A 2 -0.80 -7.42 -13.55
CA ALA A 2 0.16 -6.33 -13.43
C ALA A 2 -0.34 -5.13 -14.24
N LYS A 3 -1.59 -4.78 -14.00
CA LYS A 3 -2.19 -3.66 -14.69
C LYS A 3 -1.68 -2.35 -14.09
N GLU A 4 -2.62 -1.53 -13.65
CA GLU A 4 -2.27 -0.24 -13.05
C GLU A 4 -3.51 0.64 -12.94
N ARG A 5 -3.46 1.56 -11.99
CA ARG A 5 -4.57 2.48 -11.77
C ARG A 5 -4.07 3.92 -11.74
N GLY A 6 -4.98 4.83 -11.44
CA GLY A 6 -4.65 6.24 -11.39
C GLY A 6 -3.23 6.45 -10.83
N LEU A 7 -2.28 6.52 -11.74
CA LEU A 7 -0.89 6.71 -11.36
C LEU A 7 -0.82 7.74 -10.23
N ILE A 8 -0.46 7.25 -9.05
CA ILE A 8 -0.34 8.11 -7.89
C ILE A 8 0.63 9.24 -8.19
N SER A 9 0.07 10.42 -8.41
CA SER A 9 0.89 11.59 -8.72
C SER A 9 2.01 11.74 -7.68
N PRO A 10 2.88 12.75 -7.90
CA PRO A 10 3.98 13.00 -7.01
C PRO A 10 3.51 13.66 -5.72
N SER A 11 2.20 13.88 -5.64
CA SER A 11 1.60 14.49 -4.47
C SER A 11 1.51 13.47 -3.33
N ASP A 12 0.95 12.31 -3.66
CA ASP A 12 0.80 11.25 -2.68
C ASP A 12 2.16 10.60 -2.43
N PHE A 13 2.92 10.46 -3.50
CA PHE A 13 4.24 9.86 -3.41
C PHE A 13 5.12 10.61 -2.40
N ALA A 14 4.94 11.92 -2.36
CA ALA A 14 5.70 12.76 -1.46
C ALA A 14 5.34 12.40 -0.02
N GLN A 15 4.04 12.43 0.26
CA GLN A 15 3.56 12.12 1.59
C GLN A 15 4.13 10.78 2.07
N LEU A 16 3.88 9.75 1.25
CA LEU A 16 4.36 8.42 1.57
C LEU A 16 5.88 8.46 1.76
N GLN A 17 6.54 9.21 0.89
CA GLN A 17 7.98 9.34 0.95
C GLN A 17 8.41 9.83 2.34
N LYS A 18 7.87 10.99 2.71
CA LYS A 18 8.18 11.58 4.00
C LYS A 18 7.86 10.58 5.11
N TYR A 19 6.59 10.18 5.15
CA TYR A 19 6.14 9.24 6.16
C TYR A 19 7.04 7.99 6.17
N MET A 20 7.34 7.50 4.98
CA MET A 20 8.19 6.33 4.85
C MET A 20 9.57 6.58 5.43
N GLU A 21 10.22 7.62 4.92
CA GLU A 21 11.55 7.97 5.37
C GLU A 21 11.58 8.08 6.90
N TYR A 22 10.66 8.88 7.42
CA TYR A 22 10.57 9.08 8.86
C TYR A 22 10.72 7.76 9.61
N SER A 23 10.12 6.73 9.03
CA SER A 23 10.18 5.40 9.64
C SER A 23 11.32 4.59 9.01
N THR A 24 11.67 3.50 9.68
CA THR A 24 12.73 2.63 9.20
C THR A 24 12.39 1.16 9.45
N LYS A 25 11.32 0.73 8.79
CA LYS A 25 10.88 -0.65 8.93
C LYS A 25 10.69 -1.27 7.54
N LYS A 26 10.49 -2.57 7.53
CA LYS A 26 10.29 -3.29 6.28
C LYS A 26 8.82 -3.66 6.13
N VAL A 27 8.36 -3.65 4.88
CA VAL A 27 6.98 -3.98 4.60
C VAL A 27 6.77 -5.49 4.79
N SER A 28 7.82 -6.24 4.51
CA SER A 28 7.76 -7.69 4.65
C SER A 28 7.55 -8.06 6.12
N ASP A 29 8.16 -7.29 6.99
CA ASP A 29 8.05 -7.53 8.42
C ASP A 29 6.65 -7.13 8.89
N VAL A 30 6.12 -6.09 8.25
CA VAL A 30 4.80 -5.61 8.59
C VAL A 30 3.74 -6.58 8.07
N LEU A 31 3.96 -7.01 6.82
CA LEU A 31 3.04 -7.94 6.19
C LEU A 31 3.11 -9.29 6.90
N LYS A 32 4.23 -9.50 7.59
CA LYS A 32 4.44 -10.74 8.31
C LYS A 32 3.34 -10.90 9.37
N LEU A 33 2.81 -9.77 9.79
CA LEU A 33 1.76 -9.77 10.80
C LEU A 33 0.41 -10.03 10.12
N PHE A 34 0.34 -9.64 8.86
CA PHE A 34 -0.88 -9.82 8.09
C PHE A 34 -1.03 -11.28 7.63
N GLU A 35 0.05 -12.04 7.82
CA GLU A 35 0.05 -13.44 7.43
C GLU A 35 -0.08 -14.32 8.67
N ASP A 36 0.71 -13.99 9.68
CA ASP A 36 0.69 -14.74 10.92
C ASP A 36 0.15 -13.86 12.05
N GLY A 37 0.43 -12.57 11.94
CA GLY A 37 -0.02 -11.61 12.93
C GLY A 37 -1.55 -11.48 12.90
N GLU A 38 -2.07 -10.80 13.92
CA GLU A 38 -3.49 -10.60 14.02
C GLU A 38 -4.01 -9.78 12.83
N MET A 39 -3.10 -9.00 12.27
CA MET A 39 -3.44 -8.17 11.12
C MET A 39 -4.01 -9.02 9.99
N ALA A 40 -3.78 -10.33 10.07
CA ALA A 40 -4.26 -11.26 9.07
C ALA A 40 -5.77 -11.46 9.26
N LYS A 41 -6.29 -10.82 10.29
CA LYS A 41 -7.71 -10.93 10.59
C LYS A 41 -8.52 -10.23 9.49
N TYR A 42 -7.87 -9.27 8.85
CA TYR A 42 -8.51 -8.52 7.79
C TYR A 42 -7.87 -8.82 6.44
N VAL A 43 -7.62 -10.11 6.21
CA VAL A 43 -7.02 -10.55 4.97
C VAL A 43 -7.88 -11.64 4.33
N GLN A 44 -8.20 -11.42 3.07
CA GLN A 44 -9.02 -12.38 2.34
C GLN A 44 -8.23 -12.97 1.16
N GLY A 45 -8.11 -14.29 1.17
CA GLY A 45 -7.39 -14.99 0.12
C GLY A 45 -6.06 -14.29 -0.19
N ASP A 46 -5.23 -14.19 0.84
CA ASP A 46 -3.93 -13.55 0.70
C ASP A 46 -4.13 -12.14 0.12
N ALA A 47 -5.33 -11.62 0.30
CA ALA A 47 -5.65 -10.29 -0.19
C ALA A 47 -6.18 -9.44 0.96
N ILE A 48 -6.28 -8.14 0.70
CA ILE A 48 -6.77 -7.21 1.71
C ILE A 48 -7.64 -6.15 1.03
N GLY A 49 -8.58 -5.64 1.80
CA GLY A 49 -9.49 -4.62 1.30
C GLY A 49 -8.92 -3.21 1.51
N TYR A 50 -9.65 -2.23 0.99
CA TYR A 50 -9.22 -0.84 1.12
C TYR A 50 -9.30 -0.38 2.57
N GLU A 51 -10.24 -0.96 3.30
CA GLU A 51 -10.44 -0.61 4.70
C GLU A 51 -9.25 -1.09 5.53
N GLY A 52 -8.98 -2.38 5.42
CA GLY A 52 -7.88 -2.99 6.16
C GLY A 52 -6.58 -2.24 5.88
N PHE A 53 -6.47 -1.70 4.68
CA PHE A 53 -5.28 -0.97 4.28
C PHE A 53 -5.10 0.29 5.14
N GLN A 54 -6.21 0.78 5.66
CA GLN A 54 -6.19 1.96 6.50
C GLN A 54 -5.39 1.70 7.77
N GLN A 55 -5.64 0.54 8.36
CA GLN A 55 -4.95 0.16 9.58
C GLN A 55 -3.52 -0.28 9.26
N PHE A 56 -3.32 -0.70 8.02
CA PHE A 56 -2.02 -1.14 7.58
C PHE A 56 -1.02 0.02 7.54
N LEU A 57 -1.51 1.16 7.08
CA LEU A 57 -0.67 2.35 7.00
C LEU A 57 -0.20 2.74 8.40
N LYS A 58 -0.95 2.29 9.39
CA LYS A 58 -0.61 2.58 10.78
C LYS A 58 0.66 1.80 11.16
N ILE A 59 0.57 0.49 11.06
CA ILE A 59 1.69 -0.36 11.39
C ILE A 59 2.78 -0.22 10.32
N TYR A 60 2.34 -0.25 9.07
CA TYR A 60 3.26 -0.12 7.95
C TYR A 60 4.32 0.94 8.24
N LEU A 61 3.90 2.19 8.19
CA LEU A 61 4.81 3.29 8.45
C LEU A 61 4.93 3.51 9.96
N GLU A 62 4.15 2.73 10.70
CA GLU A 62 4.16 2.84 12.15
C GLU A 62 3.53 4.16 12.60
N VAL A 63 3.00 4.88 11.62
CA VAL A 63 2.36 6.16 11.89
C VAL A 63 1.28 5.97 12.95
N ASP A 64 1.02 7.04 13.69
CA ASP A 64 0.01 7.00 14.73
C ASP A 64 -1.33 7.44 14.15
N ASN A 65 -1.28 7.94 12.93
CA ASN A 65 -2.48 8.40 12.25
C ASN A 65 -2.13 8.78 10.81
N VAL A 66 -2.72 8.04 9.88
CA VAL A 66 -2.49 8.30 8.47
C VAL A 66 -3.64 9.12 7.90
N PRO A 67 -3.30 9.99 6.91
CA PRO A 67 -4.29 10.84 6.27
C PRO A 67 -5.17 10.04 5.32
N ARG A 68 -6.47 10.28 5.42
CA ARG A 68 -7.43 9.58 4.57
C ARG A 68 -7.22 9.98 3.11
N HIS A 69 -6.85 11.23 2.91
CA HIS A 69 -6.62 11.75 1.58
C HIS A 69 -5.63 10.84 0.84
N LEU A 70 -4.60 10.43 1.58
CA LEU A 70 -3.57 9.57 1.01
C LEU A 70 -4.13 8.15 0.87
N SER A 71 -4.77 7.68 1.93
CA SER A 71 -5.35 6.35 1.94
C SER A 71 -6.36 6.22 0.80
N LEU A 72 -6.86 7.36 0.36
CA LEU A 72 -7.83 7.39 -0.73
C LEU A 72 -7.11 7.13 -2.05
N ALA A 73 -6.00 7.83 -2.23
CA ALA A 73 -5.22 7.69 -3.45
C ALA A 73 -4.47 6.35 -3.41
N LEU A 74 -4.06 5.97 -2.21
CA LEU A 74 -3.34 4.74 -2.03
C LEU A 74 -4.14 3.58 -2.64
N PHE A 75 -5.37 3.44 -2.17
CA PHE A 75 -6.24 2.40 -2.67
C PHE A 75 -6.53 2.57 -4.16
N GLN A 76 -6.77 3.83 -4.52
CA GLN A 76 -7.07 4.15 -5.92
C GLN A 76 -5.98 3.58 -6.83
N SER A 77 -4.73 3.78 -6.42
CA SER A 77 -3.60 3.30 -7.18
C SER A 77 -3.32 1.84 -6.83
N PHE A 78 -4.37 1.05 -6.83
CA PHE A 78 -4.25 -0.37 -6.51
C PHE A 78 -5.62 -1.06 -6.50
N GLU A 79 -5.82 -1.90 -7.50
CA GLU A 79 -7.08 -2.62 -7.62
C GLU A 79 -6.98 -3.69 -8.71
N THR A 80 -7.60 -4.82 -8.45
CA THR A 80 -7.59 -5.93 -9.40
C THR A 80 -8.68 -5.73 -10.45
N GLY A 81 -9.72 -5.00 -10.06
CA GLY A 81 -10.83 -4.73 -10.96
C GLY A 81 -12.05 -4.26 -10.17
N HIS A 82 -12.84 -3.42 -10.82
CA HIS A 82 -14.05 -2.89 -10.21
C HIS A 82 -14.74 -1.92 -11.17
N CYS A 83 -15.99 -1.60 -10.86
CA CYS A 83 -16.77 -0.71 -11.69
C CYS A 83 -17.20 -1.46 -12.94
N LEU A 84 -17.21 -2.78 -12.82
CA LEU A 84 -17.60 -3.63 -13.95
C LEU A 84 -19.10 -3.89 -13.88
N ASN A 85 -19.85 -2.81 -13.68
CA ASN A 85 -21.30 -2.90 -13.60
C ASN A 85 -21.69 -3.41 -12.22
N GLU A 86 -22.96 -3.20 -11.89
CA GLU A 86 -23.48 -3.63 -10.60
C GLU A 86 -23.42 -5.16 -10.50
N THR A 87 -22.24 -5.65 -10.15
CA THR A 87 -22.03 -7.08 -10.01
C THR A 87 -21.63 -7.43 -8.57
N ASN A 88 -22.40 -6.89 -7.63
CA ASN A 88 -22.14 -7.13 -6.22
C ASN A 88 -20.63 -7.05 -5.97
N VAL A 89 -20.01 -6.06 -6.61
CA VAL A 89 -18.58 -5.86 -6.46
C VAL A 89 -18.33 -4.87 -5.33
N THR A 90 -19.11 -5.00 -4.26
CA THR A 90 -18.99 -4.13 -3.12
C THR A 90 -17.84 -4.60 -2.21
N LYS A 91 -17.33 -5.79 -2.53
CA LYS A 91 -16.24 -6.36 -1.75
C LYS A 91 -15.08 -6.68 -2.69
N ASP A 92 -14.14 -5.75 -2.77
CA ASP A 92 -12.98 -5.92 -3.63
C ASP A 92 -11.72 -5.97 -2.76
N VAL A 93 -10.90 -6.98 -3.00
CA VAL A 93 -9.67 -7.16 -2.26
C VAL A 93 -8.48 -6.85 -3.16
N VAL A 94 -7.36 -6.57 -2.53
CA VAL A 94 -6.14 -6.25 -3.26
C VAL A 94 -5.05 -7.25 -2.89
N CYS A 95 -4.12 -7.45 -3.81
CA CYS A 95 -3.03 -8.38 -3.59
C CYS A 95 -2.03 -7.70 -2.64
N LEU A 96 -1.57 -8.47 -1.67
CA LEU A 96 -0.62 -7.97 -0.70
C LEU A 96 0.80 -8.11 -1.27
N ASN A 97 1.06 -9.27 -1.88
CA ASN A 97 2.35 -9.54 -2.46
C ASN A 97 2.63 -8.52 -3.56
N ASP A 98 1.62 -8.29 -4.38
CA ASP A 98 1.74 -7.35 -5.48
C ASP A 98 2.12 -5.97 -4.93
N VAL A 99 1.45 -5.59 -3.85
CA VAL A 99 1.70 -4.31 -3.21
C VAL A 99 3.09 -4.34 -2.56
N SER A 100 3.38 -5.47 -1.93
CA SER A 100 4.66 -5.63 -1.25
C SER A 100 5.80 -5.38 -2.24
N CYS A 101 5.48 -5.53 -3.52
CA CYS A 101 6.48 -5.33 -4.57
C CYS A 101 6.66 -3.82 -4.75
N TYR A 102 5.55 -3.13 -4.93
CA TYR A 102 5.56 -1.70 -5.12
C TYR A 102 6.29 -0.99 -3.97
N PHE A 103 5.89 -1.36 -2.75
CA PHE A 103 6.48 -0.78 -1.57
C PHE A 103 7.98 -1.10 -1.49
N SER A 104 8.32 -2.29 -1.98
CA SER A 104 9.70 -2.73 -1.98
C SER A 104 10.55 -1.83 -2.88
N LEU A 105 9.95 -1.45 -4.00
CA LEU A 105 10.64 -0.60 -4.96
C LEU A 105 10.67 0.83 -4.43
N LEU A 106 9.63 1.18 -3.68
CA LEU A 106 9.54 2.51 -3.11
C LEU A 106 10.86 2.87 -2.43
N GLU A 107 11.22 2.07 -1.43
CA GLU A 107 12.46 2.29 -0.70
C GLU A 107 13.62 2.42 -1.67
N GLY A 108 13.55 1.64 -2.75
CA GLY A 108 14.60 1.66 -3.75
C GLY A 108 14.09 2.27 -5.05
N GLY A 109 13.39 3.38 -4.92
CA GLY A 109 12.84 4.07 -6.08
C GLY A 109 13.73 5.26 -6.47
N ARG A 110 15.01 4.97 -6.63
CA ARG A 110 15.96 6.00 -7.00
C ARG A 110 15.64 6.55 -8.40
N PRO A 111 15.20 7.83 -8.44
CA PRO A 111 14.85 8.46 -9.71
C PRO A 111 16.11 8.83 -10.49
N GLU A 112 15.90 9.18 -11.75
CA GLU A 112 17.01 9.56 -12.61
C GLU A 112 17.26 11.07 -12.51
N ASP A 113 16.24 11.79 -12.08
CA ASP A 113 16.34 13.23 -11.92
C ASP A 113 15.34 13.70 -10.87
N LYS A 114 15.84 13.91 -9.67
CA LYS A 114 15.01 14.37 -8.58
C LYS A 114 14.32 15.67 -8.98
N LEU A 115 13.47 16.16 -8.08
CA LEU A 115 12.74 17.39 -8.33
C LEU A 115 13.40 18.53 -7.56
N GLU A 116 12.85 19.72 -7.74
CA GLU A 116 13.37 20.90 -7.07
C GLU A 116 12.26 21.91 -6.81
N TRP A 117 12.19 22.37 -5.58
CA TRP A 117 11.17 23.33 -5.18
C TRP A 117 11.70 24.72 -5.51
N SER A 118 11.96 25.48 -4.45
CA SER A 118 12.48 26.84 -4.61
C SER A 118 14.00 26.84 -4.48
N MET A 1 4.08 -6.92 -11.18
CA MET A 1 4.02 -7.50 -12.50
C MET A 1 3.70 -6.45 -13.56
N ALA A 2 4.51 -5.39 -13.55
CA ALA A 2 4.32 -4.30 -14.49
C ALA A 2 2.83 -3.96 -14.59
N LYS A 3 2.16 -4.05 -13.45
CA LYS A 3 0.74 -3.76 -13.40
C LYS A 3 0.53 -2.39 -12.76
N GLU A 4 -0.40 -2.34 -11.82
CA GLU A 4 -0.71 -1.11 -11.12
C GLU A 4 -1.47 -0.16 -12.05
N ARG A 5 -2.43 0.55 -11.47
CA ARG A 5 -3.23 1.49 -12.22
C ARG A 5 -3.17 2.88 -11.57
N GLY A 6 -3.48 3.89 -12.38
CA GLY A 6 -3.46 5.26 -11.91
C GLY A 6 -2.13 5.58 -11.20
N LEU A 7 -1.28 6.30 -11.91
CA LEU A 7 0.02 6.67 -11.38
C LEU A 7 -0.18 7.77 -10.32
N ILE A 8 0.26 7.44 -9.11
CA ILE A 8 0.13 8.38 -8.00
C ILE A 8 1.05 9.59 -8.26
N SER A 9 0.42 10.75 -8.33
CA SER A 9 1.16 11.98 -8.57
C SER A 9 2.34 12.08 -7.60
N PRO A 10 3.10 13.19 -7.74
CA PRO A 10 4.27 13.42 -6.89
C PRO A 10 3.84 13.84 -5.49
N SER A 11 2.53 14.02 -5.33
CA SER A 11 1.99 14.42 -4.04
C SER A 11 1.90 13.22 -3.11
N ASP A 12 1.33 12.14 -3.64
CA ASP A 12 1.18 10.92 -2.86
C ASP A 12 2.56 10.37 -2.52
N PHE A 13 3.44 10.40 -3.50
CA PHE A 13 4.79 9.92 -3.31
C PHE A 13 5.51 10.68 -2.19
N ALA A 14 5.37 12.00 -2.24
CA ALA A 14 5.98 12.86 -1.25
C ALA A 14 5.50 12.45 0.15
N GLN A 15 4.19 12.47 0.32
CA GLN A 15 3.60 12.10 1.59
C GLN A 15 4.13 10.74 2.06
N LEU A 16 4.00 9.76 1.19
CA LEU A 16 4.47 8.42 1.49
C LEU A 16 5.95 8.47 1.88
N GLN A 17 6.72 9.16 1.05
CA GLN A 17 8.14 9.30 1.29
C GLN A 17 8.39 9.98 2.65
N LYS A 18 7.82 11.18 2.78
CA LYS A 18 7.98 11.94 4.01
C LYS A 18 7.69 11.03 5.21
N TYR A 19 6.51 10.42 5.19
CA TYR A 19 6.11 9.53 6.26
C TYR A 19 7.06 8.33 6.36
N MET A 20 7.32 7.72 5.21
CA MET A 20 8.22 6.57 5.16
C MET A 20 9.59 6.91 5.73
N GLU A 21 10.19 7.94 5.15
CA GLU A 21 11.51 8.38 5.59
C GLU A 21 11.58 8.37 7.12
N TYR A 22 10.62 9.05 7.73
CA TYR A 22 10.57 9.13 9.18
C TYR A 22 10.50 7.73 9.81
N SER A 23 9.80 6.85 9.12
CA SER A 23 9.65 5.48 9.60
C SER A 23 10.92 4.68 9.28
N THR A 24 11.02 3.52 9.93
CA THR A 24 12.16 2.66 9.72
C THR A 24 11.71 1.19 9.60
N LYS A 25 10.41 1.02 9.47
CA LYS A 25 9.84 -0.30 9.34
C LYS A 25 9.90 -0.75 7.87
N LYS A 26 9.37 -1.94 7.63
CA LYS A 26 9.37 -2.49 6.28
C LYS A 26 7.98 -3.07 5.98
N VAL A 27 7.66 -3.12 4.69
CA VAL A 27 6.38 -3.65 4.26
C VAL A 27 6.35 -5.17 4.48
N SER A 28 7.53 -5.77 4.34
CA SER A 28 7.67 -7.20 4.51
C SER A 28 7.47 -7.57 5.98
N ASP A 29 7.70 -6.58 6.83
CA ASP A 29 7.56 -6.78 8.27
C ASP A 29 6.07 -6.90 8.62
N VAL A 30 5.29 -5.99 8.04
CA VAL A 30 3.86 -5.98 8.28
C VAL A 30 3.21 -7.15 7.53
N LEU A 31 3.80 -7.48 6.39
CA LEU A 31 3.29 -8.57 5.58
C LEU A 31 3.21 -9.84 6.43
N LYS A 32 4.33 -10.20 7.01
CA LYS A 32 4.40 -11.39 7.85
C LYS A 32 3.42 -11.25 9.01
N LEU A 33 3.08 -9.99 9.31
CA LEU A 33 2.16 -9.70 10.39
C LEU A 33 0.73 -9.90 9.90
N PHE A 34 0.55 -9.68 8.60
CA PHE A 34 -0.76 -9.83 7.98
C PHE A 34 -1.15 -11.30 7.83
N GLU A 35 -0.16 -12.16 8.06
CA GLU A 35 -0.37 -13.59 7.95
C GLU A 35 -0.47 -14.22 9.35
N ASP A 36 0.44 -13.81 10.21
CA ASP A 36 0.47 -14.33 11.57
C ASP A 36 0.24 -13.17 12.55
N GLY A 37 0.73 -12.01 12.17
CA GLY A 37 0.60 -10.83 12.99
C GLY A 37 -0.86 -10.60 13.38
N GLU A 38 -1.10 -9.48 14.06
CA GLU A 38 -2.45 -9.14 14.49
C GLU A 38 -3.25 -8.58 13.32
N MET A 39 -2.54 -8.20 12.27
CA MET A 39 -3.17 -7.66 11.09
C MET A 39 -3.85 -8.76 10.27
N ALA A 40 -3.54 -10.00 10.64
CA ALA A 40 -4.11 -11.15 9.95
C ALA A 40 -5.56 -11.33 10.40
N LYS A 41 -5.98 -10.48 11.32
CA LYS A 41 -7.34 -10.53 11.83
C LYS A 41 -8.30 -9.96 10.79
N TYR A 42 -7.75 -9.13 9.92
CA TYR A 42 -8.54 -8.50 8.87
C TYR A 42 -7.96 -8.81 7.49
N VAL A 43 -7.71 -10.10 7.26
CA VAL A 43 -7.15 -10.54 5.99
C VAL A 43 -8.04 -11.64 5.40
N GLN A 44 -8.36 -11.48 4.13
CA GLN A 44 -9.20 -12.45 3.45
C GLN A 44 -8.35 -13.31 2.50
N GLY A 45 -7.83 -14.40 3.04
CA GLY A 45 -7.00 -15.30 2.26
C GLY A 45 -5.69 -14.64 1.86
N ASP A 46 -5.68 -14.08 0.66
CA ASP A 46 -4.51 -13.41 0.14
C ASP A 46 -4.88 -12.01 -0.32
N ALA A 47 -6.07 -11.59 0.07
CA ALA A 47 -6.57 -10.27 -0.30
C ALA A 47 -7.10 -9.56 0.94
N ILE A 48 -6.81 -8.28 1.03
CA ILE A 48 -7.26 -7.48 2.16
C ILE A 48 -8.16 -6.35 1.66
N GLY A 49 -8.97 -5.83 2.57
CA GLY A 49 -9.89 -4.75 2.23
C GLY A 49 -9.26 -3.39 2.52
N TYR A 50 -10.08 -2.36 2.42
CA TYR A 50 -9.61 -1.00 2.66
C TYR A 50 -9.21 -0.83 4.13
N GLU A 51 -10.14 -1.14 5.01
CA GLU A 51 -9.91 -1.02 6.44
C GLU A 51 -8.57 -1.67 6.81
N GLY A 52 -8.25 -2.73 6.10
CA GLY A 52 -7.01 -3.44 6.33
C GLY A 52 -5.83 -2.75 5.65
N PHE A 53 -6.14 -2.08 4.55
CA PHE A 53 -5.12 -1.37 3.80
C PHE A 53 -4.77 -0.04 4.47
N GLN A 54 -5.80 0.61 4.99
CA GLN A 54 -5.62 1.89 5.66
C GLN A 54 -4.93 1.69 7.00
N GLN A 55 -5.27 0.58 7.66
CA GLN A 55 -4.69 0.26 8.95
C GLN A 55 -3.24 -0.20 8.78
N PHE A 56 -2.96 -0.74 7.61
CA PHE A 56 -1.62 -1.23 7.31
C PHE A 56 -0.60 -0.09 7.38
N LEU A 57 -0.98 1.04 6.78
CA LEU A 57 -0.11 2.21 6.76
C LEU A 57 0.26 2.58 8.19
N LYS A 58 -0.56 2.12 9.13
CA LYS A 58 -0.32 2.40 10.53
C LYS A 58 0.98 1.74 10.97
N ILE A 59 1.02 0.42 10.83
CA ILE A 59 2.19 -0.34 11.20
C ILE A 59 3.31 -0.05 10.21
N TYR A 60 2.96 -0.08 8.93
CA TYR A 60 3.92 0.17 7.88
C TYR A 60 4.88 1.30 8.26
N LEU A 61 4.33 2.51 8.32
CA LEU A 61 5.13 3.67 8.68
C LEU A 61 5.12 3.83 10.20
N GLU A 62 4.39 2.95 10.86
CA GLU A 62 4.30 2.99 12.31
C GLU A 62 3.58 4.26 12.76
N VAL A 63 3.03 4.97 11.80
CA VAL A 63 2.30 6.19 12.08
C VAL A 63 1.16 5.89 13.05
N ASP A 64 0.77 6.93 13.78
CA ASP A 64 -0.31 6.79 14.74
C ASP A 64 -1.65 7.10 14.06
N ASN A 65 -1.54 7.61 12.84
CA ASN A 65 -2.72 7.96 12.07
C ASN A 65 -2.31 8.37 10.66
N VAL A 66 -2.78 7.60 9.69
CA VAL A 66 -2.46 7.88 8.29
C VAL A 66 -3.58 8.71 7.68
N PRO A 67 -3.19 9.58 6.72
CA PRO A 67 -4.16 10.43 6.04
C PRO A 67 -4.97 9.65 5.03
N ARG A 68 -6.29 9.74 5.17
CA ARG A 68 -7.18 9.04 4.27
C ARG A 68 -6.95 9.47 2.82
N HIS A 69 -6.58 10.73 2.68
CA HIS A 69 -6.32 11.29 1.36
C HIS A 69 -5.28 10.42 0.63
N LEU A 70 -4.26 10.01 1.37
CA LEU A 70 -3.21 9.18 0.82
C LEU A 70 -3.74 7.75 0.64
N SER A 71 -4.45 7.29 1.66
CA SER A 71 -5.01 5.94 1.63
C SER A 71 -5.90 5.79 0.39
N LEU A 72 -6.56 6.89 0.04
CA LEU A 72 -7.44 6.88 -1.11
C LEU A 72 -6.63 6.71 -2.40
N ALA A 73 -5.57 7.51 -2.50
CA ALA A 73 -4.70 7.47 -3.66
C ALA A 73 -3.91 6.17 -3.63
N LEU A 74 -3.66 5.68 -2.43
CA LEU A 74 -2.91 4.45 -2.25
C LEU A 74 -3.69 3.29 -2.91
N PHE A 75 -4.97 3.22 -2.58
CA PHE A 75 -5.81 2.17 -3.12
C PHE A 75 -5.99 2.34 -4.63
N GLN A 76 -6.15 3.59 -5.05
CA GLN A 76 -6.33 3.90 -6.45
C GLN A 76 -5.17 3.31 -7.27
N SER A 77 -4.03 3.16 -6.61
CA SER A 77 -2.84 2.63 -7.26
C SER A 77 -3.03 1.14 -7.51
N PHE A 78 -3.45 0.43 -6.47
CA PHE A 78 -3.67 -1.00 -6.56
C PHE A 78 -5.09 -1.37 -6.16
N GLU A 79 -5.76 -2.10 -7.05
CA GLU A 79 -7.13 -2.51 -6.80
C GLU A 79 -7.61 -3.43 -7.94
N THR A 80 -8.24 -4.53 -7.54
CA THR A 80 -8.75 -5.48 -8.50
C THR A 80 -10.04 -4.95 -9.14
N GLY A 81 -11.05 -5.81 -9.14
CA GLY A 81 -12.33 -5.45 -9.71
C GLY A 81 -12.74 -6.43 -10.81
N HIS A 82 -11.89 -6.53 -11.82
CA HIS A 82 -12.15 -7.44 -12.93
C HIS A 82 -13.38 -6.95 -13.70
N CYS A 83 -14.54 -7.20 -13.12
CA CYS A 83 -15.79 -6.79 -13.73
C CYS A 83 -16.26 -5.49 -13.08
N LEU A 84 -16.10 -4.41 -13.81
CA LEU A 84 -16.50 -3.10 -13.32
C LEU A 84 -17.91 -2.77 -13.83
N ASN A 85 -18.82 -3.69 -13.57
CA ASN A 85 -20.20 -3.51 -14.00
C ASN A 85 -20.99 -4.79 -13.70
N GLU A 86 -21.19 -5.03 -12.41
CA GLU A 86 -21.93 -6.21 -11.98
C GLU A 86 -22.73 -5.90 -10.71
N THR A 87 -23.01 -6.94 -9.96
CA THR A 87 -23.76 -6.80 -8.72
C THR A 87 -23.13 -7.62 -7.60
N ASN A 88 -21.83 -7.46 -7.46
CA ASN A 88 -21.08 -8.19 -6.44
C ASN A 88 -19.75 -7.47 -6.18
N VAL A 89 -19.87 -6.26 -5.67
CA VAL A 89 -18.69 -5.46 -5.37
C VAL A 89 -18.78 -4.94 -3.93
N THR A 90 -19.29 -5.80 -3.05
CA THR A 90 -19.43 -5.46 -1.66
C THR A 90 -18.14 -5.76 -0.90
N LYS A 91 -17.28 -6.54 -1.54
CA LYS A 91 -16.01 -6.91 -0.93
C LYS A 91 -14.86 -6.49 -1.86
N ASP A 92 -14.43 -5.25 -1.67
CA ASP A 92 -13.34 -4.71 -2.47
C ASP A 92 -12.01 -4.98 -1.76
N VAL A 93 -11.33 -6.02 -2.22
CA VAL A 93 -10.05 -6.39 -1.64
C VAL A 93 -8.95 -6.21 -2.69
N VAL A 94 -7.73 -6.48 -2.28
CA VAL A 94 -6.59 -6.34 -3.17
C VAL A 94 -5.47 -7.28 -2.69
N CYS A 95 -4.57 -7.58 -3.61
CA CYS A 95 -3.45 -8.45 -3.31
C CYS A 95 -2.44 -7.66 -2.48
N LEU A 96 -1.87 -8.34 -1.49
CA LEU A 96 -0.88 -7.71 -0.62
C LEU A 96 0.49 -7.77 -1.29
N ASN A 97 0.90 -8.98 -1.61
CA ASN A 97 2.20 -9.18 -2.25
C ASN A 97 2.32 -8.22 -3.44
N ASP A 98 1.18 -7.91 -4.02
CA ASP A 98 1.16 -7.01 -5.17
C ASP A 98 1.56 -5.61 -4.72
N VAL A 99 1.03 -5.22 -3.56
CA VAL A 99 1.33 -3.91 -3.01
C VAL A 99 2.77 -3.89 -2.50
N SER A 100 3.15 -4.97 -1.82
CA SER A 100 4.48 -5.09 -1.27
C SER A 100 5.51 -4.98 -2.40
N CYS A 101 5.07 -5.29 -3.61
CA CYS A 101 5.94 -5.22 -4.76
C CYS A 101 6.24 -3.76 -5.07
N TYR A 102 5.18 -2.98 -5.21
CA TYR A 102 5.30 -1.56 -5.50
C TYR A 102 5.98 -0.83 -4.33
N PHE A 103 5.56 -1.19 -3.13
CA PHE A 103 6.11 -0.58 -1.93
C PHE A 103 7.58 -0.97 -1.74
N SER A 104 7.91 -2.16 -2.21
CA SER A 104 9.26 -2.66 -2.11
C SER A 104 10.23 -1.72 -2.83
N LEU A 105 9.72 -1.10 -3.89
CA LEU A 105 10.53 -0.18 -4.68
C LEU A 105 10.74 1.11 -3.87
N LEU A 106 9.62 1.68 -3.42
CA LEU A 106 9.67 2.90 -2.64
C LEU A 106 10.63 2.72 -1.47
N GLU A 107 10.29 1.77 -0.61
CA GLU A 107 11.11 1.50 0.56
C GLU A 107 12.56 1.25 0.14
N GLY A 108 12.72 0.42 -0.87
CA GLY A 108 14.05 0.10 -1.38
C GLY A 108 14.02 -1.22 -2.15
N GLY A 109 13.60 -2.27 -1.47
CA GLY A 109 13.53 -3.59 -2.08
C GLY A 109 14.91 -4.24 -2.15
N ARG A 110 15.61 -4.17 -1.02
CA ARG A 110 16.95 -4.75 -0.94
C ARG A 110 16.96 -5.89 0.07
N PRO A 111 17.64 -7.00 -0.33
CA PRO A 111 17.73 -8.18 0.52
C PRO A 111 18.73 -7.95 1.66
N GLU A 112 18.93 -8.99 2.44
CA GLU A 112 19.85 -8.91 3.57
C GLU A 112 19.82 -10.22 4.36
N ASP A 113 18.64 -10.81 4.42
CA ASP A 113 18.46 -12.06 5.15
C ASP A 113 18.82 -11.84 6.62
N LYS A 114 17.92 -11.19 7.33
CA LYS A 114 18.14 -10.90 8.75
C LYS A 114 18.36 -12.22 9.49
N LEU A 115 18.25 -12.15 10.81
CA LEU A 115 18.43 -13.32 11.64
C LEU A 115 17.26 -14.28 11.44
N GLU A 116 17.47 -15.51 11.89
CA GLU A 116 16.43 -16.53 11.75
C GLU A 116 16.40 -17.41 13.01
N TRP A 117 15.19 -17.78 13.39
CA TRP A 117 15.01 -18.62 14.57
C TRP A 117 14.61 -20.02 14.09
N SER A 118 15.58 -20.72 13.53
CA SER A 118 15.35 -22.07 13.03
C SER A 118 16.67 -22.83 12.93
N MET A 1 11.18 -7.24 -14.81
CA MET A 1 10.78 -6.42 -13.67
C MET A 1 10.70 -4.94 -14.05
N ALA A 2 10.09 -4.69 -15.19
CA ALA A 2 9.93 -3.33 -15.67
C ALA A 2 8.44 -3.00 -15.80
N LYS A 3 7.76 -3.09 -14.66
CA LYS A 3 6.34 -2.80 -14.62
C LYS A 3 6.12 -1.30 -14.73
N GLU A 4 5.41 -0.77 -13.74
CA GLU A 4 5.13 0.66 -13.72
C GLU A 4 4.32 1.07 -14.95
N ARG A 5 3.38 1.98 -14.73
CA ARG A 5 2.53 2.46 -15.81
C ARG A 5 1.50 3.46 -15.27
N GLY A 6 1.98 4.37 -14.45
CA GLY A 6 1.13 5.38 -13.86
C GLY A 6 0.70 4.99 -12.44
N LEU A 7 1.23 5.73 -11.47
CA LEU A 7 0.91 5.47 -10.08
C LEU A 7 0.73 6.80 -9.35
N ILE A 8 0.65 6.71 -8.02
CA ILE A 8 0.47 7.89 -7.21
C ILE A 8 1.38 9.02 -7.72
N SER A 9 0.75 10.13 -8.05
CA SER A 9 1.49 11.27 -8.56
C SER A 9 2.66 11.60 -7.64
N PRO A 10 3.42 12.66 -8.02
CA PRO A 10 4.58 13.08 -7.23
C PRO A 10 4.12 13.81 -5.96
N SER A 11 2.83 14.01 -5.86
CA SER A 11 2.26 14.68 -4.70
C SER A 11 2.16 13.71 -3.52
N ASP A 12 1.57 12.56 -3.80
CA ASP A 12 1.39 11.54 -2.78
C ASP A 12 2.74 10.86 -2.52
N PHE A 13 3.55 10.80 -3.56
CA PHE A 13 4.86 10.18 -3.45
C PHE A 13 5.72 10.89 -2.40
N ALA A 14 5.65 12.21 -2.44
CA ALA A 14 6.41 13.02 -1.50
C ALA A 14 5.93 12.74 -0.07
N GLN A 15 4.61 12.80 0.09
CA GLN A 15 4.01 12.57 1.39
C GLN A 15 4.53 11.26 1.98
N LEU A 16 4.41 10.20 1.19
CA LEU A 16 4.85 8.88 1.62
C LEU A 16 6.36 8.93 1.88
N GLN A 17 7.05 9.70 1.05
CA GLN A 17 8.50 9.84 1.18
C GLN A 17 8.85 10.41 2.55
N LYS A 18 8.29 11.57 2.84
CA LYS A 18 8.56 12.24 4.11
C LYS A 18 8.09 11.33 5.25
N TYR A 19 7.09 10.51 4.94
CA TYR A 19 6.55 9.59 5.93
C TYR A 19 7.46 8.38 6.12
N MET A 20 7.96 7.88 5.00
CA MET A 20 8.86 6.73 5.04
C MET A 20 10.27 7.14 5.45
N GLU A 21 10.73 8.24 4.87
CA GLU A 21 12.05 8.75 5.16
C GLU A 21 12.30 8.72 6.67
N TYR A 22 11.32 9.21 7.41
CA TYR A 22 11.43 9.25 8.86
C TYR A 22 11.27 7.86 9.46
N SER A 23 10.50 7.03 8.76
CA SER A 23 10.25 5.67 9.20
C SER A 23 11.48 4.80 8.94
N THR A 24 11.65 3.79 9.79
CA THR A 24 12.77 2.89 9.65
C THR A 24 12.30 1.44 9.73
N LYS A 25 10.98 1.27 9.68
CA LYS A 25 10.39 -0.05 9.75
C LYS A 25 10.59 -0.76 8.41
N LYS A 26 10.02 -1.96 8.32
CA LYS A 26 10.13 -2.75 7.11
C LYS A 26 8.76 -3.34 6.77
N VAL A 27 8.42 -3.27 5.49
CA VAL A 27 7.15 -3.79 5.02
C VAL A 27 7.16 -5.32 5.10
N SER A 28 8.37 -5.86 5.10
CA SER A 28 8.53 -7.31 5.17
C SER A 28 7.87 -7.85 6.44
N ASP A 29 8.04 -7.11 7.52
CA ASP A 29 7.47 -7.50 8.80
C ASP A 29 5.97 -7.21 8.78
N VAL A 30 5.61 -6.11 8.12
CA VAL A 30 4.22 -5.73 8.02
C VAL A 30 3.47 -6.69 7.10
N LEU A 31 4.22 -7.24 6.15
CA LEU A 31 3.66 -8.18 5.20
C LEU A 31 3.25 -9.46 5.93
N LYS A 32 4.24 -10.12 6.49
CA LYS A 32 4.01 -11.35 7.23
C LYS A 32 3.02 -11.08 8.36
N LEU A 33 2.88 -9.81 8.70
CA LEU A 33 1.97 -9.41 9.77
C LEU A 33 0.53 -9.69 9.32
N PHE A 34 0.24 -9.30 8.09
CA PHE A 34 -1.09 -9.49 7.54
C PHE A 34 -1.25 -10.91 6.98
N GLU A 35 -0.12 -11.59 6.85
CA GLU A 35 -0.11 -12.95 6.33
C GLU A 35 -0.45 -13.94 7.44
N ASP A 36 0.39 -13.94 8.47
CA ASP A 36 0.20 -14.83 9.60
C ASP A 36 0.39 -14.05 10.90
N GLY A 37 0.18 -12.75 10.80
CA GLY A 37 0.34 -11.88 11.96
C GLY A 37 -1.03 -11.48 12.53
N GLU A 38 -1.04 -10.36 13.23
CA GLU A 38 -2.27 -9.87 13.83
C GLU A 38 -3.15 -9.19 12.78
N MET A 39 -2.49 -8.75 11.71
CA MET A 39 -3.20 -8.09 10.62
C MET A 39 -3.78 -9.11 9.64
N ALA A 40 -3.75 -10.36 10.07
CA ALA A 40 -4.28 -11.44 9.24
C ALA A 40 -5.75 -11.67 9.59
N LYS A 41 -6.22 -10.92 10.57
CA LYS A 41 -7.60 -11.04 11.01
C LYS A 41 -8.49 -10.21 10.09
N TYR A 42 -7.87 -9.25 9.41
CA TYR A 42 -8.59 -8.38 8.50
C TYR A 42 -8.19 -8.65 7.05
N VAL A 43 -8.01 -9.93 6.74
CA VAL A 43 -7.63 -10.33 5.40
C VAL A 43 -8.66 -11.31 4.86
N GLN A 44 -9.05 -11.08 3.60
CA GLN A 44 -10.03 -11.94 2.96
C GLN A 44 -9.33 -12.89 1.98
N GLY A 45 -8.93 -14.04 2.49
CA GLY A 45 -8.27 -15.04 1.68
C GLY A 45 -6.86 -14.56 1.27
N ASP A 46 -6.79 -14.07 0.04
CA ASP A 46 -5.53 -13.58 -0.49
C ASP A 46 -5.68 -12.09 -0.86
N ALA A 47 -6.81 -11.53 -0.47
CA ALA A 47 -7.09 -10.14 -0.76
C ALA A 47 -7.58 -9.44 0.52
N ILE A 48 -7.13 -8.21 0.68
CA ILE A 48 -7.52 -7.43 1.84
C ILE A 48 -8.48 -6.32 1.42
N GLY A 49 -9.31 -5.90 2.36
CA GLY A 49 -10.27 -4.85 2.10
C GLY A 49 -9.62 -3.47 2.17
N TYR A 50 -10.39 -2.46 1.82
CA TYR A 50 -9.91 -1.08 1.85
C TYR A 50 -9.75 -0.59 3.29
N GLU A 51 -10.59 -1.11 4.15
CA GLU A 51 -10.56 -0.73 5.56
C GLU A 51 -9.33 -1.32 6.24
N GLY A 52 -9.15 -2.62 6.06
CA GLY A 52 -8.01 -3.31 6.66
C GLY A 52 -6.70 -2.67 6.22
N PHE A 53 -6.72 -2.08 5.03
CA PHE A 53 -5.54 -1.43 4.50
C PHE A 53 -5.17 -0.20 5.33
N GLN A 54 -6.18 0.37 5.96
CA GLN A 54 -5.97 1.56 6.79
C GLN A 54 -5.00 1.23 7.94
N GLN A 55 -5.36 0.22 8.71
CA GLN A 55 -4.53 -0.20 9.83
C GLN A 55 -3.12 -0.55 9.35
N PHE A 56 -3.05 -1.02 8.11
CA PHE A 56 -1.77 -1.38 7.52
C PHE A 56 -0.79 -0.21 7.54
N LEU A 57 -1.25 0.91 7.00
CA LEU A 57 -0.43 2.11 6.95
C LEU A 57 -0.04 2.50 8.38
N LYS A 58 -0.83 2.03 9.34
CA LYS A 58 -0.58 2.33 10.73
C LYS A 58 0.72 1.64 11.17
N ILE A 59 0.72 0.33 11.03
CA ILE A 59 1.89 -0.46 11.40
C ILE A 59 3.00 -0.26 10.37
N TYR A 60 2.61 -0.36 9.11
CA TYR A 60 3.56 -0.19 8.02
C TYR A 60 4.39 1.08 8.21
N LEU A 61 3.74 2.21 7.99
CA LEU A 61 4.40 3.49 8.12
C LEU A 61 4.66 3.77 9.62
N GLU A 62 4.11 2.89 10.44
CA GLU A 62 4.26 3.03 11.88
C GLU A 62 3.64 4.34 12.36
N VAL A 63 2.86 4.94 11.49
CA VAL A 63 2.19 6.19 11.81
C VAL A 63 1.09 5.93 12.85
N ASP A 64 0.76 6.99 13.59
CA ASP A 64 -0.26 6.88 14.60
C ASP A 64 -1.64 7.08 13.96
N ASN A 65 -1.61 7.57 12.73
CA ASN A 65 -2.84 7.82 12.00
C ASN A 65 -2.50 8.27 10.58
N VAL A 66 -2.92 7.46 9.61
CA VAL A 66 -2.67 7.77 8.22
C VAL A 66 -3.89 8.47 7.62
N PRO A 67 -3.62 9.38 6.65
CA PRO A 67 -4.68 10.12 6.00
C PRO A 67 -5.44 9.22 5.00
N ARG A 68 -6.75 9.35 5.01
CA ARG A 68 -7.59 8.58 4.13
C ARG A 68 -7.39 9.02 2.68
N HIS A 69 -7.17 10.31 2.50
CA HIS A 69 -6.96 10.87 1.19
C HIS A 69 -5.84 10.10 0.48
N LEU A 70 -4.76 9.89 1.21
CA LEU A 70 -3.62 9.17 0.66
C LEU A 70 -3.95 7.68 0.59
N SER A 71 -4.60 7.20 1.64
CA SER A 71 -4.98 5.81 1.70
C SER A 71 -5.82 5.43 0.48
N LEU A 72 -6.64 6.37 0.04
CA LEU A 72 -7.49 6.16 -1.12
C LEU A 72 -6.62 5.97 -2.35
N ALA A 73 -5.67 6.89 -2.52
CA ALA A 73 -4.77 6.83 -3.67
C ALA A 73 -3.83 5.64 -3.51
N LEU A 74 -3.49 5.35 -2.27
CA LEU A 74 -2.61 4.23 -1.97
C LEU A 74 -3.20 2.95 -2.55
N PHE A 75 -4.50 2.79 -2.35
CA PHE A 75 -5.20 1.62 -2.84
C PHE A 75 -5.35 1.67 -4.37
N GLN A 76 -5.62 2.87 -4.86
CA GLN A 76 -5.79 3.07 -6.29
C GLN A 76 -4.54 2.61 -7.04
N SER A 77 -3.44 2.56 -6.30
CA SER A 77 -2.16 2.15 -6.88
C SER A 77 -2.35 0.86 -7.68
N PHE A 78 -3.16 -0.03 -7.13
CA PHE A 78 -3.43 -1.30 -7.78
C PHE A 78 -4.91 -1.43 -8.14
N GLU A 79 -5.72 -1.60 -7.09
CA GLU A 79 -7.15 -1.74 -7.27
C GLU A 79 -7.48 -3.06 -7.97
N THR A 80 -8.69 -3.55 -7.73
CA THR A 80 -9.12 -4.80 -8.32
C THR A 80 -8.93 -4.76 -9.84
N GLY A 81 -10.04 -4.57 -10.54
CA GLY A 81 -10.01 -4.52 -12.00
C GLY A 81 -10.99 -3.47 -12.53
N HIS A 82 -10.45 -2.55 -13.31
CA HIS A 82 -11.26 -1.49 -13.88
C HIS A 82 -11.71 -1.89 -15.29
N CYS A 83 -12.94 -1.53 -15.61
CA CYS A 83 -13.50 -1.84 -16.92
C CYS A 83 -14.86 -1.16 -17.04
N LEU A 84 -15.25 -0.90 -18.28
CA LEU A 84 -16.52 -0.25 -18.56
C LEU A 84 -17.62 -1.31 -18.64
N ASN A 85 -17.61 -2.21 -17.66
CA ASN A 85 -18.61 -3.27 -17.62
C ASN A 85 -18.94 -3.58 -16.17
N GLU A 86 -19.85 -4.54 -15.99
CA GLU A 86 -20.26 -4.94 -14.66
C GLU A 86 -20.18 -6.46 -14.51
N THR A 87 -19.18 -6.91 -13.78
CA THR A 87 -18.98 -8.32 -13.57
C THR A 87 -19.09 -8.66 -12.08
N ASN A 88 -20.14 -8.12 -11.46
CA ASN A 88 -20.36 -8.35 -10.04
C ASN A 88 -19.08 -8.04 -9.26
N VAL A 89 -18.64 -6.80 -9.38
CA VAL A 89 -17.43 -6.37 -8.70
C VAL A 89 -17.80 -5.45 -7.53
N THR A 90 -18.07 -6.07 -6.39
CA THR A 90 -18.44 -5.33 -5.21
C THR A 90 -17.47 -5.64 -4.06
N LYS A 91 -16.55 -6.55 -4.33
CA LYS A 91 -15.56 -6.94 -3.34
C LYS A 91 -14.29 -6.11 -3.54
N ASP A 92 -14.31 -4.91 -3.00
CA ASP A 92 -13.17 -4.02 -3.12
C ASP A 92 -12.00 -4.58 -2.29
N VAL A 93 -11.17 -5.36 -2.96
CA VAL A 93 -10.02 -5.96 -2.30
C VAL A 93 -8.76 -5.69 -3.11
N VAL A 94 -7.63 -5.96 -2.50
CA VAL A 94 -6.35 -5.75 -3.16
C VAL A 94 -5.39 -6.88 -2.79
N CYS A 95 -4.46 -7.15 -3.70
CA CYS A 95 -3.48 -8.20 -3.48
C CYS A 95 -2.44 -7.69 -2.47
N LEU A 96 -2.11 -8.54 -1.53
CA LEU A 96 -1.14 -8.19 -0.50
C LEU A 96 0.27 -8.29 -1.08
N ASN A 97 0.40 -9.12 -2.12
CA ASN A 97 1.67 -9.31 -2.77
C ASN A 97 1.99 -8.09 -3.64
N ASP A 98 0.94 -7.58 -4.29
CA ASP A 98 1.09 -6.41 -5.15
C ASP A 98 1.52 -5.22 -4.31
N VAL A 99 0.89 -5.09 -3.14
CA VAL A 99 1.19 -3.99 -2.24
C VAL A 99 2.62 -4.16 -1.71
N SER A 100 3.06 -5.41 -1.65
CA SER A 100 4.39 -5.72 -1.16
C SER A 100 5.43 -5.26 -2.18
N CYS A 101 5.07 -5.38 -3.46
CA CYS A 101 5.96 -4.99 -4.53
C CYS A 101 5.94 -3.46 -4.64
N TYR A 102 4.73 -2.92 -4.55
CA TYR A 102 4.56 -1.48 -4.64
C TYR A 102 5.40 -0.76 -3.59
N PHE A 103 5.24 -1.20 -2.35
CA PHE A 103 5.97 -0.61 -1.24
C PHE A 103 7.48 -0.82 -1.42
N SER A 104 7.83 -2.01 -1.85
CA SER A 104 9.23 -2.35 -2.05
C SER A 104 9.86 -1.40 -3.07
N LEU A 105 9.03 -0.95 -4.00
CA LEU A 105 9.49 -0.03 -5.03
C LEU A 105 9.89 1.30 -4.38
N LEU A 106 9.06 1.73 -3.44
CA LEU A 106 9.32 2.97 -2.74
C LEU A 106 10.73 2.95 -2.14
N GLU A 107 11.06 1.82 -1.53
CA GLU A 107 12.36 1.65 -0.92
C GLU A 107 13.45 1.67 -1.99
N GLY A 108 13.01 1.59 -3.24
CA GLY A 108 13.95 1.59 -4.36
C GLY A 108 14.28 3.02 -4.79
N GLY A 109 13.30 3.90 -4.63
CA GLY A 109 13.48 5.29 -4.99
C GLY A 109 14.45 5.99 -4.03
N ARG A 110 13.89 6.73 -3.09
CA ARG A 110 14.69 7.45 -2.11
C ARG A 110 15.56 6.47 -1.33
N PRO A 111 16.80 6.94 -1.00
CA PRO A 111 17.73 6.11 -0.25
C PRO A 111 17.34 6.03 1.22
N GLU A 112 17.76 4.95 1.86
CA GLU A 112 17.46 4.74 3.26
C GLU A 112 18.51 5.43 4.14
N ASP A 113 19.74 5.42 3.66
CA ASP A 113 20.84 6.04 4.39
C ASP A 113 20.97 5.37 5.75
N LYS A 114 20.88 4.05 5.74
CA LYS A 114 20.98 3.28 6.97
C LYS A 114 22.11 2.25 6.84
N LEU A 115 22.20 1.38 7.83
CA LEU A 115 23.21 0.34 7.83
C LEU A 115 23.10 -0.46 6.53
N GLU A 116 24.04 -1.38 6.36
CA GLU A 116 24.06 -2.23 5.17
C GLU A 116 24.74 -3.56 5.49
N TRP A 117 24.07 -4.63 5.09
CA TRP A 117 24.59 -5.97 5.31
C TRP A 117 25.09 -6.52 3.98
N SER A 118 24.39 -7.53 3.48
CA SER A 118 24.76 -8.15 2.22
C SER A 118 26.12 -8.84 2.35
N MET A 1 2.52 -1.08 -14.23
CA MET A 1 2.52 -0.30 -13.00
C MET A 1 1.10 -0.11 -12.48
N ALA A 2 0.30 -1.15 -12.61
CA ALA A 2 -1.08 -1.11 -12.15
C ALA A 2 -1.67 0.26 -12.46
N LYS A 3 -1.22 0.84 -13.56
CA LYS A 3 -1.69 2.14 -13.98
C LYS A 3 -1.08 2.49 -15.35
N GLU A 4 -0.47 3.66 -15.40
CA GLU A 4 0.15 4.12 -16.64
C GLU A 4 0.66 5.56 -16.47
N ARG A 5 0.76 6.25 -17.60
CA ARG A 5 1.22 7.62 -17.59
C ARG A 5 0.35 8.47 -16.67
N GLY A 6 1.01 9.16 -15.74
CA GLY A 6 0.31 10.01 -14.80
C GLY A 6 -0.20 9.20 -13.60
N LEU A 7 0.59 9.20 -12.55
CA LEU A 7 0.22 8.48 -11.33
C LEU A 7 0.15 9.46 -10.16
N ILE A 8 0.08 8.90 -8.96
CA ILE A 8 0.00 9.70 -7.76
C ILE A 8 0.99 10.86 -7.86
N SER A 9 0.45 12.07 -7.91
CA SER A 9 1.27 13.26 -8.01
C SER A 9 2.36 13.23 -6.94
N PRO A 10 3.21 14.29 -6.98
CA PRO A 10 4.31 14.39 -6.02
C PRO A 10 3.79 14.79 -4.63
N SER A 11 2.49 15.00 -4.56
CA SER A 11 1.87 15.38 -3.31
C SER A 11 1.68 14.15 -2.41
N ASP A 12 1.17 13.09 -3.04
CA ASP A 12 0.93 11.85 -2.31
C ASP A 12 2.27 11.15 -2.08
N PHE A 13 3.12 11.20 -3.10
CA PHE A 13 4.42 10.56 -3.02
C PHE A 13 5.30 11.26 -1.97
N ALA A 14 5.30 12.58 -2.02
CA ALA A 14 6.09 13.36 -1.09
C ALA A 14 5.64 13.04 0.35
N GLN A 15 4.33 12.96 0.52
CA GLN A 15 3.76 12.66 1.82
C GLN A 15 4.20 11.28 2.28
N LEU A 16 4.02 10.31 1.40
CA LEU A 16 4.39 8.93 1.70
C LEU A 16 5.90 8.85 1.91
N GLN A 17 6.63 9.53 1.03
CA GLN A 17 8.07 9.54 1.11
C GLN A 17 8.53 10.21 2.41
N LYS A 18 7.76 11.20 2.83
CA LYS A 18 8.08 11.91 4.05
C LYS A 18 7.76 11.02 5.26
N TYR A 19 6.63 10.35 5.17
CA TYR A 19 6.20 9.47 6.25
C TYR A 19 7.05 8.20 6.30
N MET A 20 7.13 7.54 5.15
CA MET A 20 7.90 6.32 5.04
C MET A 20 9.38 6.59 5.36
N GLU A 21 9.77 7.84 5.23
CA GLU A 21 11.14 8.23 5.51
C GLU A 21 11.54 7.84 6.93
N TYR A 22 10.72 8.28 7.88
CA TYR A 22 10.97 7.98 9.28
C TYR A 22 10.88 6.47 9.54
N SER A 23 10.17 5.79 8.65
CA SER A 23 10.00 4.35 8.78
C SER A 23 11.13 3.63 8.04
N THR A 24 11.90 2.87 8.80
CA THR A 24 13.01 2.12 8.23
C THR A 24 12.81 0.62 8.44
N LYS A 25 11.58 0.27 8.79
CA LYS A 25 11.24 -1.13 9.02
C LYS A 25 11.13 -1.85 7.67
N LYS A 26 10.80 -3.13 7.75
CA LYS A 26 10.67 -3.94 6.56
C LYS A 26 9.18 -4.19 6.27
N VAL A 27 8.85 -4.19 4.99
CA VAL A 27 7.47 -4.41 4.58
C VAL A 27 7.11 -5.88 4.78
N SER A 28 8.13 -6.72 4.72
CA SER A 28 7.93 -8.14 4.91
C SER A 28 7.52 -8.44 6.35
N ASP A 29 7.88 -7.51 7.23
CA ASP A 29 7.56 -7.66 8.65
C ASP A 29 6.06 -7.43 8.85
N VAL A 30 5.57 -6.34 8.25
CA VAL A 30 4.16 -6.00 8.37
C VAL A 30 3.33 -7.05 7.63
N LEU A 31 3.93 -7.61 6.59
CA LEU A 31 3.25 -8.63 5.80
C LEU A 31 2.87 -9.80 6.70
N LYS A 32 3.86 -10.30 7.41
CA LYS A 32 3.65 -11.43 8.31
C LYS A 32 2.59 -11.06 9.34
N LEU A 33 2.53 -9.77 9.65
CA LEU A 33 1.56 -9.27 10.60
C LEU A 33 0.15 -9.45 10.05
N PHE A 34 0.04 -9.33 8.73
CA PHE A 34 -1.24 -9.48 8.07
C PHE A 34 -1.60 -10.96 7.90
N GLU A 35 -0.62 -11.81 8.18
CA GLU A 35 -0.82 -13.24 8.07
C GLU A 35 -0.97 -13.87 9.46
N ASP A 36 -0.08 -13.45 10.35
CA ASP A 36 -0.10 -13.96 11.71
C ASP A 36 -0.45 -12.84 12.67
N GLY A 37 0.02 -11.63 12.33
CA GLY A 37 -0.25 -10.47 13.14
C GLY A 37 -1.74 -10.30 13.42
N GLU A 38 -2.08 -9.18 14.01
CA GLU A 38 -3.47 -8.89 14.33
C GLU A 38 -4.23 -8.48 13.07
N MET A 39 -3.51 -7.86 12.15
CA MET A 39 -4.10 -7.42 10.90
C MET A 39 -4.59 -8.61 10.07
N ALA A 40 -4.23 -9.80 10.53
CA ALA A 40 -4.61 -11.02 9.85
C ALA A 40 -6.08 -11.31 10.14
N LYS A 41 -6.67 -10.46 10.96
CA LYS A 41 -8.08 -10.62 11.32
C LYS A 41 -8.95 -9.89 10.29
N TYR A 42 -8.32 -8.95 9.59
CA TYR A 42 -9.02 -8.18 8.57
C TYR A 42 -8.59 -8.60 7.17
N VAL A 43 -8.12 -9.82 7.07
CA VAL A 43 -7.68 -10.36 5.79
C VAL A 43 -8.69 -11.39 5.29
N GLN A 44 -9.08 -11.23 4.04
CA GLN A 44 -10.04 -12.15 3.43
C GLN A 44 -9.44 -12.79 2.18
N GLY A 45 -9.54 -14.11 2.12
CA GLY A 45 -9.02 -14.85 0.99
C GLY A 45 -7.55 -14.52 0.75
N ASP A 46 -6.89 -14.07 1.81
CA ASP A 46 -5.49 -13.72 1.72
C ASP A 46 -5.36 -12.30 1.18
N ALA A 47 -6.49 -11.74 0.80
CA ALA A 47 -6.52 -10.38 0.26
C ALA A 47 -6.87 -9.40 1.37
N ILE A 48 -6.45 -8.16 1.17
CA ILE A 48 -6.72 -7.11 2.14
C ILE A 48 -7.97 -6.33 1.72
N GLY A 49 -8.55 -5.64 2.69
CA GLY A 49 -9.74 -4.86 2.43
C GLY A 49 -9.44 -3.36 2.56
N TYR A 50 -10.52 -2.57 2.51
CA TYR A 50 -10.38 -1.13 2.63
C TYR A 50 -9.64 -0.75 3.92
N GLU A 51 -10.20 -1.19 5.04
CA GLU A 51 -9.61 -0.90 6.33
C GLU A 51 -8.23 -1.56 6.45
N GLY A 52 -8.15 -2.77 5.93
CA GLY A 52 -6.90 -3.52 5.95
C GLY A 52 -5.81 -2.80 5.17
N PHE A 53 -6.25 -1.99 4.22
CA PHE A 53 -5.32 -1.23 3.39
C PHE A 53 -4.74 -0.04 4.16
N GLN A 54 -5.64 0.81 4.62
CA GLN A 54 -5.24 1.99 5.37
C GLN A 54 -4.57 1.58 6.69
N GLN A 55 -4.99 0.43 7.19
CA GLN A 55 -4.45 -0.09 8.44
C GLN A 55 -2.95 -0.36 8.29
N PHE A 56 -2.57 -0.75 7.08
CA PHE A 56 -1.18 -1.05 6.80
C PHE A 56 -0.31 0.20 6.94
N LEU A 57 -0.78 1.28 6.34
CA LEU A 57 -0.07 2.55 6.38
C LEU A 57 0.21 2.92 7.84
N LYS A 58 -0.60 2.35 8.73
CA LYS A 58 -0.46 2.61 10.14
C LYS A 58 0.85 2.00 10.64
N ILE A 59 0.94 0.68 10.47
CA ILE A 59 2.13 -0.04 10.90
C ILE A 59 3.28 0.27 9.95
N TYR A 60 2.99 0.17 8.66
CA TYR A 60 3.98 0.44 7.64
C TYR A 60 4.79 1.71 7.97
N LEU A 61 4.11 2.85 7.88
CA LEU A 61 4.74 4.11 8.17
C LEU A 61 4.93 4.26 9.69
N GLU A 62 4.07 3.56 10.43
CA GLU A 62 4.13 3.60 11.87
C GLU A 62 3.38 4.83 12.40
N VAL A 63 2.64 5.46 11.50
CA VAL A 63 1.87 6.64 11.86
C VAL A 63 0.77 6.26 12.86
N ASP A 64 0.21 7.27 13.49
CA ASP A 64 -0.86 7.06 14.46
C ASP A 64 -2.20 7.38 13.81
N ASN A 65 -2.13 7.87 12.58
CA ASN A 65 -3.33 8.23 11.84
C ASN A 65 -2.95 8.67 10.43
N VAL A 66 -3.45 7.92 9.46
CA VAL A 66 -3.17 8.22 8.07
C VAL A 66 -4.39 8.89 7.44
N PRO A 67 -4.10 9.80 6.47
CA PRO A 67 -5.17 10.53 5.79
C PRO A 67 -5.88 9.62 4.78
N ARG A 68 -7.14 9.36 5.07
CA ARG A 68 -7.94 8.50 4.20
C ARG A 68 -7.87 9.01 2.75
N HIS A 69 -7.61 10.31 2.62
CA HIS A 69 -7.51 10.92 1.31
C HIS A 69 -6.41 10.23 0.51
N LEU A 70 -5.29 10.00 1.18
CA LEU A 70 -4.15 9.36 0.54
C LEU A 70 -4.47 7.88 0.30
N SER A 71 -5.04 7.25 1.32
CA SER A 71 -5.39 5.85 1.23
C SER A 71 -6.34 5.63 0.04
N LEU A 72 -7.06 6.68 -0.30
CA LEU A 72 -7.99 6.61 -1.41
C LEU A 72 -7.21 6.58 -2.73
N ALA A 73 -6.25 7.48 -2.82
CA ALA A 73 -5.43 7.56 -4.02
C ALA A 73 -4.47 6.37 -4.07
N LEU A 74 -4.00 5.99 -2.88
CA LEU A 74 -3.07 4.87 -2.77
C LEU A 74 -3.67 3.65 -3.47
N PHE A 75 -4.94 3.39 -3.17
CA PHE A 75 -5.65 2.27 -3.76
C PHE A 75 -5.66 2.37 -5.29
N GLN A 76 -5.97 3.57 -5.76
CA GLN A 76 -6.03 3.82 -7.20
C GLN A 76 -4.73 3.37 -7.86
N SER A 77 -3.65 3.50 -7.11
CA SER A 77 -2.34 3.11 -7.61
C SER A 77 -2.35 1.65 -8.05
N PHE A 78 -2.63 0.77 -7.08
CA PHE A 78 -2.68 -0.65 -7.35
C PHE A 78 -4.00 -1.26 -6.85
N GLU A 79 -4.49 -2.22 -7.61
CA GLU A 79 -5.73 -2.88 -7.25
C GLU A 79 -5.80 -4.27 -7.90
N THR A 80 -6.93 -4.92 -7.71
CA THR A 80 -7.13 -6.25 -8.26
C THR A 80 -8.48 -6.82 -7.82
N GLY A 81 -9.20 -7.37 -8.79
CA GLY A 81 -10.51 -7.94 -8.51
C GLY A 81 -11.57 -7.38 -9.46
N HIS A 82 -11.81 -8.12 -10.53
CA HIS A 82 -12.80 -7.72 -11.52
C HIS A 82 -12.81 -8.72 -12.68
N CYS A 83 -11.62 -8.95 -13.23
CA CYS A 83 -11.49 -9.88 -14.35
C CYS A 83 -12.43 -9.43 -15.47
N LEU A 84 -12.83 -8.17 -15.39
CA LEU A 84 -13.72 -7.61 -16.40
C LEU A 84 -14.86 -8.60 -16.66
N ASN A 85 -15.37 -9.17 -15.57
CA ASN A 85 -16.46 -10.12 -15.68
C ASN A 85 -17.05 -10.37 -14.29
N GLU A 86 -17.29 -9.27 -13.58
CA GLU A 86 -17.86 -9.36 -12.24
C GLU A 86 -17.32 -10.60 -11.52
N THR A 87 -16.20 -10.41 -10.85
CA THR A 87 -15.59 -11.51 -10.11
C THR A 87 -16.02 -11.49 -8.65
N ASN A 88 -17.30 -11.20 -8.45
CA ASN A 88 -17.85 -11.14 -7.11
C ASN A 88 -16.85 -10.46 -6.18
N VAL A 89 -16.29 -9.37 -6.67
CA VAL A 89 -15.31 -8.61 -5.90
C VAL A 89 -16.01 -7.42 -5.23
N THR A 90 -17.22 -7.68 -4.74
CA THR A 90 -18.00 -6.65 -4.08
C THR A 90 -17.16 -5.96 -3.00
N LYS A 91 -16.21 -6.71 -2.47
CA LYS A 91 -15.34 -6.19 -1.43
C LYS A 91 -13.96 -5.91 -2.02
N ASP A 92 -13.85 -4.74 -2.65
CA ASP A 92 -12.60 -4.35 -3.26
C ASP A 92 -11.44 -4.70 -2.33
N VAL A 93 -10.61 -5.63 -2.79
CA VAL A 93 -9.47 -6.07 -2.00
C VAL A 93 -8.20 -5.89 -2.82
N VAL A 94 -7.06 -6.11 -2.15
CA VAL A 94 -5.77 -5.97 -2.81
C VAL A 94 -4.84 -7.08 -2.34
N CYS A 95 -3.92 -7.45 -3.21
CA CYS A 95 -2.96 -8.51 -2.90
C CYS A 95 -1.90 -7.93 -1.95
N LEU A 96 -1.47 -8.77 -1.03
CA LEU A 96 -0.47 -8.36 -0.06
C LEU A 96 0.88 -8.19 -0.76
N ASN A 97 1.18 -9.14 -1.64
CA ASN A 97 2.43 -9.11 -2.38
C ASN A 97 2.47 -7.86 -3.26
N ASP A 98 1.30 -7.50 -3.76
CA ASP A 98 1.18 -6.33 -4.61
C ASP A 98 1.63 -5.09 -3.84
N VAL A 99 1.13 -4.98 -2.62
CA VAL A 99 1.48 -3.86 -1.75
C VAL A 99 2.95 -3.97 -1.35
N SER A 100 3.42 -5.19 -1.28
CA SER A 100 4.80 -5.45 -0.91
C SER A 100 5.74 -5.07 -2.07
N CYS A 101 5.19 -5.16 -3.27
CA CYS A 101 5.96 -4.84 -4.46
C CYS A 101 6.05 -3.32 -4.57
N TYR A 102 4.89 -2.68 -4.46
CA TYR A 102 4.83 -1.23 -4.55
C TYR A 102 5.78 -0.58 -3.55
N PHE A 103 5.60 -0.92 -2.28
CA PHE A 103 6.43 -0.38 -1.23
C PHE A 103 7.88 -0.86 -1.37
N SER A 104 8.02 -2.05 -1.92
CA SER A 104 9.34 -2.64 -2.11
C SER A 104 10.19 -1.73 -3.01
N LEU A 105 9.50 -1.04 -3.92
CA LEU A 105 10.16 -0.14 -4.84
C LEU A 105 10.58 1.13 -4.09
N LEU A 106 9.66 1.63 -3.28
CA LEU A 106 9.93 2.83 -2.51
C LEU A 106 11.20 2.65 -1.70
N GLU A 107 11.19 1.61 -0.86
CA GLU A 107 12.34 1.30 -0.03
C GLU A 107 13.61 1.19 -0.89
N GLY A 108 13.49 0.44 -1.96
CA GLY A 108 14.62 0.23 -2.87
C GLY A 108 14.39 0.99 -4.18
N GLY A 109 14.11 2.27 -4.05
CA GLY A 109 13.87 3.11 -5.21
C GLY A 109 15.17 3.80 -5.66
N ARG A 110 16.22 3.00 -5.78
CA ARG A 110 17.51 3.52 -6.19
C ARG A 110 17.41 4.09 -7.60
N PRO A 111 17.72 5.42 -7.71
CA PRO A 111 17.68 6.10 -8.98
C PRO A 111 18.89 5.73 -9.85
N GLU A 112 18.69 5.84 -11.15
CA GLU A 112 19.75 5.52 -12.09
C GLU A 112 21.03 6.29 -11.75
N ASP A 113 20.84 7.36 -10.99
CA ASP A 113 21.95 8.20 -10.58
C ASP A 113 21.65 8.82 -9.21
N LYS A 114 22.34 8.31 -8.20
CA LYS A 114 22.15 8.81 -6.85
C LYS A 114 22.43 10.31 -6.82
N LEU A 115 22.52 10.84 -5.61
CA LEU A 115 22.79 12.26 -5.43
C LEU A 115 24.08 12.63 -6.17
N GLU A 116 24.19 13.90 -6.49
CA GLU A 116 25.36 14.40 -7.18
C GLU A 116 25.60 15.87 -6.85
N TRP A 117 26.84 16.18 -6.51
CA TRP A 117 27.22 17.54 -6.17
C TRP A 117 27.93 18.15 -7.37
N SER A 118 28.07 17.34 -8.42
CA SER A 118 28.73 17.79 -9.63
C SER A 118 30.09 18.41 -9.29
N MET A 1 7.08 -0.84 -15.64
CA MET A 1 6.88 -2.28 -15.50
C MET A 1 5.58 -2.57 -14.74
N ALA A 2 4.63 -3.14 -15.46
CA ALA A 2 3.35 -3.48 -14.87
C ALA A 2 2.92 -2.36 -13.91
N LYS A 3 3.16 -1.13 -14.34
CA LYS A 3 2.80 0.02 -13.54
C LYS A 3 1.29 0.04 -13.32
N GLU A 4 0.67 1.12 -13.78
CA GLU A 4 -0.77 1.27 -13.64
C GLU A 4 -1.20 2.64 -14.16
N ARG A 5 -2.37 2.65 -14.81
CA ARG A 5 -2.90 3.88 -15.35
C ARG A 5 -3.32 4.83 -14.22
N GLY A 6 -2.64 5.96 -14.17
CA GLY A 6 -2.93 6.96 -13.15
C GLY A 6 -2.40 6.50 -11.78
N LEU A 7 -1.34 7.15 -11.33
CA LEU A 7 -0.74 6.83 -10.05
C LEU A 7 -1.23 7.82 -9.00
N ILE A 8 -0.53 7.83 -7.87
CA ILE A 8 -0.88 8.73 -6.78
C ILE A 8 -0.09 10.03 -6.93
N SER A 9 0.38 10.27 -8.15
CA SER A 9 1.14 11.47 -8.44
C SER A 9 2.31 11.60 -7.47
N PRO A 10 3.19 12.60 -7.73
CA PRO A 10 4.33 12.84 -6.88
C PRO A 10 3.92 13.51 -5.57
N SER A 11 2.63 13.78 -5.46
CA SER A 11 2.10 14.41 -4.28
C SER A 11 1.93 13.38 -3.15
N ASP A 12 1.27 12.29 -3.51
CA ASP A 12 1.03 11.22 -2.55
C ASP A 12 2.33 10.43 -2.35
N PHE A 13 3.08 10.30 -3.44
CA PHE A 13 4.34 9.57 -3.39
C PHE A 13 5.32 10.23 -2.42
N ALA A 14 5.25 11.55 -2.36
CA ALA A 14 6.12 12.31 -1.47
C ALA A 14 5.77 11.99 -0.03
N GLN A 15 4.49 12.12 0.29
CA GLN A 15 4.01 11.86 1.63
C GLN A 15 4.48 10.47 2.09
N LEU A 16 4.13 9.48 1.29
CA LEU A 16 4.49 8.10 1.61
C LEU A 16 6.00 8.03 1.87
N GLN A 17 6.75 8.71 1.02
CA GLN A 17 8.20 8.74 1.15
C GLN A 17 8.60 9.45 2.45
N LYS A 18 8.16 10.69 2.56
CA LYS A 18 8.47 11.49 3.73
C LYS A 18 8.14 10.68 4.99
N TYR A 19 6.91 10.16 5.00
CA TYR A 19 6.46 9.38 6.14
C TYR A 19 7.34 8.15 6.35
N MET A 20 7.67 7.50 5.24
CA MET A 20 8.51 6.31 5.28
C MET A 20 9.91 6.65 5.79
N GLU A 21 10.49 7.70 5.22
CA GLU A 21 11.81 8.13 5.60
C GLU A 21 11.91 8.25 7.12
N TYR A 22 10.98 9.01 7.69
CA TYR A 22 10.95 9.20 9.13
C TYR A 22 10.97 7.87 9.88
N SER A 23 10.24 6.91 9.31
CA SER A 23 10.16 5.59 9.92
C SER A 23 11.42 4.79 9.58
N THR A 24 11.50 3.59 10.15
CA THR A 24 12.64 2.73 9.93
C THR A 24 12.20 1.26 9.87
N LYS A 25 10.90 1.08 9.67
CA LYS A 25 10.35 -0.26 9.59
C LYS A 25 10.40 -0.75 8.15
N LYS A 26 9.85 -1.94 7.94
CA LYS A 26 9.84 -2.53 6.62
C LYS A 26 8.45 -3.10 6.33
N VAL A 27 8.04 -2.98 5.09
CA VAL A 27 6.74 -3.48 4.67
C VAL A 27 6.68 -4.99 4.88
N SER A 28 7.82 -5.63 4.62
CA SER A 28 7.91 -7.07 4.78
C SER A 28 7.65 -7.46 6.23
N ASP A 29 7.90 -6.50 7.12
CA ASP A 29 7.70 -6.73 8.54
C ASP A 29 6.20 -6.68 8.86
N VAL A 30 5.54 -5.69 8.27
CA VAL A 30 4.12 -5.51 8.48
C VAL A 30 3.36 -6.57 7.67
N LEU A 31 3.99 -7.01 6.61
CA LEU A 31 3.39 -8.02 5.74
C LEU A 31 3.17 -9.30 6.55
N LYS A 32 4.24 -9.75 7.18
CA LYS A 32 4.17 -10.97 7.98
C LYS A 32 3.11 -10.79 9.07
N LEU A 33 2.90 -9.54 9.46
CA LEU A 33 1.93 -9.23 10.49
C LEU A 33 0.52 -9.49 9.95
N PHE A 34 0.33 -9.13 8.68
CA PHE A 34 -0.96 -9.30 8.03
C PHE A 34 -1.12 -10.74 7.53
N GLU A 35 -0.01 -11.47 7.53
CA GLU A 35 -0.02 -12.85 7.08
C GLU A 35 -0.38 -13.78 8.24
N ASP A 36 0.33 -13.60 9.35
CA ASP A 36 0.09 -14.41 10.53
C ASP A 36 -0.27 -13.50 11.71
N GLY A 37 0.35 -12.33 11.71
CA GLY A 37 0.11 -11.36 12.77
C GLY A 37 -1.39 -11.08 12.92
N GLU A 38 -1.73 -10.50 14.06
CA GLU A 38 -3.12 -10.17 14.35
C GLU A 38 -3.73 -9.39 13.19
N MET A 39 -2.86 -8.79 12.40
CA MET A 39 -3.29 -8.00 11.26
C MET A 39 -3.83 -8.91 10.15
N ALA A 40 -3.73 -10.21 10.39
CA ALA A 40 -4.20 -11.19 9.42
C ALA A 40 -5.71 -11.36 9.58
N LYS A 41 -6.25 -10.67 10.57
CA LYS A 41 -7.69 -10.74 10.84
C LYS A 41 -8.45 -9.95 9.77
N TYR A 42 -7.71 -9.09 9.09
CA TYR A 42 -8.30 -8.27 8.04
C TYR A 42 -7.76 -8.67 6.67
N VAL A 43 -7.68 -9.97 6.45
CA VAL A 43 -7.19 -10.49 5.19
C VAL A 43 -8.08 -11.66 4.74
N GLN A 44 -8.48 -11.61 3.48
CA GLN A 44 -9.32 -12.66 2.93
C GLN A 44 -8.49 -13.59 2.05
N GLY A 45 -7.79 -14.50 2.71
CA GLY A 45 -6.95 -15.46 2.00
C GLY A 45 -5.66 -14.80 1.52
N ASP A 46 -5.65 -14.46 0.24
CA ASP A 46 -4.49 -13.83 -0.36
C ASP A 46 -4.86 -12.43 -0.84
N ALA A 47 -6.01 -11.96 -0.35
CA ALA A 47 -6.49 -10.64 -0.71
C ALA A 47 -6.89 -9.89 0.55
N ILE A 48 -6.56 -8.60 0.57
CA ILE A 48 -6.88 -7.76 1.72
C ILE A 48 -7.91 -6.71 1.29
N GLY A 49 -8.63 -6.20 2.28
CA GLY A 49 -9.65 -5.20 2.03
C GLY A 49 -9.07 -3.79 2.15
N TYR A 50 -9.97 -2.81 2.12
CA TYR A 50 -9.56 -1.42 2.23
C TYR A 50 -9.04 -1.11 3.64
N GLU A 51 -9.81 -1.56 4.62
CA GLU A 51 -9.45 -1.34 6.01
C GLU A 51 -7.99 -1.75 6.25
N GLY A 52 -7.70 -3.00 5.91
CA GLY A 52 -6.36 -3.53 6.08
C GLY A 52 -5.33 -2.66 5.34
N PHE A 53 -5.81 -1.98 4.32
CA PHE A 53 -4.95 -1.11 3.52
C PHE A 53 -4.68 0.21 4.24
N GLN A 54 -5.77 0.88 4.60
CA GLN A 54 -5.66 2.15 5.30
C GLN A 54 -5.15 1.94 6.72
N GLN A 55 -5.55 0.83 7.30
CA GLN A 55 -5.14 0.48 8.65
C GLN A 55 -3.69 0.01 8.67
N PHE A 56 -3.24 -0.45 7.52
CA PHE A 56 -1.88 -0.93 7.38
C PHE A 56 -0.87 0.22 7.47
N LEU A 57 -1.25 1.35 6.88
CA LEU A 57 -0.40 2.52 6.89
C LEU A 57 -0.04 2.87 8.34
N LYS A 58 -0.88 2.40 9.25
CA LYS A 58 -0.66 2.66 10.66
C LYS A 58 0.59 1.91 11.13
N ILE A 59 0.55 0.59 10.98
CA ILE A 59 1.67 -0.25 11.36
C ILE A 59 2.81 -0.07 10.37
N TYR A 60 2.45 -0.15 9.09
CA TYR A 60 3.44 -0.01 8.03
C TYR A 60 4.44 1.10 8.36
N LEU A 61 3.96 2.34 8.27
CA LEU A 61 4.79 3.50 8.54
C LEU A 61 4.94 3.65 10.05
N GLU A 62 4.05 2.98 10.78
CA GLU A 62 4.07 3.04 12.23
C GLU A 62 3.48 4.36 12.72
N VAL A 63 2.83 5.05 11.80
CA VAL A 63 2.20 6.33 12.13
C VAL A 63 1.04 6.09 13.08
N ASP A 64 0.54 7.20 13.63
CA ASP A 64 -0.58 7.12 14.57
C ASP A 64 -1.78 7.83 13.97
N ASN A 65 -1.56 8.46 12.82
CA ASN A 65 -2.62 9.17 12.13
C ASN A 65 -2.21 9.41 10.67
N VAL A 66 -2.82 8.63 9.78
CA VAL A 66 -2.53 8.75 8.37
C VAL A 66 -3.64 9.54 7.69
N PRO A 67 -3.24 10.30 6.64
CA PRO A 67 -4.19 11.12 5.90
C PRO A 67 -5.06 10.25 4.98
N ARG A 68 -6.36 10.39 5.14
CA ARG A 68 -7.31 9.62 4.35
C ARG A 68 -7.08 9.90 2.85
N HIS A 69 -6.62 11.11 2.57
CA HIS A 69 -6.36 11.51 1.20
C HIS A 69 -5.35 10.55 0.57
N LEU A 70 -4.34 10.20 1.36
CA LEU A 70 -3.30 9.29 0.88
C LEU A 70 -3.86 7.87 0.84
N SER A 71 -4.62 7.53 1.87
CA SER A 71 -5.21 6.21 1.96
C SER A 71 -6.07 5.93 0.73
N LEU A 72 -6.96 6.87 0.45
CA LEU A 72 -7.85 6.75 -0.70
C LEU A 72 -7.01 6.59 -1.97
N ALA A 73 -6.04 7.48 -2.12
CA ALA A 73 -5.17 7.45 -3.27
C ALA A 73 -4.38 6.13 -3.28
N LEU A 74 -4.05 5.68 -2.07
CA LEU A 74 -3.30 4.44 -1.93
C LEU A 74 -4.15 3.27 -2.41
N PHE A 75 -5.45 3.37 -2.15
CA PHE A 75 -6.38 2.33 -2.54
C PHE A 75 -6.58 2.32 -4.06
N GLN A 76 -6.94 3.49 -4.58
CA GLN A 76 -7.17 3.63 -6.01
C GLN A 76 -5.96 3.13 -6.79
N SER A 77 -4.78 3.35 -6.21
CA SER A 77 -3.54 2.93 -6.84
C SER A 77 -3.69 1.50 -7.38
N PHE A 78 -4.16 0.62 -6.51
CA PHE A 78 -4.35 -0.77 -6.88
C PHE A 78 -5.84 -1.14 -6.91
N GLU A 79 -6.13 -2.27 -7.52
CA GLU A 79 -7.50 -2.74 -7.64
C GLU A 79 -7.57 -3.97 -8.54
N THR A 80 -8.56 -4.81 -8.27
CA THR A 80 -8.75 -6.01 -9.05
C THR A 80 -9.99 -5.89 -9.94
N GLY A 81 -10.85 -6.91 -9.86
CA GLY A 81 -12.07 -6.92 -10.65
C GLY A 81 -13.14 -6.06 -10.00
N HIS A 82 -14.38 -6.29 -10.43
CA HIS A 82 -15.50 -5.54 -9.90
C HIS A 82 -15.11 -4.08 -9.68
N CYS A 83 -15.21 -3.31 -10.76
CA CYS A 83 -14.86 -1.90 -10.70
C CYS A 83 -15.60 -1.18 -11.83
N LEU A 84 -15.01 -0.09 -12.28
CA LEU A 84 -15.60 0.70 -13.35
C LEU A 84 -16.97 1.22 -12.90
N ASN A 85 -17.02 1.68 -11.66
CA ASN A 85 -18.25 2.20 -11.10
C ASN A 85 -19.40 1.25 -11.43
N GLU A 86 -19.62 0.29 -10.54
CA GLU A 86 -20.68 -0.68 -10.72
C GLU A 86 -21.72 -0.56 -9.60
N THR A 87 -21.79 0.62 -9.02
CA THR A 87 -22.72 0.88 -7.94
C THR A 87 -22.59 -0.20 -6.86
N ASN A 88 -21.44 -0.87 -6.87
CA ASN A 88 -21.18 -1.92 -5.90
C ASN A 88 -19.81 -1.71 -5.28
N VAL A 89 -19.51 -0.46 -4.96
CA VAL A 89 -18.24 -0.11 -4.37
C VAL A 89 -18.33 -0.27 -2.85
N THR A 90 -17.89 -1.44 -2.38
CA THR A 90 -17.91 -1.74 -0.97
C THR A 90 -17.13 -3.02 -0.68
N LYS A 91 -17.27 -3.98 -1.58
CA LYS A 91 -16.58 -5.25 -1.44
C LYS A 91 -15.52 -5.37 -2.52
N ASP A 92 -14.28 -5.11 -2.13
CA ASP A 92 -13.16 -5.19 -3.05
C ASP A 92 -11.88 -5.47 -2.27
N VAL A 93 -11.11 -6.42 -2.78
CA VAL A 93 -9.86 -6.80 -2.16
C VAL A 93 -8.71 -6.53 -3.11
N VAL A 94 -7.49 -6.71 -2.60
CA VAL A 94 -6.30 -6.49 -3.39
C VAL A 94 -5.23 -7.50 -3.00
N CYS A 95 -4.34 -7.78 -3.94
CA CYS A 95 -3.26 -8.72 -3.70
C CYS A 95 -2.22 -8.04 -2.81
N LEU A 96 -1.72 -8.80 -1.85
CA LEU A 96 -0.71 -8.29 -0.94
C LEU A 96 0.66 -8.33 -1.62
N ASN A 97 0.85 -9.35 -2.44
CA ASN A 97 2.11 -9.51 -3.15
C ASN A 97 2.29 -8.35 -4.13
N ASP A 98 1.17 -7.87 -4.63
CA ASP A 98 1.18 -6.75 -5.58
C ASP A 98 1.63 -5.48 -4.85
N VAL A 99 0.98 -5.23 -3.73
CA VAL A 99 1.29 -4.05 -2.94
C VAL A 99 2.71 -4.17 -2.39
N SER A 100 3.10 -5.40 -2.10
CA SER A 100 4.43 -5.67 -1.57
C SER A 100 5.49 -5.30 -2.61
N CYS A 101 5.07 -5.34 -3.87
CA CYS A 101 5.97 -5.01 -4.96
C CYS A 101 6.14 -3.49 -5.01
N TYR A 102 5.00 -2.80 -5.09
CA TYR A 102 5.01 -1.35 -5.14
C TYR A 102 5.78 -0.76 -3.96
N PHE A 103 5.39 -1.18 -2.77
CA PHE A 103 6.03 -0.70 -1.56
C PHE A 103 7.51 -1.09 -1.53
N SER A 104 7.79 -2.26 -2.08
CA SER A 104 9.16 -2.75 -2.14
C SER A 104 10.05 -1.78 -2.92
N LEU A 105 9.44 -1.14 -3.91
CA LEU A 105 10.16 -0.19 -4.73
C LEU A 105 10.47 1.06 -3.90
N LEU A 106 9.43 1.59 -3.26
CA LEU A 106 9.58 2.77 -2.43
C LEU A 106 10.71 2.55 -1.43
N GLU A 107 10.51 1.56 -0.56
CA GLU A 107 11.50 1.23 0.45
C GLU A 107 12.85 0.98 -0.20
N GLY A 108 12.81 0.42 -1.40
CA GLY A 108 14.04 0.14 -2.13
C GLY A 108 14.90 1.39 -2.27
N GLY A 109 14.40 2.34 -3.04
CA GLY A 109 15.12 3.59 -3.26
C GLY A 109 14.58 4.32 -4.49
N ARG A 110 13.37 4.84 -4.35
CA ARG A 110 12.74 5.57 -5.44
C ARG A 110 12.58 7.05 -5.07
N PRO A 111 13.56 7.85 -5.54
CA PRO A 111 13.56 9.29 -5.27
C PRO A 111 12.51 10.00 -6.14
N GLU A 112 12.08 11.15 -5.65
CA GLU A 112 11.08 11.93 -6.37
C GLU A 112 11.77 12.94 -7.29
N ASP A 113 12.90 13.44 -6.83
CA ASP A 113 13.66 14.41 -7.61
C ASP A 113 12.77 15.63 -7.90
N LYS A 114 12.02 16.03 -6.89
CA LYS A 114 11.13 17.18 -7.03
C LYS A 114 11.94 18.47 -6.91
N LEU A 115 11.25 19.58 -7.05
CA LEU A 115 11.89 20.89 -6.97
C LEU A 115 12.24 21.18 -5.51
N GLU A 116 12.88 22.33 -5.31
CA GLU A 116 13.27 22.74 -3.98
C GLU A 116 13.29 24.27 -3.87
N TRP A 117 12.64 24.77 -2.83
CA TRP A 117 12.55 26.20 -2.61
C TRP A 117 13.12 26.49 -1.21
N SER A 118 12.23 26.93 -0.33
CA SER A 118 12.62 27.24 1.03
C SER A 118 12.48 26.00 1.92
N MET A 1 0.52 -0.96 -16.30
CA MET A 1 0.31 -1.88 -15.20
C MET A 1 -0.93 -1.50 -14.39
N ALA A 2 -2.08 -1.64 -15.02
CA ALA A 2 -3.34 -1.32 -14.38
C ALA A 2 -3.17 -0.04 -13.55
N LYS A 3 -2.45 0.90 -14.13
CA LYS A 3 -2.21 2.17 -13.46
C LYS A 3 -3.29 3.17 -13.86
N GLU A 4 -2.84 4.34 -14.29
CA GLU A 4 -3.76 5.38 -14.70
C GLU A 4 -2.99 6.60 -15.22
N ARG A 5 -3.60 7.77 -15.07
CA ARG A 5 -2.98 9.00 -15.51
C ARG A 5 -3.08 10.06 -14.41
N GLY A 6 -2.77 9.63 -13.19
CA GLY A 6 -2.81 10.52 -12.05
C GLY A 6 -2.33 9.82 -10.78
N LEU A 7 -3.28 9.53 -9.91
CA LEU A 7 -2.97 8.86 -8.65
C LEU A 7 -1.92 9.67 -7.89
N ILE A 8 -1.06 8.94 -7.19
CA ILE A 8 0.00 9.57 -6.42
C ILE A 8 1.14 9.96 -7.35
N SER A 9 1.97 10.89 -6.88
CA SER A 9 3.10 11.34 -7.65
C SER A 9 3.62 12.68 -7.09
N PRO A 10 2.68 13.64 -6.93
CA PRO A 10 3.03 14.94 -6.40
C PRO A 10 3.27 14.88 -4.89
N SER A 11 2.23 15.23 -4.14
CA SER A 11 2.32 15.22 -2.70
C SER A 11 2.06 13.81 -2.16
N ASP A 12 1.06 13.17 -2.75
CA ASP A 12 0.70 11.82 -2.35
C ASP A 12 1.95 10.94 -2.34
N PHE A 13 2.82 11.20 -3.30
CA PHE A 13 4.05 10.45 -3.41
C PHE A 13 5.08 10.91 -2.38
N ALA A 14 5.12 12.22 -2.17
CA ALA A 14 6.03 12.80 -1.22
C ALA A 14 5.64 12.38 0.20
N GLN A 15 4.35 12.51 0.49
CA GLN A 15 3.84 12.14 1.79
C GLN A 15 4.28 10.73 2.16
N LEU A 16 3.97 9.80 1.26
CA LEU A 16 4.32 8.41 1.46
C LEU A 16 5.83 8.29 1.71
N GLN A 17 6.59 8.84 0.78
CA GLN A 17 8.04 8.81 0.89
C GLN A 17 8.49 9.42 2.22
N LYS A 18 8.00 10.63 2.46
CA LYS A 18 8.34 11.33 3.69
C LYS A 18 7.92 10.48 4.89
N TYR A 19 6.67 10.08 4.88
CA TYR A 19 6.13 9.26 5.95
C TYR A 19 7.06 8.10 6.28
N MET A 20 7.75 7.63 5.25
CA MET A 20 8.68 6.52 5.41
C MET A 20 9.99 6.99 6.05
N GLU A 21 10.32 8.25 5.80
CA GLU A 21 11.53 8.83 6.34
C GLU A 21 11.68 8.46 7.82
N TYR A 22 10.53 8.39 8.50
CA TYR A 22 10.52 8.06 9.92
C TYR A 22 10.42 6.54 10.11
N SER A 23 9.89 5.88 9.10
CA SER A 23 9.73 4.43 9.16
C SER A 23 11.08 3.75 8.94
N THR A 24 11.52 3.05 9.99
CA THR A 24 12.79 2.35 9.93
C THR A 24 12.56 0.83 9.83
N LYS A 25 11.32 0.47 9.60
CA LYS A 25 10.95 -0.93 9.47
C LYS A 25 10.77 -1.28 8.00
N LYS A 26 10.63 -2.58 7.75
CA LYS A 26 10.46 -3.07 6.40
C LYS A 26 9.00 -3.46 6.18
N VAL A 27 8.53 -3.24 4.96
CA VAL A 27 7.16 -3.56 4.60
C VAL A 27 6.96 -5.08 4.66
N SER A 28 8.05 -5.79 4.39
CA SER A 28 8.01 -7.24 4.40
C SER A 28 7.73 -7.74 5.82
N ASP A 29 8.14 -6.94 6.80
CA ASP A 29 7.93 -7.29 8.19
C ASP A 29 6.46 -7.14 8.54
N VAL A 30 5.88 -6.04 8.08
CA VAL A 30 4.47 -5.76 8.35
C VAL A 30 3.62 -6.76 7.57
N LEU A 31 4.19 -7.27 6.49
CA LEU A 31 3.49 -8.23 5.65
C LEU A 31 3.14 -9.47 6.48
N LYS A 32 4.15 -10.00 7.15
CA LYS A 32 3.96 -11.18 7.98
C LYS A 32 2.93 -10.88 9.06
N LEU A 33 2.93 -9.63 9.51
CA LEU A 33 2.01 -9.20 10.54
C LEU A 33 0.58 -9.44 10.06
N PHE A 34 0.34 -9.09 8.81
CA PHE A 34 -0.98 -9.26 8.21
C PHE A 34 -1.19 -10.70 7.74
N GLU A 35 -0.08 -11.42 7.67
CA GLU A 35 -0.12 -12.81 7.23
C GLU A 35 -0.46 -13.73 8.40
N ASP A 36 0.37 -13.65 9.44
CA ASP A 36 0.15 -14.47 10.62
C ASP A 36 -0.16 -13.57 11.80
N GLY A 37 0.43 -12.38 11.78
CA GLY A 37 0.23 -11.42 12.85
C GLY A 37 -1.26 -11.09 13.01
N GLU A 38 -1.60 -10.62 14.20
CA GLU A 38 -2.97 -10.27 14.50
C GLU A 38 -3.56 -9.42 13.38
N MET A 39 -2.67 -8.73 12.68
CA MET A 39 -3.07 -7.88 11.57
C MET A 39 -3.73 -8.68 10.45
N ALA A 40 -3.60 -10.00 10.57
CA ALA A 40 -4.16 -10.90 9.58
C ALA A 40 -5.66 -11.09 9.87
N LYS A 41 -6.11 -10.46 10.94
CA LYS A 41 -7.50 -10.54 11.34
C LYS A 41 -8.36 -9.81 10.31
N TYR A 42 -7.69 -9.10 9.42
CA TYR A 42 -8.37 -8.35 8.39
C TYR A 42 -7.89 -8.76 6.99
N VAL A 43 -7.70 -10.06 6.83
CA VAL A 43 -7.25 -10.60 5.56
C VAL A 43 -8.14 -11.77 5.15
N GLN A 44 -8.64 -11.68 3.92
CA GLN A 44 -9.51 -12.72 3.40
C GLN A 44 -8.92 -13.32 2.12
N GLY A 45 -8.94 -14.64 2.05
CA GLY A 45 -8.41 -15.34 0.90
C GLY A 45 -6.99 -14.86 0.56
N ASP A 46 -6.25 -14.54 1.62
CA ASP A 46 -4.89 -14.07 1.47
C ASP A 46 -4.90 -12.68 0.85
N ALA A 47 -6.05 -12.03 0.94
CA ALA A 47 -6.21 -10.69 0.40
C ALA A 47 -6.71 -9.76 1.50
N ILE A 48 -6.58 -8.46 1.23
CA ILE A 48 -7.02 -7.46 2.19
C ILE A 48 -7.87 -6.41 1.46
N GLY A 49 -8.78 -5.81 2.20
CA GLY A 49 -9.65 -4.79 1.65
C GLY A 49 -9.09 -3.39 1.90
N TYR A 50 -9.77 -2.41 1.34
CA TYR A 50 -9.35 -1.02 1.49
C TYR A 50 -9.27 -0.63 2.96
N GLU A 51 -10.31 -0.99 3.69
CA GLU A 51 -10.37 -0.69 5.11
C GLU A 51 -9.11 -1.19 5.82
N GLY A 52 -8.82 -2.45 5.61
CA GLY A 52 -7.65 -3.07 6.22
C GLY A 52 -6.38 -2.29 5.86
N PHE A 53 -6.43 -1.64 4.71
CA PHE A 53 -5.29 -0.87 4.24
C PHE A 53 -5.07 0.36 5.13
N GLN A 54 -6.14 0.81 5.75
CA GLN A 54 -6.08 1.97 6.63
C GLN A 54 -5.11 1.71 7.78
N GLN A 55 -5.43 0.69 8.56
CA GLN A 55 -4.59 0.33 9.69
C GLN A 55 -3.19 -0.06 9.22
N PHE A 56 -3.14 -0.57 7.99
CA PHE A 56 -1.87 -0.98 7.41
C PHE A 56 -0.87 0.19 7.39
N LEU A 57 -1.31 1.29 6.83
CA LEU A 57 -0.47 2.48 6.74
C LEU A 57 0.03 2.84 8.15
N LYS A 58 -0.71 2.37 9.14
CA LYS A 58 -0.35 2.64 10.52
C LYS A 58 0.96 1.93 10.86
N ILE A 59 0.94 0.63 10.68
CA ILE A 59 2.12 -0.19 10.96
C ILE A 59 3.14 -0.01 9.83
N TYR A 60 2.63 -0.13 8.60
CA TYR A 60 3.48 0.02 7.43
C TYR A 60 4.34 1.29 7.52
N LEU A 61 3.65 2.42 7.55
CA LEU A 61 4.33 3.70 7.65
C LEU A 61 4.61 4.03 9.11
N GLU A 62 4.40 3.04 9.96
CA GLU A 62 4.63 3.20 11.39
C GLU A 62 4.14 4.58 11.84
N VAL A 63 3.13 5.08 11.13
CA VAL A 63 2.57 6.38 11.45
C VAL A 63 1.49 6.21 12.52
N ASP A 64 1.29 7.28 13.29
CA ASP A 64 0.30 7.27 14.35
C ASP A 64 -1.06 7.62 13.76
N ASN A 65 -1.05 8.06 12.52
CA ASN A 65 -2.28 8.43 11.84
C ASN A 65 -1.96 8.79 10.38
N VAL A 66 -2.54 8.00 9.47
CA VAL A 66 -2.32 8.22 8.05
C VAL A 66 -3.53 8.98 7.48
N PRO A 67 -3.23 9.83 6.45
CA PRO A 67 -4.26 10.61 5.81
C PRO A 67 -5.11 9.75 4.89
N ARG A 68 -6.42 9.90 5.03
CA ARG A 68 -7.35 9.14 4.22
C ARG A 68 -7.20 9.52 2.74
N HIS A 69 -6.94 10.80 2.51
CA HIS A 69 -6.77 11.30 1.16
C HIS A 69 -5.73 10.47 0.43
N LEU A 70 -4.66 10.15 1.15
CA LEU A 70 -3.58 9.35 0.57
C LEU A 70 -4.04 7.89 0.48
N SER A 71 -4.65 7.42 1.55
CA SER A 71 -5.14 6.05 1.60
C SER A 71 -6.09 5.79 0.43
N LEU A 72 -6.67 6.87 -0.07
CA LEU A 72 -7.60 6.77 -1.19
C LEU A 72 -6.82 6.55 -2.48
N ALA A 73 -5.80 7.35 -2.67
CA ALA A 73 -4.95 7.25 -3.85
C ALA A 73 -4.08 6.01 -3.74
N LEU A 74 -3.71 5.69 -2.51
CA LEU A 74 -2.87 4.53 -2.24
C LEU A 74 -3.51 3.29 -2.89
N PHE A 75 -4.81 3.17 -2.71
CA PHE A 75 -5.54 2.04 -3.27
C PHE A 75 -5.57 2.11 -4.79
N GLN A 76 -5.92 3.28 -5.30
CA GLN A 76 -5.99 3.49 -6.74
C GLN A 76 -4.63 3.22 -7.38
N SER A 77 -3.58 3.42 -6.59
CA SER A 77 -2.23 3.19 -7.06
C SER A 77 -2.15 1.86 -7.81
N PHE A 78 -3.02 0.94 -7.43
CA PHE A 78 -3.06 -0.37 -8.05
C PHE A 78 -4.49 -0.92 -8.08
N GLU A 79 -4.99 -1.23 -6.89
CA GLU A 79 -6.33 -1.76 -6.77
C GLU A 79 -6.55 -2.90 -7.77
N THR A 80 -6.34 -4.11 -7.29
CA THR A 80 -6.51 -5.29 -8.14
C THR A 80 -7.87 -5.26 -8.82
N GLY A 81 -8.78 -4.49 -8.24
CA GLY A 81 -10.12 -4.36 -8.80
C GLY A 81 -10.09 -3.69 -10.17
N HIS A 82 -9.76 -2.41 -10.16
CA HIS A 82 -9.69 -1.65 -11.39
C HIS A 82 -11.09 -1.44 -11.96
N CYS A 83 -11.18 -0.59 -12.96
CA CYS A 83 -12.45 -0.30 -13.60
C CYS A 83 -13.34 0.44 -12.59
N LEU A 84 -13.93 1.53 -13.06
CA LEU A 84 -14.79 2.33 -12.21
C LEU A 84 -16.18 2.43 -12.84
N ASN A 85 -16.60 1.32 -13.44
CA ASN A 85 -17.90 1.26 -14.08
C ASN A 85 -18.58 -0.07 -13.77
N GLU A 86 -19.25 -0.10 -12.62
CA GLU A 86 -19.94 -1.30 -12.19
C GLU A 86 -19.16 -2.54 -12.62
N THR A 87 -18.24 -2.96 -11.76
CA THR A 87 -17.43 -4.13 -12.04
C THR A 87 -17.68 -5.22 -10.99
N ASN A 88 -18.86 -5.16 -10.39
CA ASN A 88 -19.22 -6.12 -9.37
C ASN A 88 -18.21 -6.07 -8.22
N VAL A 89 -18.35 -5.03 -7.42
CA VAL A 89 -17.45 -4.84 -6.28
C VAL A 89 -18.23 -5.08 -4.99
N THR A 90 -18.20 -6.34 -4.55
CA THR A 90 -18.90 -6.72 -3.33
C THR A 90 -17.89 -7.03 -2.22
N LYS A 91 -16.62 -7.04 -2.61
CA LYS A 91 -15.55 -7.33 -1.66
C LYS A 91 -14.22 -6.85 -2.25
N ASP A 92 -14.05 -5.54 -2.25
CA ASP A 92 -12.83 -4.95 -2.78
C ASP A 92 -11.64 -5.43 -1.94
N VAL A 93 -10.80 -6.24 -2.58
CA VAL A 93 -9.63 -6.77 -1.91
C VAL A 93 -8.41 -6.62 -2.83
N VAL A 94 -7.25 -6.49 -2.20
CA VAL A 94 -6.02 -6.33 -2.94
C VAL A 94 -5.01 -7.39 -2.49
N CYS A 95 -4.10 -7.73 -3.40
CA CYS A 95 -3.08 -8.72 -3.10
C CYS A 95 -2.04 -8.08 -2.18
N LEU A 96 -1.64 -8.84 -1.17
CA LEU A 96 -0.64 -8.38 -0.22
C LEU A 96 0.75 -8.51 -0.83
N ASN A 97 0.90 -9.55 -1.64
CA ASN A 97 2.17 -9.81 -2.29
C ASN A 97 2.42 -8.76 -3.38
N ASP A 98 1.33 -8.41 -4.07
CA ASP A 98 1.41 -7.42 -5.13
C ASP A 98 1.76 -6.06 -4.53
N VAL A 99 1.12 -5.76 -3.41
CA VAL A 99 1.35 -4.49 -2.73
C VAL A 99 2.77 -4.47 -2.18
N SER A 100 3.29 -5.66 -1.88
CA SER A 100 4.63 -5.78 -1.35
C SER A 100 5.65 -5.39 -2.42
N CYS A 101 5.28 -5.64 -3.66
CA CYS A 101 6.16 -5.32 -4.78
C CYS A 101 6.07 -3.81 -5.04
N TYR A 102 4.86 -3.29 -4.90
CA TYR A 102 4.63 -1.87 -5.12
C TYR A 102 5.41 -1.03 -4.10
N PHE A 103 5.14 -1.30 -2.83
CA PHE A 103 5.81 -0.58 -1.75
C PHE A 103 7.32 -0.82 -1.79
N SER A 104 7.70 -1.97 -2.33
CA SER A 104 9.10 -2.33 -2.43
C SER A 104 9.84 -1.29 -3.27
N LEU A 105 9.12 -0.71 -4.21
CA LEU A 105 9.70 0.30 -5.09
C LEU A 105 9.86 1.60 -4.32
N LEU A 106 8.89 1.88 -3.45
CA LEU A 106 8.92 3.08 -2.65
C LEU A 106 10.28 3.22 -1.97
N GLU A 107 10.58 2.23 -1.11
CA GLU A 107 11.84 2.23 -0.40
C GLU A 107 13.01 2.17 -1.39
N GLY A 108 12.77 1.47 -2.49
CA GLY A 108 13.79 1.33 -3.52
C GLY A 108 13.50 2.24 -4.72
N GLY A 109 13.15 3.48 -4.41
CA GLY A 109 12.85 4.45 -5.44
C GLY A 109 14.10 5.22 -5.86
N ARG A 110 15.13 4.46 -6.21
CA ARG A 110 16.39 5.05 -6.62
C ARG A 110 16.18 5.92 -7.87
N PRO A 111 16.32 7.26 -7.66
CA PRO A 111 16.14 8.20 -8.76
C PRO A 111 17.35 8.19 -9.69
N GLU A 112 17.12 8.67 -10.91
CA GLU A 112 18.18 8.71 -11.90
C GLU A 112 18.85 10.09 -11.91
N ASP A 113 18.13 11.06 -11.35
CA ASP A 113 18.64 12.42 -11.29
C ASP A 113 17.79 13.24 -10.32
N LYS A 114 18.33 13.46 -9.15
CA LYS A 114 17.63 14.22 -8.12
C LYS A 114 17.83 15.72 -8.38
N LEU A 115 16.85 16.50 -7.92
CA LEU A 115 16.90 17.94 -8.10
C LEU A 115 17.29 18.59 -6.78
N GLU A 116 17.43 19.91 -6.82
CA GLU A 116 17.80 20.68 -5.64
C GLU A 116 17.05 22.01 -5.61
N TRP A 117 16.40 22.27 -4.49
CA TRP A 117 15.64 23.50 -4.33
C TRP A 117 16.41 24.39 -3.34
N SER A 118 17.52 24.94 -3.82
CA SER A 118 18.34 25.80 -3.00
C SER A 118 17.45 26.78 -2.22
N MET A 1 1.45 -6.15 -15.52
CA MET A 1 1.99 -5.42 -14.38
C MET A 1 2.81 -4.22 -14.84
N ALA A 2 2.27 -3.49 -15.80
CA ALA A 2 2.94 -2.32 -16.33
C ALA A 2 2.25 -1.06 -15.80
N LYS A 3 2.49 -0.78 -14.53
CA LYS A 3 1.90 0.38 -13.90
C LYS A 3 2.64 1.64 -14.35
N GLU A 4 3.13 2.39 -13.37
CA GLU A 4 3.85 3.62 -13.66
C GLU A 4 2.96 4.60 -14.41
N ARG A 5 3.11 5.87 -14.08
CA ARG A 5 2.34 6.92 -14.72
C ARG A 5 0.84 6.56 -14.69
N GLY A 6 0.15 7.13 -13.73
CA GLY A 6 -1.28 6.88 -13.59
C GLY A 6 -1.62 6.46 -12.16
N LEU A 7 -0.57 6.32 -11.35
CA LEU A 7 -0.75 5.92 -9.96
C LEU A 7 -0.64 7.16 -9.06
N ILE A 8 -0.57 6.91 -7.76
CA ILE A 8 -0.45 7.98 -6.80
C ILE A 8 0.46 9.07 -7.35
N SER A 9 -0.13 10.21 -7.65
CA SER A 9 0.62 11.33 -8.19
C SER A 9 1.88 11.57 -7.36
N PRO A 10 2.71 12.55 -7.82
CA PRO A 10 3.94 12.87 -7.12
C PRO A 10 3.65 13.68 -5.86
N SER A 11 2.37 13.98 -5.66
CA SER A 11 1.96 14.74 -4.50
C SER A 11 1.88 13.83 -3.27
N ASP A 12 1.27 12.68 -3.47
CA ASP A 12 1.13 11.71 -2.39
C ASP A 12 2.48 11.02 -2.14
N PHE A 13 3.19 10.78 -3.24
CA PHE A 13 4.49 10.14 -3.16
C PHE A 13 5.42 10.90 -2.21
N ALA A 14 5.31 12.22 -2.25
CA ALA A 14 6.14 13.07 -1.41
C ALA A 14 5.76 12.84 0.05
N GLN A 15 4.47 12.62 0.28
CA GLN A 15 3.98 12.39 1.62
C GLN A 15 4.43 11.02 2.13
N LEU A 16 4.16 10.01 1.31
CA LEU A 16 4.53 8.64 1.67
C LEU A 16 6.00 8.61 2.05
N GLN A 17 6.81 9.33 1.28
CA GLN A 17 8.23 9.39 1.54
C GLN A 17 8.50 9.93 2.94
N LYS A 18 7.98 11.11 3.19
CA LYS A 18 8.15 11.75 4.49
C LYS A 18 7.82 10.74 5.60
N TYR A 19 6.70 10.05 5.41
CA TYR A 19 6.26 9.06 6.38
C TYR A 19 7.26 7.91 6.47
N MET A 20 7.74 7.48 5.30
CA MET A 20 8.69 6.39 5.25
C MET A 20 10.04 6.81 5.84
N GLU A 21 10.43 8.03 5.53
CA GLU A 21 11.69 8.56 6.02
C GLU A 21 11.84 8.29 7.52
N TYR A 22 10.77 8.61 8.24
CA TYR A 22 10.77 8.41 9.69
C TYR A 22 10.84 6.92 10.03
N SER A 23 10.09 6.13 9.28
CA SER A 23 10.07 4.69 9.49
C SER A 23 11.36 4.07 8.96
N THR A 24 11.66 2.87 9.47
CA THR A 24 12.86 2.16 9.06
C THR A 24 12.62 0.66 9.09
N LYS A 25 11.34 0.29 9.08
CA LYS A 25 10.96 -1.11 9.10
C LYS A 25 10.80 -1.62 7.66
N LYS A 26 10.42 -2.88 7.56
CA LYS A 26 10.22 -3.49 6.25
C LYS A 26 8.73 -3.63 5.98
N VAL A 27 8.37 -3.50 4.71
CA VAL A 27 6.98 -3.60 4.30
C VAL A 27 6.53 -5.06 4.41
N SER A 28 7.46 -5.96 4.11
CA SER A 28 7.17 -7.37 4.17
C SER A 28 7.08 -7.83 5.63
N ASP A 29 7.78 -7.11 6.50
CA ASP A 29 7.77 -7.41 7.91
C ASP A 29 6.45 -6.96 8.53
N VAL A 30 6.00 -5.80 8.09
CA VAL A 30 4.75 -5.25 8.59
C VAL A 30 3.57 -6.03 8.01
N LEU A 31 3.75 -6.47 6.77
CA LEU A 31 2.73 -7.22 6.08
C LEU A 31 2.61 -8.61 6.71
N LYS A 32 3.72 -9.06 7.27
CA LYS A 32 3.76 -10.36 7.92
C LYS A 32 2.72 -10.41 9.03
N LEU A 33 2.28 -9.22 9.43
CA LEU A 33 1.28 -9.12 10.49
C LEU A 33 -0.11 -9.41 9.91
N PHE A 34 -0.33 -8.91 8.71
CA PHE A 34 -1.60 -9.11 8.03
C PHE A 34 -1.65 -10.50 7.36
N GLU A 35 -0.48 -11.11 7.25
CA GLU A 35 -0.37 -12.41 6.63
C GLU A 35 -0.70 -13.51 7.65
N ASP A 36 0.05 -13.51 8.74
CA ASP A 36 -0.15 -14.49 9.79
C ASP A 36 -0.56 -13.77 11.07
N GLY A 37 -0.04 -12.56 11.23
CA GLY A 37 -0.35 -11.76 12.41
C GLY A 37 -1.86 -11.59 12.58
N GLU A 38 -2.25 -11.16 13.76
CA GLU A 38 -3.66 -10.94 14.07
C GLU A 38 -4.28 -10.00 13.03
N MET A 39 -3.42 -9.18 12.43
CA MET A 39 -3.87 -8.23 11.43
C MET A 39 -4.47 -8.96 10.22
N ALA A 40 -4.22 -10.26 10.17
CA ALA A 40 -4.73 -11.07 9.08
C ALA A 40 -6.22 -11.33 9.29
N LYS A 41 -6.73 -10.82 10.40
CA LYS A 41 -8.13 -10.99 10.72
C LYS A 41 -8.98 -10.22 9.71
N TYR A 42 -8.31 -9.36 8.95
CA TYR A 42 -8.98 -8.56 7.94
C TYR A 42 -8.58 -9.00 6.54
N VAL A 43 -7.75 -10.02 6.49
CA VAL A 43 -7.28 -10.54 5.21
C VAL A 43 -8.18 -11.70 4.77
N GLN A 44 -8.47 -11.73 3.48
CA GLN A 44 -9.30 -12.78 2.92
C GLN A 44 -8.47 -13.73 2.08
N GLY A 45 -7.80 -14.65 2.76
CA GLY A 45 -6.97 -15.63 2.08
C GLY A 45 -5.61 -15.04 1.72
N ASP A 46 -5.51 -14.55 0.49
CA ASP A 46 -4.28 -13.96 0.02
C ASP A 46 -4.52 -12.48 -0.30
N ALA A 47 -5.78 -12.09 -0.24
CA ALA A 47 -6.16 -10.72 -0.53
C ALA A 47 -6.50 -10.01 0.79
N ILE A 48 -6.74 -8.71 0.68
CA ILE A 48 -7.07 -7.91 1.85
C ILE A 48 -8.08 -6.83 1.45
N GLY A 49 -8.83 -6.37 2.43
CA GLY A 49 -9.83 -5.34 2.20
C GLY A 49 -9.16 -3.97 2.02
N TYR A 50 -9.99 -2.98 1.74
CA TYR A 50 -9.52 -1.62 1.54
C TYR A 50 -9.29 -0.92 2.88
N GLU A 51 -10.32 -0.95 3.71
CA GLU A 51 -10.24 -0.33 5.02
C GLU A 51 -9.07 -0.89 5.82
N GLY A 52 -8.93 -2.21 5.76
CA GLY A 52 -7.85 -2.88 6.46
C GLY A 52 -6.49 -2.29 6.08
N PHE A 53 -6.35 -1.99 4.80
CA PHE A 53 -5.12 -1.42 4.29
C PHE A 53 -4.74 -0.15 5.06
N GLN A 54 -5.77 0.51 5.58
CA GLN A 54 -5.56 1.73 6.33
C GLN A 54 -4.73 1.45 7.59
N GLN A 55 -4.93 0.26 8.13
CA GLN A 55 -4.21 -0.15 9.32
C GLN A 55 -2.75 -0.44 9.00
N PHE A 56 -2.55 -1.03 7.83
CA PHE A 56 -1.20 -1.37 7.38
C PHE A 56 -0.32 -0.13 7.33
N LEU A 57 -0.87 0.93 6.75
CA LEU A 57 -0.14 2.18 6.62
C LEU A 57 0.26 2.68 8.03
N LYS A 58 -0.47 2.20 9.02
CA LYS A 58 -0.22 2.58 10.39
C LYS A 58 1.10 1.95 10.85
N ILE A 59 1.13 0.63 10.80
CA ILE A 59 2.33 -0.10 11.20
C ILE A 59 3.42 0.09 10.15
N TYR A 60 3.02 -0.07 8.90
CA TYR A 60 3.96 0.08 7.80
C TYR A 60 4.92 1.25 8.04
N LEU A 61 4.37 2.45 7.91
CA LEU A 61 5.17 3.65 8.12
C LEU A 61 5.25 3.95 9.62
N GLU A 62 4.53 3.16 10.39
CA GLU A 62 4.51 3.32 11.82
C GLU A 62 3.77 4.61 12.20
N VAL A 63 3.19 5.24 11.19
CA VAL A 63 2.45 6.48 11.40
C VAL A 63 1.38 6.26 12.47
N ASP A 64 1.17 7.29 13.27
CA ASP A 64 0.18 7.22 14.33
C ASP A 64 -1.21 7.47 13.74
N ASN A 65 -1.22 7.91 12.49
CA ASN A 65 -2.47 8.18 11.81
C ASN A 65 -2.18 8.55 10.35
N VAL A 66 -2.67 7.72 9.45
CA VAL A 66 -2.47 7.95 8.02
C VAL A 66 -3.64 8.76 7.47
N PRO A 67 -3.33 9.61 6.45
CA PRO A 67 -4.34 10.44 5.83
C PRO A 67 -5.24 9.61 4.91
N ARG A 68 -6.54 9.82 5.06
CA ARG A 68 -7.51 9.11 4.24
C ARG A 68 -7.32 9.44 2.77
N HIS A 69 -6.95 10.69 2.52
CA HIS A 69 -6.73 11.15 1.16
C HIS A 69 -5.75 10.21 0.45
N LEU A 70 -4.68 9.88 1.15
CA LEU A 70 -3.67 8.98 0.61
C LEU A 70 -4.22 7.56 0.57
N SER A 71 -4.98 7.23 1.59
CA SER A 71 -5.56 5.90 1.69
C SER A 71 -6.40 5.61 0.43
N LEU A 72 -7.11 6.64 0.00
CA LEU A 72 -7.95 6.51 -1.18
C LEU A 72 -7.07 6.34 -2.43
N ALA A 73 -6.08 7.21 -2.54
CA ALA A 73 -5.17 7.16 -3.67
C ALA A 73 -4.39 5.85 -3.63
N LEU A 74 -4.23 5.32 -2.42
CA LEU A 74 -3.51 4.07 -2.24
C LEU A 74 -4.38 2.91 -2.73
N PHE A 75 -5.68 3.04 -2.48
CA PHE A 75 -6.63 2.02 -2.89
C PHE A 75 -6.83 2.04 -4.41
N GLN A 76 -7.20 3.21 -4.90
CA GLN A 76 -7.44 3.37 -6.34
C GLN A 76 -6.18 2.99 -7.12
N SER A 77 -5.04 3.18 -6.48
CA SER A 77 -3.76 2.86 -7.11
C SER A 77 -3.83 1.48 -7.76
N PHE A 78 -4.20 0.49 -6.95
CA PHE A 78 -4.30 -0.87 -7.43
C PHE A 78 -5.68 -1.46 -7.11
N GLU A 79 -6.23 -2.17 -8.09
CA GLU A 79 -7.53 -2.78 -7.93
C GLU A 79 -7.62 -4.06 -8.78
N THR A 80 -6.89 -5.06 -8.33
CA THR A 80 -6.87 -6.35 -9.03
C THR A 80 -6.15 -6.21 -10.37
N GLY A 81 -6.55 -5.19 -11.12
CA GLY A 81 -5.95 -4.94 -12.43
C GLY A 81 -6.78 -3.92 -13.22
N HIS A 82 -7.78 -4.44 -13.90
CA HIS A 82 -8.65 -3.60 -14.71
C HIS A 82 -9.76 -4.45 -15.33
N CYS A 83 -10.78 -3.76 -15.83
CA CYS A 83 -11.90 -4.44 -16.45
C CYS A 83 -12.86 -3.38 -17.01
N LEU A 84 -13.27 -3.60 -18.25
CA LEU A 84 -14.17 -2.67 -18.91
C LEU A 84 -15.58 -3.28 -18.94
N ASN A 85 -15.95 -3.88 -17.82
CA ASN A 85 -17.26 -4.50 -17.70
C ASN A 85 -17.54 -4.82 -16.23
N GLU A 86 -18.80 -5.11 -15.95
CA GLU A 86 -19.21 -5.42 -14.59
C GLU A 86 -19.57 -6.91 -14.48
N THR A 87 -18.96 -7.70 -15.35
CA THR A 87 -19.20 -9.12 -15.36
C THR A 87 -18.73 -9.76 -14.05
N ASN A 88 -19.51 -9.54 -13.01
CA ASN A 88 -19.18 -10.08 -11.70
C ASN A 88 -17.76 -9.64 -11.32
N VAL A 89 -17.45 -8.40 -11.63
CA VAL A 89 -16.13 -7.87 -11.33
C VAL A 89 -16.17 -7.17 -9.96
N THR A 90 -16.90 -7.78 -9.05
CA THR A 90 -17.03 -7.24 -7.70
C THR A 90 -16.11 -7.98 -6.73
N LYS A 91 -15.41 -7.19 -5.92
CA LYS A 91 -14.49 -7.77 -4.95
C LYS A 91 -13.56 -6.68 -4.43
N ASP A 92 -13.98 -6.04 -3.34
CA ASP A 92 -13.20 -4.97 -2.75
C ASP A 92 -12.03 -5.57 -1.97
N VAL A 93 -11.12 -6.20 -2.72
CA VAL A 93 -9.96 -6.82 -2.12
C VAL A 93 -8.74 -6.55 -2.99
N VAL A 94 -7.57 -6.68 -2.37
CA VAL A 94 -6.32 -6.45 -3.07
C VAL A 94 -5.22 -7.30 -2.44
N CYS A 95 -4.30 -7.75 -3.29
CA CYS A 95 -3.20 -8.57 -2.83
C CYS A 95 -2.18 -7.67 -2.12
N LEU A 96 -1.96 -7.98 -0.85
CA LEU A 96 -1.03 -7.21 -0.05
C LEU A 96 0.40 -7.57 -0.45
N ASN A 97 0.52 -8.68 -1.17
CA ASN A 97 1.82 -9.15 -1.62
C ASN A 97 2.27 -8.31 -2.82
N ASP A 98 1.36 -8.13 -3.76
CA ASP A 98 1.65 -7.36 -4.95
C ASP A 98 2.01 -5.93 -4.55
N VAL A 99 1.40 -5.49 -3.45
CA VAL A 99 1.65 -4.15 -2.95
C VAL A 99 3.03 -4.09 -2.30
N SER A 100 3.41 -5.21 -1.71
CA SER A 100 4.70 -5.32 -1.06
C SER A 100 5.83 -5.10 -2.07
N CYS A 101 5.50 -5.34 -3.33
CA CYS A 101 6.47 -5.17 -4.40
C CYS A 101 6.63 -3.67 -4.67
N TYR A 102 5.51 -3.04 -4.95
CA TYR A 102 5.51 -1.60 -5.23
C TYR A 102 6.20 -0.83 -4.11
N PHE A 103 5.78 -1.11 -2.88
CA PHE A 103 6.36 -0.46 -1.72
C PHE A 103 7.85 -0.75 -1.60
N SER A 104 8.20 -1.98 -1.94
CA SER A 104 9.60 -2.40 -1.87
C SER A 104 10.45 -1.51 -2.78
N LEU A 105 9.83 -1.04 -3.85
CA LEU A 105 10.52 -0.18 -4.80
C LEU A 105 10.70 1.21 -4.20
N LEU A 106 9.63 1.68 -3.55
CA LEU A 106 9.66 2.99 -2.92
C LEU A 106 10.92 3.12 -2.06
N GLU A 107 11.03 2.22 -1.10
CA GLU A 107 12.18 2.22 -0.20
C GLU A 107 13.42 1.71 -0.93
N GLY A 108 13.18 0.80 -1.87
CA GLY A 108 14.27 0.23 -2.65
C GLY A 108 15.03 1.32 -3.42
N GLY A 109 14.28 2.34 -3.80
CA GLY A 109 14.86 3.44 -4.55
C GLY A 109 15.07 4.67 -3.65
N ARG A 110 15.78 4.42 -2.55
CA ARG A 110 16.06 5.49 -1.60
C ARG A 110 16.94 6.56 -2.24
N PRO A 111 16.76 7.82 -1.76
CA PRO A 111 17.53 8.94 -2.29
C PRO A 111 18.96 8.91 -1.76
N GLU A 112 19.86 9.50 -2.55
CA GLU A 112 21.26 9.55 -2.17
C GLU A 112 21.40 9.78 -0.67
N ASP A 113 20.53 10.64 -0.14
CA ASP A 113 20.56 10.95 1.27
C ASP A 113 19.19 11.53 1.68
N LYS A 114 18.53 10.82 2.59
CA LYS A 114 17.23 11.25 3.07
C LYS A 114 17.33 12.68 3.60
N LEU A 115 16.18 13.23 3.96
CA LEU A 115 16.12 14.58 4.48
C LEU A 115 16.45 14.56 5.97
N GLU A 116 16.50 15.75 6.55
CA GLU A 116 16.82 15.89 7.96
C GLU A 116 16.14 17.15 8.54
N TRP A 117 15.45 16.95 9.65
CA TRP A 117 14.76 18.05 10.30
C TRP A 117 15.53 18.40 11.58
N SER A 118 16.69 19.02 11.39
CA SER A 118 17.52 19.40 12.51
C SER A 118 18.39 20.61 12.12
#